data_9H95
#
_entry.id   9H95
#
loop_
_entity.id
_entity.type
_entity.pdbx_description
1 polymer 'Low conductance mechanosensitive channel YnaI'
2 non-polymer DODECANE
#
_entity_poly.entity_id   1
_entity_poly.type   'polypeptide(L)'
_entity_poly.pdbx_seq_one_letter_code
;MIAELFTNNALNLVIIFGSCAALILMSFWFRRGNRKRKGFLFHAVQFLIYTIIISAVGSIINYVIENYKLKFITPGVIDF
ICTSLIAVILTIKLFLLINQFEKQQIKKGRDITSARIMSRIIKITIIVVLVLLYGEHFGMSLSGLLTFGGIGGLAVGMAG
KDILSNFFSGIMLYFDRPFSIGDWIRSPDRNIEGTVAEIGWRITKITTFDNRPLYVPNSLFSSISVENPGRMTNRRITTT
IGLRYEDAAKVGVIVEAVREMLKNHPAIDQRQTLLVYFNQFADSSLNIMVYCFTKTTVWAEWLAAQQDVYLKIIDIVQSH
GADFAFPSQTLYMDNITPPEQGRLEENLYFQ
;
_entity_poly.pdbx_strand_id   A,B,C,D,E,F,G
#
loop_
_chem_comp.id
_chem_comp.type
_chem_comp.name
_chem_comp.formula
D12 non-polymer DODECANE 'C12 H26'
#
# COMPACT_ATOMS: atom_id res chain seq x y z
N ALA A 3 20.30 57.41 -39.69
CA ALA A 3 21.66 57.94 -39.80
C ALA A 3 22.40 57.84 -38.47
N GLU A 4 21.97 58.65 -37.49
CA GLU A 4 22.60 58.64 -36.18
C GLU A 4 22.21 57.42 -35.36
N LEU A 5 21.08 56.78 -35.66
CA LEU A 5 20.65 55.61 -34.90
C LEU A 5 21.48 54.38 -35.23
N PHE A 6 22.17 54.37 -36.39
CA PHE A 6 22.97 53.22 -36.77
C PHE A 6 24.18 53.02 -35.86
N THR A 7 24.60 54.08 -35.16
CA THR A 7 25.79 53.98 -34.32
C THR A 7 25.59 53.02 -33.16
N ASN A 8 24.40 53.02 -32.57
CA ASN A 8 24.11 52.23 -31.38
C ASN A 8 23.57 50.83 -31.70
N ASN A 9 23.38 50.49 -32.97
CA ASN A 9 22.78 49.21 -33.33
C ASN A 9 23.65 48.41 -34.31
N ALA A 10 24.85 48.89 -34.63
CA ALA A 10 25.64 48.27 -35.70
C ALA A 10 25.87 46.79 -35.45
N LEU A 11 26.21 46.43 -34.20
CA LEU A 11 26.42 45.02 -33.87
C LEU A 11 25.16 44.19 -34.12
N ASN A 12 23.98 44.79 -33.96
CA ASN A 12 22.74 44.06 -34.15
C ASN A 12 22.53 43.68 -35.61
N LEU A 13 22.67 44.64 -36.52
CA LEU A 13 22.58 44.30 -37.93
C LEU A 13 23.72 43.37 -38.34
N VAL A 14 24.89 43.52 -37.73
CA VAL A 14 26.01 42.64 -38.04
C VAL A 14 25.66 41.19 -37.72
N ILE A 15 25.13 40.96 -36.51
CA ILE A 15 24.80 39.60 -36.11
C ILE A 15 23.60 39.08 -36.89
N ILE A 16 22.66 39.95 -37.25
CA ILE A 16 21.53 39.51 -38.07
C ILE A 16 22.01 39.03 -39.43
N PHE A 17 22.88 39.80 -40.06
CA PHE A 17 23.44 39.41 -41.36
C PHE A 17 24.27 38.14 -41.24
N GLY A 18 25.05 38.02 -40.16
CA GLY A 18 25.83 36.81 -39.97
C GLY A 18 24.96 35.58 -39.78
N SER A 19 23.87 35.71 -39.02
CA SER A 19 22.96 34.59 -38.83
C SER A 19 22.27 34.21 -40.14
N CYS A 20 21.86 35.20 -40.94
CA CYS A 20 21.26 34.88 -42.23
C CYS A 20 22.25 34.19 -43.15
N ALA A 21 23.50 34.67 -43.17
CA ALA A 21 24.52 34.04 -43.99
C ALA A 21 24.79 32.62 -43.54
N ALA A 22 24.85 32.38 -42.23
CA ALA A 22 25.06 31.04 -41.72
C ALA A 22 23.88 30.12 -42.07
N LEU A 23 22.66 30.66 -42.01
CA LEU A 23 21.49 29.88 -42.40
C LEU A 23 21.56 29.47 -43.86
N ILE A 24 21.92 30.41 -44.74
CA ILE A 24 22.03 30.09 -46.16
C ILE A 24 23.15 29.09 -46.39
N LEU A 25 24.27 29.26 -45.69
CA LEU A 25 25.40 28.34 -45.86
C LEU A 25 25.04 26.93 -45.41
N MET A 26 24.31 26.80 -44.31
CA MET A 26 23.94 25.46 -43.85
C MET A 26 22.83 24.86 -44.71
N SER A 27 21.99 25.71 -45.32
CA SER A 27 21.03 25.20 -46.30
C SER A 27 21.75 24.63 -47.51
N PHE A 28 22.76 25.34 -48.01
CA PHE A 28 23.55 24.82 -49.12
C PHE A 28 24.30 23.55 -48.71
N TRP A 29 24.84 23.53 -47.48
CA TRP A 29 25.57 22.37 -47.01
C TRP A 29 24.67 21.14 -46.94
N PHE A 30 23.44 21.33 -46.46
CA PHE A 30 22.45 20.25 -46.51
C PHE A 30 22.14 19.84 -47.94
N ARG A 31 21.98 20.82 -48.84
CA ARG A 31 21.66 20.51 -50.23
C ARG A 31 22.78 19.71 -50.89
N ARG A 32 24.02 19.90 -50.45
CA ARG A 32 25.16 19.18 -51.00
C ARG A 32 25.35 17.88 -50.21
N GLY A 33 25.02 16.75 -50.83
CA GLY A 33 25.21 15.44 -50.24
C GLY A 33 24.07 14.94 -49.39
N ASN A 34 23.36 15.85 -48.71
CA ASN A 34 22.26 15.54 -47.79
C ASN A 34 22.57 14.31 -46.93
N ARG A 35 23.75 14.33 -46.31
CA ARG A 35 24.14 13.23 -45.44
C ARG A 35 23.35 13.24 -44.13
N LYS A 36 22.80 14.39 -43.76
CA LYS A 36 22.08 14.53 -42.50
C LYS A 36 20.61 14.18 -42.67
N ARG A 37 19.90 14.13 -41.55
CA ARG A 37 18.46 13.95 -41.53
C ARG A 37 17.81 15.24 -41.07
N LYS A 38 16.96 15.81 -41.92
CA LYS A 38 16.31 17.09 -41.63
C LYS A 38 15.08 16.84 -40.75
N GLY A 39 15.36 16.49 -39.49
CA GLY A 39 14.32 16.21 -38.53
C GLY A 39 14.22 17.25 -37.43
N PHE A 40 14.56 16.84 -36.20
CA PHE A 40 14.44 17.73 -35.06
C PHE A 40 15.56 18.77 -35.00
N LEU A 41 16.78 18.39 -35.41
CA LEU A 41 17.92 19.28 -35.23
C LEU A 41 17.84 20.50 -36.16
N PHE A 42 17.50 20.27 -37.44
CA PHE A 42 17.40 21.38 -38.38
C PHE A 42 16.22 22.28 -38.03
N HIS A 43 15.11 21.69 -37.57
CA HIS A 43 13.99 22.49 -37.10
C HIS A 43 14.38 23.33 -35.90
N ALA A 44 15.15 22.75 -34.97
CA ALA A 44 15.60 23.50 -33.80
C ALA A 44 16.54 24.64 -34.19
N VAL A 45 17.40 24.40 -35.17
CA VAL A 45 18.29 25.45 -35.66
C VAL A 45 17.47 26.60 -36.25
N GLN A 46 16.46 26.26 -37.07
CA GLN A 46 15.57 27.29 -37.59
C GLN A 46 14.88 28.04 -36.46
N PHE A 47 14.43 27.32 -35.44
CA PHE A 47 13.74 27.94 -34.32
C PHE A 47 14.64 28.95 -33.61
N LEU A 48 15.88 28.55 -33.32
CA LEU A 48 16.76 29.44 -32.57
C LEU A 48 17.17 30.65 -33.40
N ILE A 49 17.43 30.46 -34.70
CA ILE A 49 17.80 31.61 -35.51
C ILE A 49 16.61 32.56 -35.66
N TYR A 50 15.39 32.02 -35.79
CA TYR A 50 14.21 32.86 -35.86
C TYR A 50 14.05 33.65 -34.56
N THR A 51 14.24 32.98 -33.43
CA THR A 51 14.11 33.66 -32.14
C THR A 51 15.11 34.80 -32.01
N ILE A 52 16.37 34.55 -32.37
CA ILE A 52 17.39 35.58 -32.19
C ILE A 52 17.14 36.74 -33.15
N ILE A 53 16.72 36.46 -34.39
CA ILE A 53 16.50 37.56 -35.33
C ILE A 53 15.30 38.40 -34.91
N ILE A 54 14.23 37.76 -34.42
CA ILE A 54 13.09 38.57 -34.00
C ILE A 54 13.40 39.34 -32.72
N SER A 55 14.21 38.77 -31.83
CA SER A 55 14.64 39.53 -30.66
C SER A 55 15.44 40.75 -31.05
N ALA A 56 16.34 40.59 -32.04
CA ALA A 56 17.10 41.73 -32.53
C ALA A 56 16.20 42.78 -33.15
N VAL A 57 15.21 42.36 -33.95
CA VAL A 57 14.28 43.30 -34.56
C VAL A 57 13.48 44.04 -33.51
N GLY A 58 13.03 43.33 -32.48
CA GLY A 58 12.31 43.97 -31.40
C GLY A 58 13.16 44.97 -30.63
N SER A 59 14.43 44.64 -30.42
CA SER A 59 15.33 45.59 -29.77
C SER A 59 15.51 46.84 -30.62
N ILE A 60 15.63 46.66 -31.94
CA ILE A 60 15.76 47.81 -32.84
C ILE A 60 14.51 48.67 -32.78
N ILE A 61 13.33 48.04 -32.78
CA ILE A 61 12.09 48.80 -32.70
C ILE A 61 12.00 49.56 -31.38
N ASN A 62 12.39 48.91 -30.29
CA ASN A 62 12.38 49.57 -28.98
C ASN A 62 13.30 50.78 -28.99
N TYR A 63 14.52 50.62 -29.51
CA TYR A 63 15.47 51.73 -29.52
C TYR A 63 14.96 52.87 -30.40
N VAL A 64 14.39 52.55 -31.56
CA VAL A 64 13.87 53.57 -32.45
C VAL A 64 12.75 54.35 -31.78
N ILE A 65 11.82 53.63 -31.13
CA ILE A 65 10.69 54.29 -30.49
C ILE A 65 11.17 55.17 -29.33
N GLU A 66 12.09 54.65 -28.51
CA GLU A 66 12.55 55.39 -27.35
C GLU A 66 13.46 56.55 -27.73
N ASN A 67 14.09 56.52 -28.90
CA ASN A 67 15.03 57.54 -29.29
C ASN A 67 14.49 58.54 -30.30
N TYR A 68 13.35 58.24 -30.92
CA TYR A 68 12.77 59.11 -31.93
C TYR A 68 11.49 59.79 -31.47
N LYS A 69 10.49 59.01 -31.06
CA LYS A 69 9.22 59.55 -30.59
C LYS A 69 8.44 58.44 -29.91
N LEU A 70 7.88 58.74 -28.74
CA LEU A 70 7.13 57.77 -27.96
C LEU A 70 5.65 57.75 -28.30
N LYS A 71 5.18 58.66 -29.14
CA LYS A 71 3.76 58.74 -29.46
C LYS A 71 3.35 57.58 -30.38
N PHE A 72 2.11 57.13 -30.21
CA PHE A 72 1.43 56.15 -31.05
C PHE A 72 1.98 54.73 -30.92
N ILE A 73 3.04 54.53 -30.14
CA ILE A 73 3.62 53.21 -29.93
C ILE A 73 3.73 52.96 -28.44
N THR A 74 3.21 51.81 -27.99
CA THR A 74 3.27 51.44 -26.58
C THR A 74 4.38 50.42 -26.38
N PRO A 75 5.42 50.72 -25.61
CA PRO A 75 6.49 49.74 -25.40
C PRO A 75 5.98 48.53 -24.64
N GLY A 76 6.62 47.39 -24.91
CA GLY A 76 6.22 46.12 -24.35
C GLY A 76 5.24 45.35 -25.19
N VAL A 77 4.40 46.04 -25.96
CA VAL A 77 3.47 45.36 -26.87
C VAL A 77 4.25 44.63 -27.96
N ILE A 78 5.36 45.23 -28.41
CA ILE A 78 6.22 44.55 -29.38
C ILE A 78 6.85 43.31 -28.78
N ASP A 79 7.16 43.34 -27.47
CA ASP A 79 7.62 42.14 -26.80
C ASP A 79 6.54 41.08 -26.79
N PHE A 80 5.29 41.49 -26.56
CA PHE A 80 4.18 40.55 -26.60
C PHE A 80 4.05 39.92 -27.98
N ILE A 81 4.20 40.74 -29.04
CA ILE A 81 4.04 40.21 -30.40
C ILE A 81 5.20 39.28 -30.74
N CYS A 82 6.40 39.58 -30.25
CA CYS A 82 7.54 38.70 -30.51
C CYS A 82 7.36 37.35 -29.81
N THR A 83 6.92 37.39 -28.54
CA THR A 83 6.65 36.16 -27.82
C THR A 83 5.55 35.36 -28.51
N SER A 84 4.49 36.04 -28.97
CA SER A 84 3.43 35.34 -29.67
C SER A 84 3.93 34.68 -30.94
N LEU A 85 4.76 35.38 -31.72
CA LEU A 85 5.25 34.81 -32.97
C LEU A 85 6.14 33.61 -32.71
N ILE A 86 7.04 33.71 -31.73
CA ILE A 86 7.95 32.59 -31.48
C ILE A 86 7.17 31.39 -30.94
N ALA A 87 6.16 31.64 -30.11
CA ALA A 87 5.33 30.53 -29.63
C ALA A 87 4.58 29.87 -30.79
N VAL A 88 4.04 30.67 -31.70
CA VAL A 88 3.35 30.12 -32.85
C VAL A 88 4.30 29.29 -33.71
N ILE A 89 5.52 29.78 -33.91
CA ILE A 89 6.49 29.06 -34.70
C ILE A 89 6.85 27.73 -34.04
N LEU A 90 7.03 27.74 -32.72
CA LEU A 90 7.31 26.51 -31.99
C LEU A 90 6.18 25.51 -32.14
N THR A 91 4.93 25.99 -32.01
CA THR A 91 3.78 25.11 -32.16
C THR A 91 3.73 24.51 -33.57
N ILE A 92 4.00 25.33 -34.58
CA ILE A 92 3.97 24.85 -35.96
C ILE A 92 5.04 23.78 -36.18
N LYS A 93 6.25 24.02 -35.67
CA LYS A 93 7.32 23.04 -35.83
C LYS A 93 6.97 21.73 -35.14
N LEU A 94 6.41 21.81 -33.92
CA LEU A 94 6.05 20.60 -33.20
C LEU A 94 4.95 19.83 -33.92
N PHE A 95 3.95 20.54 -34.43
CA PHE A 95 2.89 19.86 -35.17
C PHE A 95 3.40 19.20 -36.43
N LEU A 96 4.33 19.87 -37.12
CA LEU A 96 4.94 19.25 -38.29
C LEU A 96 5.69 17.98 -37.91
N LEU A 97 6.43 18.01 -36.80
CA LEU A 97 7.15 16.82 -36.37
C LEU A 97 6.18 15.68 -36.03
N ILE A 98 5.08 15.99 -35.35
CA ILE A 98 4.10 14.97 -35.01
C ILE A 98 3.46 14.39 -36.27
N ASN A 99 3.14 15.24 -37.24
CA ASN A 99 2.54 14.74 -38.48
C ASN A 99 3.53 13.84 -39.23
N GLN A 100 4.81 14.23 -39.25
CA GLN A 100 5.81 13.38 -39.88
C GLN A 100 5.93 12.04 -39.17
N PHE A 101 5.88 12.05 -37.84
CA PHE A 101 5.93 10.81 -37.07
C PHE A 101 4.75 9.92 -37.39
N GLU A 102 3.55 10.49 -37.47
CA GLU A 102 2.37 9.72 -37.81
C GLU A 102 2.48 9.12 -39.21
N LYS A 103 2.98 9.91 -40.17
CA LYS A 103 3.14 9.41 -41.53
C LYS A 103 4.13 8.26 -41.56
N GLN A 104 5.24 8.39 -40.84
CA GLN A 104 6.22 7.30 -40.79
C GLN A 104 5.63 6.06 -40.14
N GLN A 105 4.83 6.24 -39.08
CA GLN A 105 4.21 5.10 -38.42
C GLN A 105 3.24 4.38 -39.36
N ILE A 106 2.45 5.14 -40.12
CA ILE A 106 1.55 4.53 -41.10
C ILE A 106 2.36 3.80 -42.16
N LYS A 107 3.44 4.42 -42.64
CA LYS A 107 4.30 3.77 -43.63
C LYS A 107 4.90 2.48 -43.09
N LYS A 108 5.14 2.40 -41.79
CA LYS A 108 5.64 1.18 -41.18
C LYS A 108 4.65 0.02 -41.27
N GLY A 109 3.39 0.30 -41.60
CA GLY A 109 2.42 -0.75 -41.78
C GLY A 109 1.57 -1.04 -40.56
N ARG A 110 0.94 0.00 -40.01
CA ARG A 110 0.08 -0.20 -38.85
C ARG A 110 -1.28 0.44 -39.08
N ASP A 111 -2.18 0.31 -38.11
CA ASP A 111 -3.56 0.73 -38.26
C ASP A 111 -3.65 2.24 -38.42
N ILE A 112 -4.68 2.69 -39.14
CA ILE A 112 -4.85 4.11 -39.40
C ILE A 112 -5.41 4.82 -38.18
N THR A 113 -6.57 4.37 -37.71
CA THR A 113 -7.25 5.08 -36.63
C THR A 113 -6.41 5.08 -35.36
N SER A 114 -5.70 3.99 -35.08
CA SER A 114 -4.82 3.96 -33.92
C SER A 114 -3.73 5.01 -34.04
N ALA A 115 -3.15 5.16 -35.23
CA ALA A 115 -2.13 6.18 -35.43
C ALA A 115 -2.70 7.58 -35.24
N ARG A 116 -3.91 7.83 -35.76
CA ARG A 116 -4.53 9.14 -35.56
C ARG A 116 -4.78 9.41 -34.08
N ILE A 117 -5.25 8.41 -33.34
CA ILE A 117 -5.50 8.60 -31.92
C ILE A 117 -4.21 8.88 -31.17
N MET A 118 -3.14 8.15 -31.49
CA MET A 118 -1.84 8.42 -30.86
C MET A 118 -1.36 9.83 -31.18
N SER A 119 -1.52 10.27 -32.43
CA SER A 119 -1.12 11.62 -32.79
C SER A 119 -1.92 12.65 -32.02
N ARG A 120 -3.23 12.42 -31.86
CA ARG A 120 -4.06 13.35 -31.09
C ARG A 120 -3.60 13.41 -29.64
N ILE A 121 -3.26 12.26 -29.05
CA ILE A 121 -2.80 12.23 -27.67
C ILE A 121 -1.50 13.03 -27.52
N ILE A 122 -0.57 12.82 -28.46
CA ILE A 122 0.70 13.54 -28.39
C ILE A 122 0.48 15.03 -28.56
N LYS A 123 -0.40 15.42 -29.48
CA LYS A 123 -0.69 16.84 -29.65
C LYS A 123 -1.29 17.44 -28.40
N ILE A 124 -2.23 16.71 -27.76
CA ILE A 124 -2.87 17.24 -26.56
C ILE A 124 -1.85 17.42 -25.44
N THR A 125 -0.98 16.43 -25.24
CA THR A 125 0.00 16.57 -24.16
C THR A 125 1.02 17.66 -24.47
N ILE A 126 1.37 17.85 -25.75
CA ILE A 126 2.28 18.94 -26.10
C ILE A 126 1.63 20.29 -25.81
N ILE A 127 0.36 20.44 -26.15
CA ILE A 127 -0.36 21.69 -25.86
C ILE A 127 -0.41 21.93 -24.35
N VAL A 128 -0.69 20.87 -23.57
CA VAL A 128 -0.76 21.03 -22.12
C VAL A 128 0.58 21.47 -21.56
N VAL A 129 1.67 20.84 -22.03
CA VAL A 129 3.01 21.20 -21.55
C VAL A 129 3.33 22.64 -21.91
N LEU A 130 3.01 23.05 -23.14
CA LEU A 130 3.28 24.43 -23.55
C LEU A 130 2.49 25.42 -22.72
N VAL A 131 1.22 25.14 -22.46
CA VAL A 131 0.39 26.03 -21.65
C VAL A 131 0.95 26.14 -20.24
N LEU A 132 1.34 25.01 -19.65
CA LEU A 132 1.94 25.04 -18.32
C LEU A 132 3.25 25.80 -18.32
N LEU A 133 3.97 25.80 -19.44
CA LEU A 133 5.26 26.47 -19.52
C LEU A 133 5.12 27.92 -19.94
N TYR A 134 4.25 28.21 -20.91
CA TYR A 134 4.09 29.54 -21.46
C TYR A 134 2.89 30.28 -20.87
N GLY A 135 2.44 29.89 -19.69
CA GLY A 135 1.27 30.50 -19.09
C GLY A 135 1.51 31.79 -18.34
N GLU A 136 2.74 32.33 -18.38
CA GLU A 136 3.06 33.57 -17.70
C GLU A 136 3.46 34.66 -18.68
N HIS A 137 4.41 34.39 -19.57
CA HIS A 137 4.82 35.39 -20.56
C HIS A 137 3.68 35.73 -21.50
N PHE A 138 2.67 34.87 -21.60
CA PHE A 138 1.47 35.14 -22.37
C PHE A 138 0.22 35.11 -21.49
N GLY A 139 0.09 34.11 -20.63
CA GLY A 139 -1.06 34.01 -19.76
C GLY A 139 -0.98 34.97 -18.59
N MET A 140 -2.00 34.90 -17.74
CA MET A 140 -2.14 35.83 -16.63
C MET A 140 -2.13 35.17 -15.26
N SER A 141 -2.91 34.09 -15.08
CA SER A 141 -2.98 33.47 -13.77
C SER A 141 -1.68 32.76 -13.41
N LEU A 142 -1.36 32.77 -12.12
CA LEU A 142 -0.18 32.08 -11.61
C LEU A 142 -0.56 30.96 -10.64
N SER A 143 -1.30 31.27 -9.57
CA SER A 143 -1.64 30.25 -8.59
C SER A 143 -2.53 29.16 -9.18
N GLY A 144 -3.52 29.56 -10.00
CA GLY A 144 -4.38 28.57 -10.61
C GLY A 144 -3.63 27.63 -11.54
N LEU A 145 -2.77 28.20 -12.38
CA LEU A 145 -1.96 27.37 -13.27
C LEU A 145 -1.04 26.46 -12.49
N LEU A 146 -0.42 26.98 -11.44
CA LEU A 146 0.49 26.17 -10.63
C LEU A 146 -0.27 25.00 -10.00
N THR A 147 -1.44 25.27 -9.41
CA THR A 147 -2.20 24.20 -8.77
C THR A 147 -2.67 23.16 -9.78
N PHE A 148 -3.16 23.62 -10.94
CA PHE A 148 -3.65 22.70 -11.95
C PHE A 148 -2.51 21.80 -12.46
N GLY A 149 -1.37 22.41 -12.78
CA GLY A 149 -0.22 21.62 -13.22
C GLY A 149 0.26 20.67 -12.15
N GLY A 150 0.26 21.12 -10.89
CA GLY A 150 0.73 20.26 -9.81
C GLY A 150 -0.15 19.04 -9.62
N ILE A 151 -1.48 19.23 -9.62
CA ILE A 151 -2.37 18.09 -9.42
C ILE A 151 -2.33 17.16 -10.62
N GLY A 152 -2.26 17.71 -11.83
CA GLY A 152 -2.14 16.87 -13.00
C GLY A 152 -0.88 16.03 -12.99
N GLY A 153 0.25 16.66 -12.68
CA GLY A 153 1.51 15.93 -12.59
C GLY A 153 1.52 14.92 -11.48
N LEU A 154 0.88 15.23 -10.35
CA LEU A 154 0.82 14.26 -9.25
C LEU A 154 0.02 13.03 -9.65
N ALA A 155 -1.13 13.22 -10.30
CA ALA A 155 -1.90 12.08 -10.78
C ALA A 155 -1.12 11.27 -11.79
N VAL A 156 -0.45 11.95 -12.73
CA VAL A 156 0.33 11.25 -13.74
C VAL A 156 1.46 10.46 -13.09
N GLY A 157 2.13 11.05 -12.10
CA GLY A 157 3.20 10.35 -11.43
C GLY A 157 2.73 9.12 -10.69
N MET A 158 1.59 9.21 -10.02
CA MET A 158 1.08 8.02 -9.34
C MET A 158 0.66 6.94 -10.34
N ALA A 159 0.08 7.35 -11.47
CA ALA A 159 -0.46 6.35 -12.40
C ALA A 159 0.64 5.60 -13.13
N GLY A 160 1.76 6.25 -13.43
CA GLY A 160 2.78 5.64 -14.26
C GLY A 160 3.92 5.01 -13.47
N LYS A 161 3.63 4.55 -12.25
CA LYS A 161 4.68 4.02 -11.39
C LYS A 161 5.24 2.71 -11.93
N ASP A 162 4.38 1.84 -12.45
CA ASP A 162 4.81 0.49 -12.78
C ASP A 162 5.69 0.45 -14.02
N ILE A 163 5.34 1.22 -15.05
CA ILE A 163 6.15 1.26 -16.26
C ILE A 163 7.54 1.82 -15.95
N LEU A 164 7.59 2.89 -15.16
CA LEU A 164 8.88 3.44 -14.76
C LEU A 164 9.67 2.46 -13.91
N SER A 165 8.98 1.70 -13.06
CA SER A 165 9.66 0.68 -12.27
C SER A 165 10.30 -0.37 -13.17
N ASN A 166 9.56 -0.81 -14.20
CA ASN A 166 10.13 -1.76 -15.15
C ASN A 166 11.35 -1.19 -15.85
N PHE A 167 11.29 0.08 -16.26
CA PHE A 167 12.42 0.70 -16.94
C PHE A 167 13.64 0.79 -16.02
N PHE A 168 13.43 1.21 -14.77
CA PHE A 168 14.55 1.33 -13.84
C PHE A 168 15.16 -0.03 -13.52
N SER A 169 14.32 -1.04 -13.33
CA SER A 169 14.85 -2.37 -13.10
C SER A 169 15.60 -2.89 -14.31
N GLY A 170 15.17 -2.51 -15.52
CA GLY A 170 15.93 -2.86 -16.70
C GLY A 170 17.31 -2.23 -16.71
N ILE A 171 17.40 -0.96 -16.30
CA ILE A 171 18.71 -0.31 -16.19
C ILE A 171 19.58 -1.05 -15.17
N MET A 172 19.00 -1.36 -14.01
CA MET A 172 19.75 -2.05 -12.97
C MET A 172 20.24 -3.40 -13.46
N LEU A 173 19.40 -4.13 -14.19
CA LEU A 173 19.82 -5.41 -14.78
C LEU A 173 20.95 -5.20 -15.76
N TYR A 174 20.87 -4.12 -16.55
CA TYR A 174 21.96 -3.82 -17.48
C TYR A 174 23.28 -3.63 -16.74
N PHE A 175 23.25 -3.01 -15.57
CA PHE A 175 24.49 -2.81 -14.83
C PHE A 175 24.87 -4.00 -13.95
N ASP A 176 23.89 -4.67 -13.34
CA ASP A 176 24.17 -5.76 -12.41
C ASP A 176 23.03 -6.79 -12.53
N ARG A 177 23.30 -7.90 -13.22
CA ARG A 177 22.29 -8.94 -13.35
C ARG A 177 22.86 -10.28 -12.91
N PRO A 178 22.09 -11.06 -12.17
CA PRO A 178 22.58 -12.36 -11.71
C PRO A 178 22.31 -13.50 -12.67
N PHE A 179 22.49 -13.28 -13.97
CA PHE A 179 22.35 -14.35 -14.96
C PHE A 179 22.79 -13.81 -16.30
N SER A 180 22.90 -14.71 -17.28
CA SER A 180 23.34 -14.39 -18.62
C SER A 180 22.40 -15.03 -19.62
N ILE A 181 22.60 -14.71 -20.89
CA ILE A 181 21.82 -15.33 -21.96
C ILE A 181 22.17 -16.82 -22.01
N GLY A 182 21.14 -17.66 -22.04
CA GLY A 182 21.34 -19.09 -22.06
C GLY A 182 21.38 -19.75 -20.70
N ASP A 183 21.13 -19.00 -19.63
CA ASP A 183 21.16 -19.55 -18.29
C ASP A 183 19.77 -20.06 -17.90
N TRP A 184 19.75 -21.22 -17.26
CA TRP A 184 18.52 -21.77 -16.70
C TRP A 184 18.31 -21.17 -15.32
N ILE A 185 17.17 -20.52 -15.11
CA ILE A 185 16.88 -19.83 -13.85
C ILE A 185 15.49 -20.24 -13.38
N ARG A 186 15.23 -19.99 -12.09
CA ARG A 186 13.93 -20.24 -11.49
C ARG A 186 13.83 -19.40 -10.22
N SER A 187 12.69 -19.50 -9.55
CA SER A 187 12.48 -18.73 -8.34
C SER A 187 11.50 -19.45 -7.44
N PRO A 188 11.73 -19.44 -6.12
CA PRO A 188 10.75 -20.03 -5.19
C PRO A 188 9.55 -19.14 -4.89
N ASP A 189 9.52 -17.91 -5.41
CA ASP A 189 8.43 -16.99 -5.15
C ASP A 189 7.44 -16.90 -6.31
N ARG A 190 7.92 -16.95 -7.54
CA ARG A 190 7.08 -16.87 -8.73
C ARG A 190 7.45 -17.98 -9.68
N ASN A 191 6.64 -18.13 -10.73
CA ASN A 191 6.89 -19.11 -11.78
C ASN A 191 7.57 -18.40 -12.94
N ILE A 192 8.89 -18.51 -13.03
CA ILE A 192 9.64 -17.90 -14.11
C ILE A 192 10.64 -18.91 -14.68
N GLU A 193 10.44 -20.18 -14.37
CA GLU A 193 11.44 -21.20 -14.69
C GLU A 193 11.60 -21.34 -16.20
N GLY A 194 12.85 -21.39 -16.65
CA GLY A 194 13.14 -21.52 -18.06
C GLY A 194 14.57 -21.08 -18.35
N THR A 195 14.84 -20.91 -19.63
CA THR A 195 16.16 -20.48 -20.11
C THR A 195 16.07 -19.05 -20.63
N VAL A 196 17.00 -18.20 -20.22
CA VAL A 196 16.99 -16.80 -20.61
C VAL A 196 17.32 -16.68 -22.10
N ALA A 197 16.53 -15.90 -22.82
CA ALA A 197 16.72 -15.68 -24.25
C ALA A 197 17.08 -14.25 -24.60
N GLU A 198 16.42 -13.26 -23.99
CA GLU A 198 16.70 -11.86 -24.24
C GLU A 198 16.48 -11.07 -22.96
N ILE A 199 17.29 -10.05 -22.77
CA ILE A 199 17.16 -9.13 -21.65
C ILE A 199 16.90 -7.75 -22.22
N GLY A 200 15.63 -7.36 -22.29
CA GLY A 200 15.24 -6.08 -22.83
C GLY A 200 15.23 -4.99 -21.78
N TRP A 201 14.66 -3.86 -22.17
CA TRP A 201 14.60 -2.70 -21.28
C TRP A 201 13.34 -2.69 -20.41
N ARG A 202 12.27 -3.34 -20.86
CA ARG A 202 11.04 -3.43 -20.08
C ARG A 202 10.75 -4.84 -19.59
N ILE A 203 10.95 -5.85 -20.43
CA ILE A 203 10.67 -7.23 -20.07
C ILE A 203 11.87 -8.10 -20.43
N THR A 204 11.94 -9.26 -19.80
CA THR A 204 12.95 -10.27 -20.07
C THR A 204 12.27 -11.49 -20.69
N LYS A 205 12.81 -11.99 -21.79
CA LYS A 205 12.23 -13.10 -22.52
C LYS A 205 12.88 -14.41 -22.08
N ILE A 206 12.06 -15.38 -21.73
CA ILE A 206 12.52 -16.66 -21.19
C ILE A 206 11.84 -17.78 -21.97
N THR A 207 12.63 -18.77 -22.38
CA THR A 207 12.11 -19.94 -23.09
C THR A 207 11.86 -21.04 -22.06
N THR A 208 10.61 -21.41 -21.88
CA THR A 208 10.26 -22.45 -20.92
C THR A 208 10.69 -23.82 -21.46
N PHE A 209 10.69 -24.80 -20.56
CA PHE A 209 11.00 -26.17 -20.97
C PHE A 209 9.88 -26.80 -21.78
N ASP A 210 8.76 -26.13 -21.90
CA ASP A 210 7.69 -26.50 -22.81
C ASP A 210 7.90 -25.95 -24.21
N ASN A 211 9.02 -25.28 -24.45
CA ASN A 211 9.33 -24.64 -25.73
C ASN A 211 8.34 -23.53 -26.05
N ARG A 212 8.03 -22.69 -25.06
CA ARG A 212 7.16 -21.55 -25.23
C ARG A 212 7.86 -20.29 -24.74
N PRO A 213 7.59 -19.15 -25.37
CA PRO A 213 8.16 -17.89 -24.86
C PRO A 213 7.39 -17.36 -23.67
N LEU A 214 8.12 -16.82 -22.71
CA LEU A 214 7.55 -16.25 -21.50
C LEU A 214 8.14 -14.88 -21.28
N TYR A 215 7.29 -13.88 -21.05
CA TYR A 215 7.72 -12.50 -20.92
C TYR A 215 7.52 -12.06 -19.47
N VAL A 216 8.62 -11.68 -18.82
CA VAL A 216 8.64 -11.37 -17.40
C VAL A 216 8.92 -9.88 -17.24
N PRO A 217 8.08 -9.13 -16.54
CA PRO A 217 8.39 -7.71 -16.27
C PRO A 217 9.67 -7.59 -15.47
N ASN A 218 10.46 -6.57 -15.81
CA ASN A 218 11.79 -6.43 -15.22
C ASN A 218 11.73 -6.09 -13.74
N SER A 219 10.64 -5.48 -13.27
CA SER A 219 10.56 -5.08 -11.86
C SER A 219 10.51 -6.26 -10.91
N LEU A 220 10.24 -7.47 -11.41
CA LEU A 220 10.17 -8.63 -10.53
C LEU A 220 11.53 -8.95 -9.93
N PHE A 221 12.62 -8.71 -10.67
CA PHE A 221 13.95 -9.10 -10.22
C PHE A 221 14.49 -8.19 -9.12
N SER A 222 13.75 -7.17 -8.71
CA SER A 222 14.14 -6.33 -7.60
C SER A 222 13.48 -6.73 -6.28
N SER A 223 12.61 -7.73 -6.28
CA SER A 223 11.90 -8.11 -5.07
C SER A 223 11.80 -9.60 -4.81
N ILE A 224 12.20 -10.46 -5.74
CA ILE A 224 12.11 -11.90 -5.53
C ILE A 224 13.51 -12.49 -5.55
N SER A 225 13.65 -13.66 -4.93
CA SER A 225 14.90 -14.39 -4.95
C SER A 225 15.01 -15.18 -6.24
N VAL A 226 16.17 -15.11 -6.88
CA VAL A 226 16.42 -15.77 -8.15
C VAL A 226 17.46 -16.85 -7.93
N GLU A 227 17.15 -18.06 -8.36
CA GLU A 227 18.07 -19.20 -8.30
C GLU A 227 18.58 -19.48 -9.70
N ASN A 228 19.82 -19.95 -9.78
CA ASN A 228 20.50 -20.16 -11.06
C ASN A 228 20.95 -21.61 -11.14
N PRO A 229 20.05 -22.54 -11.47
CA PRO A 229 20.46 -23.93 -11.69
C PRO A 229 21.43 -24.10 -12.84
N GLY A 230 21.52 -23.12 -13.74
CA GLY A 230 22.48 -23.20 -14.82
C GLY A 230 23.93 -23.11 -14.37
N ARG A 231 24.17 -22.69 -13.12
CA ARG A 231 25.53 -22.56 -12.59
C ARG A 231 25.80 -23.55 -11.46
N MET A 232 25.11 -24.69 -11.43
CA MET A 232 25.34 -25.65 -10.36
C MET A 232 26.70 -26.29 -10.51
N THR A 233 27.17 -26.90 -9.43
CA THR A 233 28.41 -27.64 -9.45
C THR A 233 28.23 -29.15 -9.38
N ASN A 234 27.08 -29.61 -8.90
CA ASN A 234 26.80 -31.04 -8.80
C ASN A 234 25.29 -31.25 -8.93
N ARG A 235 24.93 -32.51 -9.18
CA ARG A 235 23.54 -32.94 -9.14
C ARG A 235 23.35 -33.85 -7.93
N ARG A 236 22.23 -33.67 -7.24
CA ARG A 236 21.97 -34.39 -5.99
C ARG A 236 21.10 -35.61 -6.27
N ILE A 237 21.36 -36.69 -5.53
CA ILE A 237 20.55 -37.89 -5.56
C ILE A 237 20.01 -38.11 -4.16
N THR A 238 18.68 -38.14 -4.02
CA THR A 238 18.02 -38.39 -2.76
C THR A 238 16.89 -39.39 -2.96
N THR A 239 16.73 -40.30 -2.01
CA THR A 239 15.66 -41.29 -2.08
C THR A 239 15.45 -41.85 -0.68
N THR A 240 14.43 -42.68 -0.54
CA THR A 240 14.09 -43.31 0.73
C THR A 240 13.84 -44.79 0.50
N ILE A 241 14.39 -45.61 1.39
CA ILE A 241 14.21 -47.06 1.34
C ILE A 241 13.26 -47.43 2.48
N GLY A 242 12.10 -47.96 2.12
CA GLY A 242 11.12 -48.35 3.13
C GLY A 242 11.05 -49.85 3.32
N LEU A 243 11.57 -50.34 4.42
CA LEU A 243 11.59 -51.77 4.72
C LEU A 243 10.43 -52.14 5.64
N ARG A 244 10.07 -53.41 5.60
CA ARG A 244 9.00 -53.89 6.46
C ARG A 244 9.43 -53.89 7.91
N TYR A 245 8.44 -53.81 8.81
CA TYR A 245 8.74 -53.81 10.24
C TYR A 245 9.34 -55.12 10.71
N GLU A 246 9.11 -56.21 9.98
CA GLU A 246 9.71 -57.49 10.33
C GLU A 246 11.17 -57.57 9.93
N ASP A 247 11.69 -56.59 9.22
CA ASP A 247 13.09 -56.56 8.80
C ASP A 247 13.94 -55.65 9.68
N ALA A 248 13.54 -55.46 10.94
CA ALA A 248 14.27 -54.57 11.82
C ALA A 248 15.65 -55.09 12.18
N ALA A 249 15.88 -56.40 12.04
CA ALA A 249 17.16 -56.99 12.41
C ALA A 249 18.20 -56.90 11.30
N LYS A 250 17.84 -56.39 10.12
CA LYS A 250 18.77 -56.29 9.01
C LYS A 250 19.07 -54.84 8.61
N VAL A 251 18.56 -53.87 9.36
CA VAL A 251 18.73 -52.47 8.99
C VAL A 251 20.20 -52.09 9.00
N GLY A 252 20.94 -52.54 10.03
CA GLY A 252 22.35 -52.17 10.12
C GLY A 252 23.16 -52.69 8.96
N VAL A 253 23.00 -53.97 8.62
CA VAL A 253 23.79 -54.55 7.54
C VAL A 253 23.38 -53.95 6.20
N ILE A 254 22.09 -53.68 6.01
CA ILE A 254 21.65 -53.07 4.77
C ILE A 254 22.23 -51.67 4.62
N VAL A 255 22.23 -50.89 5.70
CA VAL A 255 22.80 -49.55 5.65
C VAL A 255 24.28 -49.62 5.35
N GLU A 256 24.99 -50.54 5.97
CA GLU A 256 26.42 -50.68 5.72
C GLU A 256 26.68 -51.03 4.26
N ALA A 257 25.92 -51.98 3.71
CA ALA A 257 26.13 -52.38 2.33
C ALA A 257 25.84 -51.25 1.36
N VAL A 258 24.76 -50.51 1.59
CA VAL A 258 24.43 -49.41 0.70
C VAL A 258 25.49 -48.32 0.77
N ARG A 259 25.98 -48.02 1.98
CA ARG A 259 27.04 -47.01 2.11
C ARG A 259 28.31 -47.45 1.39
N GLU A 260 28.67 -48.72 1.51
CA GLU A 260 29.86 -49.22 0.81
C GLU A 260 29.68 -49.11 -0.70
N MET A 261 28.51 -49.50 -1.21
CA MET A 261 28.27 -49.43 -2.64
C MET A 261 28.36 -47.99 -3.13
N LEU A 262 27.80 -47.05 -2.38
CA LEU A 262 27.89 -45.65 -2.78
C LEU A 262 29.33 -45.16 -2.73
N LYS A 263 30.10 -45.62 -1.75
CA LYS A 263 31.49 -45.18 -1.64
C LYS A 263 32.34 -45.73 -2.78
N ASN A 264 31.98 -46.87 -3.35
CA ASN A 264 32.76 -47.47 -4.41
C ASN A 264 32.19 -47.22 -5.80
N HIS A 265 31.24 -46.29 -5.94
CA HIS A 265 30.63 -46.06 -7.23
C HIS A 265 31.43 -45.02 -8.01
N PRO A 266 31.74 -45.28 -9.29
CA PRO A 266 32.58 -44.34 -10.05
C PRO A 266 31.89 -43.04 -10.43
N ALA A 267 30.57 -42.93 -10.28
CA ALA A 267 29.86 -41.73 -10.69
C ALA A 267 29.55 -40.78 -9.54
N ILE A 268 29.93 -41.13 -8.32
CA ILE A 268 29.58 -40.36 -7.13
C ILE A 268 30.76 -39.50 -6.72
N ASP A 269 30.49 -38.25 -6.39
CA ASP A 269 31.52 -37.31 -5.94
C ASP A 269 31.84 -37.61 -4.48
N GLN A 270 33.05 -38.11 -4.23
CA GLN A 270 33.44 -38.51 -2.88
C GLN A 270 33.79 -37.34 -1.99
N ARG A 271 33.91 -36.13 -2.53
CA ARG A 271 34.24 -34.96 -1.73
C ARG A 271 33.02 -34.19 -1.26
N GLN A 272 31.82 -34.67 -1.55
CA GLN A 272 30.58 -34.03 -1.14
C GLN A 272 29.94 -34.83 -0.01
N THR A 273 28.75 -34.39 0.38
CA THR A 273 28.00 -35.08 1.42
C THR A 273 27.58 -36.47 0.96
N LEU A 274 27.68 -37.44 1.86
CA LEU A 274 27.31 -38.83 1.55
C LEU A 274 26.74 -39.44 2.82
N LEU A 275 25.41 -39.55 2.91
CA LEU A 275 24.74 -39.98 4.12
C LEU A 275 23.80 -41.13 3.81
N VAL A 276 23.89 -42.19 4.62
CA VAL A 276 22.97 -43.32 4.57
C VAL A 276 22.69 -43.73 6.00
N TYR A 277 21.46 -43.49 6.47
CA TYR A 277 21.14 -43.74 7.87
C TYR A 277 19.67 -44.12 8.02
N PHE A 278 19.41 -45.01 8.97
CA PHE A 278 18.04 -45.28 9.39
C PHE A 278 17.47 -44.01 10.02
N ASN A 279 16.45 -43.45 9.40
CA ASN A 279 16.06 -42.06 9.63
C ASN A 279 14.81 -41.90 10.49
N GLN A 280 13.74 -42.62 10.21
CA GLN A 280 12.48 -42.32 10.89
C GLN A 280 11.55 -43.52 10.85
N PHE A 281 10.60 -43.52 11.78
CA PHE A 281 9.51 -44.47 11.79
C PHE A 281 8.36 -43.94 10.94
N ALA A 282 7.87 -44.77 10.03
CA ALA A 282 6.73 -44.41 9.20
C ALA A 282 5.53 -45.26 9.60
N ASP A 283 4.40 -44.99 8.95
CA ASP A 283 3.17 -45.71 9.28
C ASP A 283 3.29 -47.20 8.99
N SER A 284 3.91 -47.55 7.87
CA SER A 284 3.99 -48.93 7.43
C SER A 284 5.40 -49.43 7.21
N SER A 285 6.43 -48.60 7.40
CA SER A 285 7.77 -49.00 7.03
C SER A 285 8.80 -48.30 7.90
N LEU A 286 10.00 -48.86 7.91
CA LEU A 286 11.17 -48.22 8.51
C LEU A 286 11.97 -47.57 7.40
N ASN A 287 12.14 -46.27 7.46
CA ASN A 287 12.69 -45.49 6.36
C ASN A 287 14.19 -45.29 6.53
N ILE A 288 14.92 -45.44 5.42
CA ILE A 288 16.36 -45.19 5.36
C ILE A 288 16.59 -44.09 4.34
N MET A 289 17.33 -43.07 4.74
CA MET A 289 17.62 -41.94 3.87
C MET A 289 18.88 -42.19 3.06
N VAL A 290 18.90 -41.65 1.85
CA VAL A 290 20.06 -41.70 0.97
C VAL A 290 20.31 -40.30 0.44
N TYR A 291 21.58 -39.89 0.45
CA TYR A 291 21.92 -38.49 0.17
C TYR A 291 23.34 -38.46 -0.39
N CYS A 292 23.48 -38.09 -1.66
CA CYS A 292 24.80 -38.07 -2.30
C CYS A 292 24.74 -37.14 -3.50
N PHE A 293 25.89 -36.99 -4.17
CA PHE A 293 26.02 -36.12 -5.32
C PHE A 293 26.76 -36.86 -6.44
N THR A 294 26.54 -36.41 -7.66
CA THR A 294 27.26 -36.91 -8.82
C THR A 294 28.27 -35.87 -9.30
N LYS A 295 29.34 -36.36 -9.93
CA LYS A 295 30.33 -35.45 -10.48
C LYS A 295 29.76 -34.65 -11.65
N THR A 296 28.99 -35.31 -12.52
CA THR A 296 28.47 -34.65 -13.71
C THR A 296 27.32 -33.71 -13.36
N THR A 297 27.07 -32.77 -14.26
CA THR A 297 25.93 -31.87 -14.16
C THR A 297 25.02 -31.96 -15.38
N VAL A 298 25.24 -32.94 -16.24
CA VAL A 298 24.43 -33.12 -17.44
C VAL A 298 23.18 -33.92 -17.09
N TRP A 299 22.06 -33.56 -17.72
CA TRP A 299 20.78 -34.17 -17.40
C TRP A 299 20.80 -35.68 -17.63
N ALA A 300 21.19 -36.10 -18.83
CA ALA A 300 21.08 -37.51 -19.20
C ALA A 300 22.03 -38.37 -18.38
N GLU A 301 23.27 -37.92 -18.18
CA GLU A 301 24.22 -38.71 -17.41
C GLU A 301 23.81 -38.82 -15.95
N TRP A 302 23.28 -37.73 -15.38
CA TRP A 302 22.77 -37.78 -14.02
C TRP A 302 21.62 -38.78 -13.90
N LEU A 303 20.70 -38.77 -14.86
CA LEU A 303 19.59 -39.71 -14.82
C LEU A 303 20.07 -41.15 -14.94
N ALA A 304 21.05 -41.39 -15.82
CA ALA A 304 21.57 -42.74 -15.97
C ALA A 304 22.25 -43.23 -14.70
N ALA A 305 23.05 -42.36 -14.07
CA ALA A 305 23.69 -42.74 -12.81
C ALA A 305 22.66 -43.02 -11.73
N GLN A 306 21.61 -42.21 -11.67
CA GLN A 306 20.56 -42.42 -10.69
C GLN A 306 19.87 -43.76 -10.91
N GLN A 307 19.59 -44.11 -12.16
CA GLN A 307 18.96 -45.40 -12.45
C GLN A 307 19.86 -46.55 -12.04
N ASP A 308 21.15 -46.45 -12.34
CA ASP A 308 22.08 -47.50 -11.95
C ASP A 308 22.12 -47.67 -10.43
N VAL A 309 22.15 -46.55 -9.71
CA VAL A 309 22.18 -46.61 -8.25
C VAL A 309 20.92 -47.26 -7.71
N TYR A 310 19.76 -46.91 -8.28
CA TYR A 310 18.51 -47.48 -7.80
C TYR A 310 18.46 -48.98 -8.03
N LEU A 311 18.91 -49.44 -9.20
CA LEU A 311 18.91 -50.88 -9.45
C LEU A 311 19.85 -51.60 -8.50
N LYS A 312 21.02 -51.02 -8.24
CA LYS A 312 21.95 -51.63 -7.29
C LYS A 312 21.33 -51.69 -5.89
N ILE A 313 20.60 -50.64 -5.50
CA ILE A 313 19.95 -50.63 -4.19
C ILE A 313 18.91 -51.75 -4.11
N ILE A 314 18.13 -51.93 -5.16
CA ILE A 314 17.14 -53.01 -5.17
C ILE A 314 17.82 -54.35 -4.98
N ASP A 315 18.92 -54.56 -5.71
CA ASP A 315 19.65 -55.83 -5.59
C ASP A 315 20.17 -56.03 -4.18
N ILE A 316 20.74 -54.98 -3.58
CA ILE A 316 21.29 -55.10 -2.24
C ILE A 316 20.19 -55.44 -1.24
N VAL A 317 19.05 -54.76 -1.33
CA VAL A 317 17.96 -55.00 -0.38
C VAL A 317 17.45 -56.42 -0.52
N GLN A 318 17.23 -56.88 -1.74
CA GLN A 318 16.66 -58.21 -1.91
C GLN A 318 17.66 -59.32 -1.63
N SER A 319 18.96 -59.02 -1.68
CA SER A 319 19.95 -60.06 -1.44
C SER A 319 20.11 -60.39 0.05
N HIS A 320 19.68 -59.51 0.94
CA HIS A 320 19.83 -59.71 2.37
C HIS A 320 18.60 -60.33 3.01
N GLY A 321 17.58 -60.68 2.23
CA GLY A 321 16.38 -61.27 2.77
C GLY A 321 15.30 -60.30 3.18
N ALA A 322 15.51 -59.01 3.03
CA ALA A 322 14.51 -58.02 3.35
C ALA A 322 13.63 -57.77 2.13
N ASP A 323 12.72 -56.81 2.21
CA ASP A 323 11.85 -56.47 1.10
C ASP A 323 11.24 -55.11 1.33
N PHE A 324 10.79 -54.49 0.24
CA PHE A 324 10.09 -53.22 0.32
C PHE A 324 8.68 -53.43 0.85
N ALA A 325 8.13 -52.39 1.47
CA ALA A 325 6.86 -52.47 2.17
C ALA A 325 5.78 -51.74 1.40
N PHE A 326 4.67 -52.41 1.17
CA PHE A 326 3.45 -51.76 0.71
C PHE A 326 2.76 -51.09 1.89
N PRO A 327 1.85 -50.15 1.63
CA PRO A 327 0.99 -49.66 2.72
C PRO A 327 0.23 -50.81 3.35
N SER A 328 0.17 -50.81 4.68
CA SER A 328 -0.32 -51.96 5.42
C SER A 328 -1.43 -51.53 6.38
N GLN A 329 -2.30 -52.49 6.70
CA GLN A 329 -3.41 -52.27 7.61
C GLN A 329 -3.67 -53.53 8.42
N THR A 330 -4.25 -53.35 9.59
CA THR A 330 -4.74 -54.44 10.41
C THR A 330 -6.26 -54.39 10.45
N LEU A 331 -6.90 -55.51 10.11
CA LEU A 331 -8.35 -55.56 9.97
C LEU A 331 -8.94 -56.50 11.01
N TYR A 332 -9.92 -56.02 11.75
CA TYR A 332 -10.66 -56.81 12.73
C TYR A 332 -12.03 -57.12 12.15
N MET A 333 -12.30 -58.40 11.93
CA MET A 333 -13.47 -58.84 11.20
C MET A 333 -14.64 -59.05 12.15
N ASP A 334 -15.83 -58.65 11.70
CA ASP A 334 -17.04 -58.82 12.49
C ASP A 334 -18.28 -58.80 11.59
N ALA B 3 45.78 53.16 -18.99
CA ALA B 3 46.75 53.81 -18.11
C ALA B 3 46.19 53.96 -16.70
N GLU B 4 45.21 54.85 -16.55
CA GLU B 4 44.60 55.09 -15.25
C GLU B 4 43.66 53.97 -14.82
N LEU B 5 43.15 53.18 -15.77
CA LEU B 5 42.26 52.09 -15.42
C LEU B 5 42.98 50.92 -14.79
N PHE B 6 44.31 50.82 -14.98
CA PHE B 6 45.07 49.71 -14.42
C PHE B 6 45.14 49.78 -12.89
N THR B 7 44.91 50.95 -12.32
CA THR B 7 45.02 51.11 -10.86
C THR B 7 43.95 50.29 -10.14
N ASN B 8 42.74 50.25 -10.68
CA ASN B 8 41.62 49.60 -10.02
C ASN B 8 41.45 48.14 -10.39
N ASN B 9 42.29 47.60 -11.28
CA ASN B 9 42.15 46.23 -11.73
C ASN B 9 43.41 45.40 -11.55
N ALA B 10 44.45 45.94 -10.91
CA ALA B 10 45.75 45.27 -10.88
C ALA B 10 45.64 43.87 -10.29
N LEU B 11 44.88 43.72 -9.20
CA LEU B 11 44.70 42.40 -8.59
C LEU B 11 44.07 41.43 -9.57
N ASN B 12 43.21 41.92 -10.47
CA ASN B 12 42.53 41.04 -11.41
C ASN B 12 43.51 40.43 -12.41
N LEU B 13 44.34 41.27 -13.04
CA LEU B 13 45.36 40.72 -13.93
C LEU B 13 46.36 39.87 -13.16
N VAL B 14 46.65 40.24 -11.91
CA VAL B 14 47.56 39.44 -11.10
C VAL B 14 47.03 38.03 -10.92
N ILE B 15 45.75 37.90 -10.53
CA ILE B 15 45.18 36.59 -10.30
C ILE B 15 44.99 35.84 -11.62
N ILE B 16 44.70 36.54 -12.71
CA ILE B 16 44.59 35.89 -14.01
C ILE B 16 45.94 35.26 -14.40
N PHE B 17 47.01 36.04 -14.26
CA PHE B 17 48.34 35.54 -14.59
C PHE B 17 48.72 34.39 -13.66
N GLY B 18 48.40 34.50 -12.37
CA GLY B 18 48.69 33.41 -11.45
C GLY B 18 47.95 32.14 -11.79
N SER B 19 46.67 32.26 -12.17
CA SER B 19 45.90 31.08 -12.56
C SER B 19 46.45 30.46 -13.83
N CYS B 20 46.84 31.27 -14.81
CA CYS B 20 47.43 30.73 -16.03
C CYS B 20 48.75 30.02 -15.73
N ALA B 21 49.57 30.61 -14.87
CA ALA B 21 50.84 29.98 -14.50
C ALA B 21 50.62 28.67 -13.76
N ALA B 22 49.63 28.64 -12.87
CA ALA B 22 49.32 27.40 -12.15
C ALA B 22 48.80 26.34 -13.12
N LEU B 23 48.00 26.74 -14.11
CA LEU B 23 47.52 25.80 -15.10
C LEU B 23 48.67 25.19 -15.90
N ILE B 24 49.61 26.04 -16.33
CA ILE B 24 50.76 25.54 -17.08
C ILE B 24 51.62 24.64 -16.20
N LEU B 25 51.81 25.02 -14.94
CA LEU B 25 52.60 24.22 -14.02
C LEU B 25 51.98 22.85 -13.79
N MET B 26 50.65 22.80 -13.63
CA MET B 26 50.02 21.51 -13.40
C MET B 26 49.95 20.68 -14.68
N SER B 27 49.91 21.33 -15.84
CA SER B 27 50.04 20.60 -17.10
C SER B 27 51.40 19.94 -17.21
N PHE B 28 52.47 20.68 -16.86
CA PHE B 28 53.80 20.10 -16.86
C PHE B 28 53.91 18.99 -15.82
N TRP B 29 53.30 19.19 -14.65
CA TRP B 29 53.36 18.19 -13.60
C TRP B 29 52.68 16.90 -14.04
N PHE B 30 51.54 17.01 -14.72
CA PHE B 30 50.90 15.85 -15.31
C PHE B 30 51.78 15.22 -16.38
N ARG B 31 52.42 16.03 -17.22
CA ARG B 31 53.27 15.50 -18.27
C ARG B 31 54.47 14.74 -17.71
N ARG B 32 54.92 15.12 -16.51
CA ARG B 32 56.04 14.44 -15.86
C ARG B 32 55.51 13.30 -15.00
N GLY B 33 55.73 12.07 -15.46
CA GLY B 33 55.35 10.88 -14.72
C GLY B 33 53.94 10.39 -14.97
N ASN B 34 53.00 11.30 -15.24
CA ASN B 34 51.58 11.01 -15.46
C ASN B 34 51.07 9.95 -14.49
N ARG B 35 51.34 10.18 -13.20
CA ARG B 35 50.87 9.26 -12.17
C ARG B 35 49.37 9.37 -11.96
N LYS B 36 48.77 10.49 -12.34
CA LYS B 36 47.35 10.73 -12.12
C LYS B 36 46.53 10.21 -13.30
N ARG B 37 45.21 10.23 -13.13
CA ARG B 37 44.27 9.90 -14.19
C ARG B 37 43.56 11.18 -14.61
N LYS B 38 43.70 11.54 -15.89
CA LYS B 38 43.10 12.77 -16.42
C LYS B 38 41.64 12.51 -16.76
N GLY B 39 40.84 12.37 -15.70
CA GLY B 39 39.42 12.12 -15.86
C GLY B 39 38.55 13.28 -15.41
N PHE B 40 37.81 13.08 -14.32
CA PHE B 40 36.89 14.11 -13.85
C PHE B 40 37.60 15.25 -13.13
N LEU B 41 38.68 14.96 -12.40
CA LEU B 41 39.31 15.98 -11.57
C LEU B 41 40.01 17.03 -12.41
N PHE B 42 40.76 16.60 -13.42
CA PHE B 42 41.47 17.55 -14.27
C PHE B 42 40.50 18.37 -15.11
N HIS B 43 39.41 17.73 -15.57
CA HIS B 43 38.36 18.46 -16.28
C HIS B 43 37.72 19.50 -15.36
N ALA B 44 37.47 19.13 -14.10
CA ALA B 44 36.89 20.09 -13.15
C ALA B 44 37.84 21.25 -12.88
N VAL B 45 39.13 20.97 -12.80
CA VAL B 45 40.11 22.03 -12.60
C VAL B 45 40.08 22.99 -13.78
N GLN B 46 40.06 22.44 -15.00
CA GLN B 46 39.94 23.30 -16.19
C GLN B 46 38.66 24.12 -16.13
N PHE B 47 37.56 23.50 -15.72
CA PHE B 47 36.28 24.20 -15.66
C PHE B 47 36.35 25.38 -14.69
N LEU B 48 36.90 25.15 -13.49
CA LEU B 48 36.92 26.22 -12.50
C LEU B 48 37.86 27.34 -12.92
N ILE B 49 39.03 27.00 -13.49
CA ILE B 49 39.93 28.07 -13.93
C ILE B 49 39.33 28.86 -15.08
N TYR B 50 38.63 28.17 -16.00
CA TYR B 50 37.96 28.87 -17.08
C TYR B 50 36.90 29.81 -16.54
N THR B 51 36.12 29.34 -15.56
CA THR B 51 35.07 30.17 -14.98
C THR B 51 35.65 31.40 -14.32
N ILE B 52 36.73 31.24 -13.55
CA ILE B 52 37.28 32.39 -12.84
C ILE B 52 37.91 33.38 -13.83
N ILE B 53 38.58 32.88 -14.88
CA ILE B 53 39.20 33.82 -15.80
C ILE B 53 38.15 34.57 -16.60
N ILE B 54 37.06 33.91 -17.00
CA ILE B 54 36.06 34.64 -17.76
C ILE B 54 35.29 35.60 -16.85
N SER B 55 35.10 35.25 -15.57
CA SER B 55 34.50 36.20 -14.64
C SER B 55 35.37 37.44 -14.48
N ALA B 56 36.69 37.24 -14.39
CA ALA B 56 37.60 38.37 -14.31
C ALA B 56 37.54 39.23 -15.57
N VAL B 57 37.51 38.60 -16.74
CA VAL B 57 37.43 39.34 -17.99
C VAL B 57 36.13 40.13 -18.07
N GLY B 58 35.03 39.52 -17.64
CA GLY B 58 33.76 40.23 -17.64
C GLY B 58 33.76 41.41 -16.68
N SER B 59 34.39 41.25 -15.52
CA SER B 59 34.51 42.36 -14.59
C SER B 59 35.33 43.50 -15.19
N ILE B 60 36.42 43.16 -15.89
CA ILE B 60 37.23 44.18 -16.55
C ILE B 60 36.42 44.90 -17.62
N ILE B 61 35.64 44.16 -18.41
CA ILE B 61 34.82 44.78 -19.44
C ILE B 61 33.78 45.70 -18.80
N ASN B 62 33.16 45.26 -17.72
CA ASN B 62 32.18 46.08 -17.03
C ASN B 62 32.81 47.38 -16.53
N TYR B 63 33.98 47.27 -15.90
CA TYR B 63 34.66 48.46 -15.37
C TYR B 63 35.05 49.41 -16.50
N VAL B 64 35.55 48.87 -17.60
CA VAL B 64 35.95 49.71 -18.73
C VAL B 64 34.75 50.44 -19.29
N ILE B 65 33.63 49.73 -19.48
CA ILE B 65 32.45 50.36 -20.05
C ILE B 65 31.90 51.43 -19.11
N GLU B 66 31.83 51.12 -17.82
CA GLU B 66 31.26 52.07 -16.87
C GLU B 66 32.18 53.25 -16.59
N ASN B 67 33.48 53.11 -16.84
CA ASN B 67 34.43 54.18 -16.53
C ASN B 67 34.89 54.96 -17.75
N TYR B 68 34.64 54.45 -18.96
CA TYR B 68 35.08 55.12 -20.19
C TYR B 68 33.93 55.71 -20.97
N LYS B 69 32.95 54.90 -21.35
CA LYS B 69 31.80 55.36 -22.12
C LYS B 69 30.73 54.28 -22.10
N LEU B 70 29.49 54.68 -21.85
CA LEU B 70 28.36 53.75 -21.77
C LEU B 70 27.69 53.52 -23.12
N LYS B 71 28.07 54.26 -24.15
CA LYS B 71 27.41 54.13 -25.45
C LYS B 71 27.82 52.84 -26.14
N PHE B 72 26.88 52.28 -26.90
CA PHE B 72 27.04 51.13 -27.79
C PHE B 72 27.24 49.81 -27.04
N ILE B 73 27.31 49.82 -25.71
CA ILE B 73 27.47 48.61 -24.91
C ILE B 73 26.37 48.59 -23.86
N THR B 74 25.65 47.47 -23.78
CA THR B 74 24.60 47.31 -22.79
C THR B 74 25.11 46.45 -21.65
N PRO B 75 25.20 46.96 -20.42
CA PRO B 75 25.67 46.14 -19.31
C PRO B 75 24.72 44.99 -19.02
N GLY B 76 25.28 43.90 -18.51
CA GLY B 76 24.54 42.68 -18.25
C GLY B 76 24.54 41.70 -19.39
N VAL B 77 24.61 42.19 -20.63
CA VAL B 77 24.70 41.30 -21.78
C VAL B 77 26.01 40.51 -21.75
N ILE B 78 27.08 41.15 -21.29
CA ILE B 78 28.35 40.44 -21.13
C ILE B 78 28.24 39.37 -20.06
N ASP B 79 27.44 39.62 -19.01
CA ASP B 79 27.17 38.57 -18.03
C ASP B 79 26.42 37.41 -18.67
N PHE B 80 25.46 37.72 -19.55
CA PHE B 80 24.75 36.67 -20.27
C PHE B 80 25.71 35.85 -21.13
N ILE B 81 26.64 36.52 -21.81
CA ILE B 81 27.57 35.79 -22.68
C ILE B 81 28.53 34.95 -21.85
N CYS B 82 28.94 35.45 -20.68
CA CYS B 82 29.83 34.65 -19.84
C CYS B 82 29.12 33.42 -19.30
N THR B 83 27.87 33.59 -18.85
CA THR B 83 27.08 32.44 -18.40
C THR B 83 26.89 31.44 -19.53
N SER B 84 26.59 31.94 -20.74
CA SER B 84 26.43 31.04 -21.88
C SER B 84 27.71 30.26 -22.17
N LEU B 85 28.86 30.93 -22.14
CA LEU B 85 30.10 30.25 -22.45
C LEU B 85 30.43 29.19 -21.40
N ILE B 86 30.25 29.53 -20.12
CA ILE B 86 30.59 28.56 -19.09
C ILE B 86 29.63 27.37 -19.14
N ALA B 87 28.35 27.61 -19.44
CA ALA B 87 27.41 26.51 -19.59
C ALA B 87 27.79 25.62 -20.76
N VAL B 88 28.19 26.22 -21.89
CA VAL B 88 28.61 25.44 -23.04
C VAL B 88 29.84 24.61 -22.71
N ILE B 89 30.79 25.20 -21.98
CA ILE B 89 32.00 24.47 -21.61
C ILE B 89 31.67 23.30 -20.70
N LEU B 90 30.75 23.51 -19.75
CA LEU B 90 30.34 22.43 -18.86
C LEU B 90 29.68 21.30 -19.65
N THR B 91 28.81 21.66 -20.60
CA THR B 91 28.16 20.65 -21.43
C THR B 91 29.18 19.87 -22.24
N ILE B 92 30.17 20.56 -22.81
CA ILE B 92 31.19 19.88 -23.61
C ILE B 92 31.99 18.92 -22.75
N LYS B 93 32.39 19.35 -21.54
CA LYS B 93 33.15 18.48 -20.67
C LYS B 93 32.34 17.24 -20.28
N LEU B 94 31.05 17.44 -19.95
CA LEU B 94 30.22 16.31 -19.57
C LEU B 94 30.04 15.33 -20.73
N PHE B 95 29.83 15.86 -21.94
CA PHE B 95 29.68 14.98 -23.09
C PHE B 95 30.97 14.21 -23.37
N LEU B 96 32.11 14.86 -23.21
CA LEU B 96 33.38 14.16 -23.38
C LEU B 96 33.51 13.03 -22.36
N LEU B 97 33.13 13.30 -21.11
CA LEU B 97 33.21 12.25 -20.08
C LEU B 97 32.29 11.09 -20.42
N ILE B 98 31.07 11.37 -20.88
CA ILE B 98 30.14 10.31 -21.25
C ILE B 98 30.67 9.49 -22.42
N ASN B 99 31.25 10.17 -23.41
CA ASN B 99 31.81 9.44 -24.55
C ASN B 99 32.98 8.56 -24.12
N GLN B 100 33.82 9.07 -23.22
CA GLN B 100 34.92 8.24 -22.70
C GLN B 100 34.39 7.04 -21.94
N PHE B 101 33.33 7.23 -21.16
CA PHE B 101 32.74 6.12 -20.42
C PHE B 101 32.18 5.06 -21.38
N GLU B 102 31.51 5.50 -22.44
CA GLU B 102 30.98 4.56 -23.42
C GLU B 102 32.11 3.80 -24.11
N LYS B 103 33.19 4.50 -24.46
CA LYS B 103 34.32 3.83 -25.10
C LYS B 103 34.93 2.80 -24.17
N GLN B 104 35.09 3.14 -22.89
CA GLN B 104 35.64 2.18 -21.94
C GLN B 104 34.71 0.99 -21.77
N GLN B 105 33.39 1.22 -21.75
CA GLN B 105 32.44 0.12 -21.62
C GLN B 105 32.52 -0.81 -22.82
N ILE B 106 32.63 -0.25 -24.03
CA ILE B 106 32.78 -1.08 -25.22
C ILE B 106 34.08 -1.87 -25.14
N LYS B 107 35.17 -1.21 -24.72
CA LYS B 107 36.44 -1.89 -24.57
C LYS B 107 36.37 -3.03 -23.56
N LYS B 108 35.51 -2.89 -22.55
CA LYS B 108 35.33 -3.97 -21.58
C LYS B 108 34.71 -5.22 -22.20
N GLY B 109 34.17 -5.12 -23.41
CA GLY B 109 33.65 -6.29 -24.09
C GLY B 109 32.16 -6.50 -23.93
N ARG B 110 31.38 -5.46 -24.23
CA ARG B 110 29.92 -5.58 -24.13
C ARG B 110 29.26 -5.13 -25.42
N ASP B 111 27.94 -5.22 -25.48
CA ASP B 111 27.18 -4.97 -26.71
C ASP B 111 27.31 -3.51 -27.13
N ILE B 112 27.23 -3.28 -28.44
CA ILE B 112 27.38 -1.94 -28.98
C ILE B 112 26.12 -1.12 -28.75
N THR B 113 24.99 -1.62 -29.28
CA THR B 113 23.74 -0.85 -29.24
C THR B 113 23.30 -0.58 -27.80
N SER B 114 23.51 -1.54 -26.91
CA SER B 114 23.18 -1.32 -25.51
C SER B 114 24.00 -0.19 -24.93
N ALA B 115 25.30 -0.15 -25.25
CA ALA B 115 26.15 0.94 -24.77
C ALA B 115 25.69 2.28 -25.32
N ARG B 116 25.32 2.32 -26.61
CA ARG B 116 24.84 3.58 -27.18
C ARG B 116 23.55 4.03 -26.50
N ILE B 117 22.64 3.09 -26.22
CA ILE B 117 21.38 3.46 -25.57
C ILE B 117 21.65 3.97 -24.15
N MET B 118 22.55 3.32 -23.42
CA MET B 118 22.89 3.80 -22.08
C MET B 118 23.51 5.20 -22.15
N SER B 119 24.38 5.44 -23.13
CA SER B 119 24.97 6.76 -23.27
C SER B 119 23.90 7.81 -23.58
N ARG B 120 22.95 7.47 -24.44
CA ARG B 120 21.87 8.40 -24.74
C ARG B 120 21.03 8.70 -23.50
N ILE B 121 20.76 7.69 -22.68
CA ILE B 121 19.99 7.90 -21.47
C ILE B 121 20.74 8.85 -20.52
N ILE B 122 22.04 8.61 -20.36
CA ILE B 122 22.83 9.46 -19.46
C ILE B 122 22.88 10.89 -19.98
N LYS B 123 23.04 11.04 -21.30
CA LYS B 123 23.04 12.38 -21.88
C LYS B 123 21.71 13.08 -21.65
N ILE B 124 20.60 12.37 -21.84
CA ILE B 124 19.29 12.98 -21.68
C ILE B 124 19.08 13.42 -20.23
N THR B 125 19.45 12.57 -19.27
CA THR B 125 19.25 12.95 -17.88
C THR B 125 20.18 14.09 -17.47
N ILE B 126 21.40 14.14 -18.04
CA ILE B 126 22.30 15.26 -17.76
C ILE B 126 21.70 16.57 -18.28
N ILE B 127 21.16 16.53 -19.51
CA ILE B 127 20.52 17.72 -20.07
C ILE B 127 19.35 18.16 -19.21
N VAL B 128 18.53 17.19 -18.76
CA VAL B 128 17.37 17.54 -17.94
C VAL B 128 17.82 18.19 -16.63
N VAL B 129 18.85 17.64 -15.99
CA VAL B 129 19.34 18.20 -14.74
C VAL B 129 19.88 19.61 -14.96
N LEU B 130 20.64 19.81 -16.05
CA LEU B 130 21.19 21.12 -16.33
C LEU B 130 20.08 22.14 -16.58
N VAL B 131 19.06 21.75 -17.34
CA VAL B 131 17.95 22.67 -17.61
C VAL B 131 17.23 23.02 -16.32
N LEU B 132 16.98 22.03 -15.47
CA LEU B 132 16.33 22.30 -14.19
C LEU B 132 17.20 23.20 -13.31
N LEU B 133 18.52 23.12 -13.47
CA LEU B 133 19.43 23.90 -12.63
C LEU B 133 19.72 25.26 -13.25
N TYR B 134 19.92 25.31 -14.57
CA TYR B 134 20.30 26.54 -15.26
C TYR B 134 19.11 27.21 -15.93
N GLY B 135 17.90 26.96 -15.48
CA GLY B 135 16.71 27.51 -16.10
C GLY B 135 16.35 28.91 -15.66
N GLU B 136 17.18 29.56 -14.86
CA GLU B 136 16.91 30.91 -14.39
C GLU B 136 17.96 31.90 -14.88
N HIS B 137 19.24 31.60 -14.66
CA HIS B 137 20.30 32.49 -15.14
C HIS B 137 20.32 32.58 -16.66
N PHE B 138 19.72 31.62 -17.34
CA PHE B 138 19.54 31.64 -18.78
C PHE B 138 18.09 31.61 -19.18
N GLY B 139 17.29 30.73 -18.58
CA GLY B 139 15.88 30.63 -18.89
C GLY B 139 15.08 31.75 -18.26
N MET B 140 13.77 31.68 -18.50
CA MET B 140 12.86 32.74 -18.07
C MET B 140 11.79 32.27 -17.10
N SER B 141 11.11 31.16 -17.39
CA SER B 141 10.02 30.72 -16.53
C SER B 141 10.56 30.21 -15.20
N LEU B 142 9.76 30.44 -14.15
CA LEU B 142 10.10 29.95 -12.81
C LEU B 142 9.06 28.94 -12.30
N SER B 143 7.79 29.31 -12.26
CA SER B 143 6.77 28.42 -11.72
C SER B 143 6.61 27.17 -12.59
N GLY B 144 6.63 27.34 -13.92
CA GLY B 144 6.50 26.19 -14.79
C GLY B 144 7.66 25.22 -14.64
N LEU B 145 8.89 25.74 -14.61
CA LEU B 145 10.05 24.90 -14.41
C LEU B 145 10.00 24.20 -13.06
N LEU B 146 9.61 24.92 -12.02
CA LEU B 146 9.54 24.33 -10.69
C LEU B 146 8.52 23.19 -10.67
N THR B 147 7.34 23.41 -11.24
CA THR B 147 6.31 22.37 -11.24
C THR B 147 6.75 21.16 -12.05
N PHE B 148 7.34 21.40 -13.23
CA PHE B 148 7.78 20.29 -14.07
C PHE B 148 8.85 19.46 -13.37
N GLY B 149 9.86 20.13 -12.80
CA GLY B 149 10.88 19.42 -12.08
C GLY B 149 10.34 18.68 -10.87
N GLY B 150 9.38 19.30 -10.16
CA GLY B 150 8.81 18.66 -9.00
C GLY B 150 8.06 17.39 -9.34
N ILE B 151 7.23 17.44 -10.38
CA ILE B 151 6.46 16.25 -10.74
C ILE B 151 7.37 15.17 -11.30
N GLY B 152 8.37 15.55 -12.11
CA GLY B 152 9.32 14.56 -12.60
C GLY B 152 10.07 13.88 -11.48
N GLY B 153 10.58 14.66 -10.53
CA GLY B 153 11.29 14.09 -9.40
C GLY B 153 10.39 13.25 -8.51
N LEU B 154 9.13 13.64 -8.37
CA LEU B 154 8.21 12.84 -7.56
C LEU B 154 7.96 11.48 -8.20
N ALA B 155 7.73 11.46 -9.52
CA ALA B 155 7.56 10.19 -10.21
C ALA B 155 8.81 9.34 -10.11
N VAL B 156 9.98 9.94 -10.30
CA VAL B 156 11.23 9.20 -10.21
C VAL B 156 11.43 8.62 -8.82
N GLY B 157 11.11 9.41 -7.80
CA GLY B 157 11.25 8.93 -6.44
C GLY B 157 10.33 7.77 -6.12
N MET B 158 9.09 7.83 -6.60
CA MET B 158 8.19 6.70 -6.36
C MET B 158 8.65 5.46 -7.11
N ALA B 159 9.15 5.64 -8.33
CA ALA B 159 9.50 4.47 -9.16
C ALA B 159 10.73 3.75 -8.65
N GLY B 160 11.71 4.46 -8.10
CA GLY B 160 12.96 3.86 -7.72
C GLY B 160 13.06 3.45 -6.26
N LYS B 161 11.92 3.17 -5.64
CA LYS B 161 11.91 2.86 -4.22
C LYS B 161 12.63 1.56 -3.90
N ASP B 162 12.44 0.54 -4.73
CA ASP B 162 12.92 -0.81 -4.38
C ASP B 162 14.43 -0.91 -4.48
N ILE B 163 15.03 -0.33 -5.52
CA ILE B 163 16.48 -0.38 -5.66
C ILE B 163 17.15 0.37 -4.51
N LEU B 164 16.62 1.53 -4.14
CA LEU B 164 17.16 2.26 -3.02
C LEU B 164 16.97 1.50 -1.72
N SER B 165 15.84 0.79 -1.57
CA SER B 165 15.63 -0.03 -0.40
C SER B 165 16.68 -1.12 -0.30
N ASN B 166 16.99 -1.77 -1.42
CA ASN B 166 18.03 -2.78 -1.42
C ASN B 166 19.38 -2.19 -1.01
N PHE B 167 19.71 -1.00 -1.55
CA PHE B 167 20.98 -0.37 -1.21
C PHE B 167 21.06 -0.02 0.28
N PHE B 168 19.98 0.54 0.83
CA PHE B 168 19.98 0.91 2.24
C PHE B 168 20.07 -0.32 3.14
N SER B 169 19.34 -1.38 2.79
CA SER B 169 19.45 -2.60 3.56
C SER B 169 20.84 -3.20 3.47
N GLY B 170 21.51 -3.04 2.32
CA GLY B 170 22.89 -3.47 2.22
C GLY B 170 23.80 -2.71 3.16
N ILE B 171 23.60 -1.40 3.27
CA ILE B 171 24.37 -0.60 4.23
C ILE B 171 24.12 -1.09 5.65
N MET B 172 22.84 -1.30 5.98
CA MET B 172 22.50 -1.75 7.33
C MET B 172 23.12 -3.11 7.63
N LEU B 173 23.12 -4.01 6.65
CA LEU B 173 23.79 -5.30 6.82
C LEU B 173 25.28 -5.11 7.03
N TYR B 174 25.88 -4.18 6.30
CA TYR B 174 27.29 -3.88 6.50
C TYR B 174 27.57 -3.46 7.93
N PHE B 175 26.68 -2.69 8.55
CA PHE B 175 26.92 -2.27 9.92
C PHE B 175 26.43 -3.27 10.96
N ASP B 176 25.32 -3.94 10.70
CA ASP B 176 24.74 -4.88 11.67
C ASP B 176 24.06 -6.01 10.90
N ARG B 177 24.71 -7.17 10.86
CA ARG B 177 24.14 -8.32 10.19
C ARG B 177 24.10 -9.52 11.13
N PRO B 178 23.00 -10.27 11.14
CA PRO B 178 22.91 -11.44 12.02
C PRO B 178 23.42 -12.72 11.40
N PHE B 179 24.56 -12.66 10.69
CA PHE B 179 25.19 -13.86 10.15
C PHE B 179 26.53 -13.47 9.56
N SER B 180 27.30 -14.49 9.19
CA SER B 180 28.63 -14.30 8.63
C SER B 180 28.77 -15.18 7.40
N ILE B 181 29.89 -15.02 6.70
CA ILE B 181 30.19 -15.86 5.55
C ILE B 181 30.40 -17.29 6.03
N GLY B 182 29.73 -18.24 5.37
CA GLY B 182 29.81 -19.63 5.76
C GLY B 182 28.77 -20.08 6.75
N ASP B 183 27.81 -19.23 7.10
CA ASP B 183 26.77 -19.57 8.05
C ASP B 183 25.57 -20.16 7.33
N TRP B 184 25.02 -21.22 7.89
CA TRP B 184 23.79 -21.81 7.40
C TRP B 184 22.61 -21.05 8.00
N ILE B 185 21.74 -20.50 7.15
CA ILE B 185 20.62 -19.70 7.60
C ILE B 185 19.35 -20.17 6.90
N ARG B 186 18.22 -19.77 7.46
CA ARG B 186 16.91 -20.07 6.90
C ARG B 186 15.92 -19.08 7.46
N SER B 187 14.65 -19.20 7.03
CA SER B 187 13.62 -18.30 7.49
C SER B 187 12.27 -18.98 7.43
N PRO B 188 11.40 -18.78 8.42
CA PRO B 188 10.05 -19.32 8.36
C PRO B 188 9.09 -18.54 7.47
N ASP B 189 9.51 -17.40 6.93
CA ASP B 189 8.66 -16.57 6.09
C ASP B 189 8.92 -16.74 4.60
N ARG B 190 10.17 -16.92 4.21
CA ARG B 190 10.55 -17.09 2.81
C ARG B 190 11.48 -18.28 2.69
N ASN B 191 11.77 -18.66 1.45
CA ASN B 191 12.69 -19.74 1.15
C ASN B 191 14.05 -19.13 0.81
N ILE B 192 14.94 -19.11 1.79
CA ILE B 192 16.29 -18.58 1.59
C ILE B 192 17.31 -19.55 2.16
N GLU B 193 16.90 -20.78 2.41
CA GLU B 193 17.75 -21.72 3.14
C GLU B 193 19.01 -22.06 2.36
N GLY B 194 20.15 -22.04 3.04
CA GLY B 194 21.42 -22.32 2.40
C GLY B 194 22.55 -21.79 3.24
N THR B 195 23.73 -21.76 2.63
CA THR B 195 24.95 -21.26 3.26
C THR B 195 25.35 -19.94 2.61
N VAL B 196 25.67 -18.95 3.45
CA VAL B 196 26.02 -17.63 2.94
C VAL B 196 27.38 -17.68 2.26
N ALA B 197 27.46 -17.09 1.06
CA ALA B 197 28.68 -17.06 0.28
C ALA B 197 29.24 -15.66 0.10
N GLU B 198 28.39 -14.67 -0.20
CA GLU B 198 28.82 -13.30 -0.38
C GLU B 198 27.73 -12.37 0.12
N ILE B 199 28.14 -11.24 0.69
CA ILE B 199 27.22 -10.20 1.14
C ILE B 199 27.56 -8.95 0.35
N GLY B 200 26.81 -8.71 -0.73
CA GLY B 200 27.04 -7.57 -1.59
C GLY B 200 26.27 -6.35 -1.12
N TRP B 201 26.25 -5.34 -1.99
CA TRP B 201 25.57 -4.09 -1.68
C TRP B 201 24.11 -4.09 -2.10
N ARG B 202 23.73 -4.90 -3.08
CA ARG B 202 22.35 -5.01 -3.52
C ARG B 202 21.73 -6.36 -3.20
N ILE B 203 22.46 -7.46 -3.39
CA ILE B 203 21.95 -8.79 -3.15
C ILE B 203 22.96 -9.57 -2.31
N THR B 204 22.46 -10.62 -1.67
CA THR B 204 23.28 -11.55 -0.91
C THR B 204 23.27 -12.90 -1.60
N LYS B 205 24.46 -13.49 -1.77
CA LYS B 205 24.60 -14.75 -2.49
C LYS B 205 24.62 -15.91 -1.50
N ILE B 206 23.78 -16.90 -1.74
CA ILE B 206 23.61 -18.03 -0.85
C ILE B 206 23.74 -19.32 -1.66
N THR B 207 24.52 -20.27 -1.15
CA THR B 207 24.68 -21.58 -1.79
C THR B 207 23.69 -22.55 -1.14
N THR B 208 22.73 -23.02 -1.93
CA THR B 208 21.74 -23.94 -1.42
C THR B 208 22.37 -25.32 -1.19
N PHE B 209 21.63 -26.17 -0.47
CA PHE B 209 22.09 -27.53 -0.25
C PHE B 209 21.99 -28.38 -1.51
N ASP B 210 21.38 -27.86 -2.56
CA ASP B 210 21.38 -28.46 -3.87
C ASP B 210 22.61 -28.09 -4.69
N ASN B 211 23.54 -27.35 -4.09
CA ASN B 211 24.76 -26.85 -4.76
C ASN B 211 24.41 -25.90 -5.90
N ARG B 212 23.49 -24.98 -5.65
CA ARG B 212 23.11 -23.98 -6.63
C ARG B 212 23.22 -22.60 -6.00
N PRO B 213 23.58 -21.59 -6.79
CA PRO B 213 23.61 -20.22 -6.26
C PRO B 213 22.22 -19.62 -6.19
N LEU B 214 21.96 -18.87 -5.12
CA LEU B 214 20.70 -18.20 -4.90
C LEU B 214 20.96 -16.75 -4.54
N TYR B 215 20.28 -15.84 -5.22
CA TYR B 215 20.50 -14.40 -5.05
C TYR B 215 19.28 -13.80 -4.37
N VAL B 216 19.50 -13.22 -3.19
CA VAL B 216 18.42 -12.71 -2.33
C VAL B 216 18.55 -11.20 -2.27
N PRO B 217 17.50 -10.45 -2.60
CA PRO B 217 17.57 -8.99 -2.44
C PRO B 217 17.77 -8.60 -0.98
N ASN B 218 18.58 -7.57 -0.76
CA ASN B 218 18.97 -7.22 0.59
C ASN B 218 17.80 -6.68 1.42
N SER B 219 16.78 -6.13 0.77
CA SER B 219 15.65 -5.55 1.52
C SER B 219 14.84 -6.59 2.28
N LEU B 220 15.00 -7.87 1.96
CA LEU B 220 14.24 -8.90 2.66
C LEU B 220 14.63 -8.99 4.13
N PHE B 221 15.90 -8.74 4.44
CA PHE B 221 16.39 -8.92 5.81
C PHE B 221 15.93 -7.82 6.75
N SER B 222 15.17 -6.84 6.27
CA SER B 222 14.60 -5.81 7.13
C SER B 222 13.16 -6.10 7.51
N SER B 223 12.57 -7.18 7.01
CA SER B 223 11.16 -7.44 7.28
C SER B 223 10.84 -8.89 7.64
N ILE B 224 11.78 -9.82 7.50
CA ILE B 224 11.50 -11.23 7.80
C ILE B 224 12.39 -11.66 8.97
N SER B 225 11.94 -12.71 9.65
CA SER B 225 12.73 -13.31 10.72
C SER B 225 13.77 -14.26 10.13
N VAL B 226 14.99 -14.14 10.61
CA VAL B 226 16.11 -14.94 10.13
C VAL B 226 16.56 -15.88 11.24
N GLU B 227 16.64 -17.16 10.93
CA GLU B 227 17.14 -18.16 11.86
C GLU B 227 18.53 -18.59 11.43
N ASN B 228 19.37 -18.93 12.40
CA ASN B 228 20.77 -19.25 12.15
C ASN B 228 21.06 -20.64 12.70
N PRO B 229 20.71 -21.68 11.95
CA PRO B 229 21.08 -23.04 12.37
C PRO B 229 22.58 -23.27 12.42
N GLY B 230 23.36 -22.42 11.77
CA GLY B 230 24.81 -22.54 11.85
C GLY B 230 25.39 -22.25 13.21
N ARG B 231 24.61 -21.63 14.10
CA ARG B 231 25.06 -21.30 15.45
C ARG B 231 24.33 -22.08 16.52
N MET B 232 23.81 -23.26 16.20
CA MET B 232 23.10 -24.04 17.20
C MET B 232 24.06 -24.54 18.27
N THR B 233 23.50 -24.95 19.40
CA THR B 233 24.29 -25.56 20.47
C THR B 233 24.05 -27.04 20.61
N ASN B 234 22.93 -27.56 20.12
CA ASN B 234 22.62 -28.98 20.21
C ASN B 234 21.75 -29.37 19.03
N ARG B 235 21.66 -30.67 18.79
CA ARG B 235 20.72 -31.25 17.84
C ARG B 235 19.64 -31.99 18.60
N ARG B 236 18.39 -31.83 18.15
CA ARG B 236 17.24 -32.40 18.84
C ARG B 236 16.84 -33.73 18.22
N ILE B 237 16.41 -34.66 19.06
CA ILE B 237 15.86 -35.93 18.62
C ILE B 237 14.42 -36.02 19.13
N THR B 238 13.48 -36.16 18.19
CA THR B 238 12.07 -36.31 18.54
C THR B 238 11.48 -37.43 17.71
N THR B 239 10.62 -38.22 18.33
CA THR B 239 9.93 -39.31 17.65
C THR B 239 8.70 -39.69 18.45
N THR B 240 7.91 -40.60 17.90
CA THR B 240 6.69 -41.07 18.53
C THR B 240 6.65 -42.59 18.46
N ILE B 241 6.29 -43.23 19.57
CA ILE B 241 6.14 -44.67 19.65
C ILE B 241 4.65 -44.98 19.69
N GLY B 242 4.16 -45.67 18.68
CA GLY B 242 2.75 -46.03 18.62
C GLY B 242 2.50 -47.48 18.94
N LEU B 243 1.96 -47.75 20.12
CA LEU B 243 1.68 -49.12 20.56
C LEU B 243 0.22 -49.48 20.30
N ARG B 244 -0.03 -50.78 20.21
CA ARG B 244 -1.39 -51.25 20.01
C ARG B 244 -2.23 -50.99 21.25
N TYR B 245 -3.55 -50.89 21.05
CA TYR B 245 -4.46 -50.66 22.16
C TYR B 245 -4.49 -51.83 23.14
N GLU B 246 -4.12 -53.02 22.69
CA GLU B 246 -4.05 -54.17 23.58
C GLU B 246 -2.82 -54.17 24.47
N ASP B 247 -1.91 -53.23 24.26
CA ASP B 247 -0.69 -53.11 25.05
C ASP B 247 -0.78 -52.01 26.11
N ALA B 248 -2.01 -51.68 26.54
CA ALA B 248 -2.17 -50.61 27.51
C ALA B 248 -1.59 -50.93 28.87
N ALA B 249 -1.39 -52.22 29.18
CA ALA B 249 -0.88 -52.61 30.48
C ALA B 249 0.63 -52.56 30.58
N LYS B 250 1.33 -52.26 29.48
CA LYS B 250 2.78 -52.22 29.47
C LYS B 250 3.34 -50.83 29.21
N VAL B 251 2.47 -49.81 29.11
CA VAL B 251 2.93 -48.47 28.79
C VAL B 251 3.87 -47.94 29.85
N GLY B 252 3.54 -48.16 31.12
CA GLY B 252 4.37 -47.63 32.19
C GLY B 252 5.78 -48.22 32.19
N VAL B 253 5.88 -49.54 32.07
CA VAL B 253 7.19 -50.19 32.09
C VAL B 253 7.98 -49.82 30.84
N ILE B 254 7.30 -49.73 29.70
CA ILE B 254 8.02 -49.34 28.48
C ILE B 254 8.55 -47.92 28.59
N VAL B 255 7.75 -47.00 29.13
CA VAL B 255 8.20 -45.63 29.30
C VAL B 255 9.39 -45.58 30.25
N GLU B 256 9.32 -46.33 31.36
CA GLU B 256 10.42 -46.34 32.31
C GLU B 256 11.70 -46.87 31.66
N ALA B 257 11.59 -47.96 30.90
CA ALA B 257 12.78 -48.53 30.26
C ALA B 257 13.38 -47.58 29.25
N VAL B 258 12.54 -46.93 28.43
CA VAL B 258 13.06 -46.00 27.44
C VAL B 258 13.73 -44.81 28.12
N ARG B 259 13.13 -44.30 29.19
CA ARG B 259 13.74 -43.17 29.91
C ARG B 259 15.08 -43.57 30.50
N GLU B 260 15.18 -44.77 31.07
CA GLU B 260 16.45 -45.23 31.62
C GLU B 260 17.50 -45.35 30.53
N MET B 261 17.13 -45.93 29.39
CA MET B 261 18.07 -46.09 28.29
C MET B 261 18.57 -44.73 27.82
N LEU B 262 17.68 -43.75 27.69
CA LEU B 262 18.10 -42.42 27.28
C LEU B 262 19.00 -41.77 28.32
N LYS B 263 18.71 -42.01 29.60
CA LYS B 263 19.53 -41.42 30.65
C LYS B 263 20.94 -42.03 30.68
N ASN B 264 21.09 -43.27 30.25
CA ASN B 264 22.38 -43.93 30.28
C ASN B 264 23.10 -43.93 28.94
N HIS B 265 22.63 -43.14 27.97
CA HIS B 265 23.25 -43.15 26.66
C HIS B 265 24.40 -42.15 26.60
N PRO B 266 25.57 -42.55 26.09
CA PRO B 266 26.73 -41.64 26.10
C PRO B 266 26.63 -40.48 25.12
N ALA B 267 25.69 -40.49 24.19
CA ALA B 267 25.59 -39.46 23.17
C ALA B 267 24.55 -38.39 23.49
N ILE B 268 23.84 -38.52 24.62
CA ILE B 268 22.73 -37.63 24.95
C ILE B 268 23.20 -36.61 25.97
N ASP B 269 22.83 -35.35 25.75
CA ASP B 269 23.17 -34.27 26.66
C ASP B 269 22.25 -34.33 27.87
N GLN B 270 22.80 -34.65 29.04
CA GLN B 270 22.00 -34.82 30.24
C GLN B 270 21.58 -33.50 30.87
N ARG B 271 22.12 -32.37 30.41
CA ARG B 271 21.77 -31.08 30.97
C ARG B 271 20.65 -30.38 30.20
N GLN B 272 20.10 -31.02 29.18
CA GLN B 272 19.02 -30.47 28.39
C GLN B 272 17.71 -31.17 28.73
N THR B 273 16.66 -30.81 27.99
CA THR B 273 15.36 -31.42 28.19
C THR B 273 15.40 -32.90 27.82
N LEU B 274 14.72 -33.72 28.62
CA LEU B 274 14.66 -35.17 28.37
C LEU B 274 13.30 -35.65 28.84
N LEU B 275 12.39 -35.87 27.90
CA LEU B 275 11.01 -36.21 28.22
C LEU B 275 10.59 -37.49 27.51
N VAL B 276 9.99 -38.41 28.25
CA VAL B 276 9.40 -39.63 27.70
C VAL B 276 8.10 -39.86 28.46
N TYR B 277 6.97 -39.69 27.78
CA TYR B 277 5.68 -39.78 28.45
C TYR B 277 4.61 -40.29 27.49
N PHE B 278 3.66 -41.06 28.03
CA PHE B 278 2.46 -41.40 27.29
C PHE B 278 1.66 -40.13 27.03
N ASN B 279 1.53 -39.77 25.77
CA ASN B 279 1.14 -38.41 25.39
C ASN B 279 -0.30 -38.26 24.94
N GLN B 280 -0.81 -39.12 24.07
CA GLN B 280 -2.11 -38.87 23.49
C GLN B 280 -2.73 -40.15 22.96
N PHE B 281 -4.04 -40.12 22.80
CA PHE B 281 -4.80 -41.17 22.14
C PHE B 281 -4.85 -40.89 20.64
N ALA B 282 -4.49 -41.88 19.83
CA ALA B 282 -4.56 -41.76 18.40
C ALA B 282 -5.67 -42.68 17.87
N ASP B 283 -5.88 -42.62 16.56
CA ASP B 283 -6.95 -43.41 15.95
C ASP B 283 -6.70 -44.90 16.10
N SER B 284 -5.47 -45.34 15.94
CA SER B 284 -5.14 -46.75 15.97
C SER B 284 -4.08 -47.13 17.00
N SER B 285 -3.54 -46.17 17.74
CA SER B 285 -2.41 -46.48 18.60
C SER B 285 -2.40 -45.56 19.81
N LEU B 286 -1.67 -45.97 20.84
CA LEU B 286 -1.36 -45.15 21.99
C LEU B 286 0.04 -44.58 21.81
N ASN B 287 0.15 -43.26 21.75
CA ASN B 287 1.38 -42.60 21.35
C ASN B 287 2.22 -42.22 22.56
N ILE B 288 3.52 -42.44 22.46
CA ILE B 288 4.49 -42.05 23.47
C ILE B 288 5.47 -41.08 22.83
N MET B 289 5.67 -39.93 23.48
CA MET B 289 6.57 -38.92 22.95
C MET B 289 7.99 -39.15 23.46
N VAL B 290 8.97 -38.79 22.63
CA VAL B 290 10.38 -38.84 22.96
C VAL B 290 11.00 -37.50 22.59
N TYR B 291 11.82 -36.95 23.49
CA TYR B 291 12.31 -35.59 23.35
C TYR B 291 13.64 -35.49 24.08
N CYS B 292 14.73 -35.29 23.34
CA CYS B 292 16.06 -35.22 23.93
C CYS B 292 16.98 -34.47 22.98
N PHE B 293 18.23 -34.30 23.41
CA PHE B 293 19.24 -33.58 22.65
C PHE B 293 20.54 -34.38 22.64
N THR B 294 21.36 -34.15 21.62
CA THR B 294 22.69 -34.71 21.55
C THR B 294 23.75 -33.66 21.84
N LYS B 295 24.89 -34.11 22.35
CA LYS B 295 25.99 -33.19 22.60
C LYS B 295 26.55 -32.62 21.31
N THR B 296 26.70 -33.46 20.29
CA THR B 296 27.31 -33.04 19.04
C THR B 296 26.35 -32.19 18.22
N THR B 297 26.92 -31.41 17.31
CA THR B 297 26.16 -30.63 16.35
C THR B 297 26.50 -30.99 14.91
N VAL B 298 27.27 -32.05 14.70
CA VAL B 298 27.66 -32.47 13.37
C VAL B 298 26.58 -33.35 12.77
N TRP B 299 26.35 -33.19 11.47
CA TRP B 299 25.26 -33.89 10.79
C TRP B 299 25.39 -35.40 10.91
N ALA B 300 26.55 -35.94 10.53
CA ALA B 300 26.71 -37.39 10.46
C ALA B 300 26.65 -38.03 11.84
N GLU B 301 27.30 -37.42 12.84
CA GLU B 301 27.28 -37.99 14.17
C GLU B 301 25.89 -37.94 14.79
N TRP B 302 25.16 -36.86 14.55
CA TRP B 302 23.78 -36.77 15.03
C TRP B 302 22.93 -37.85 14.39
N LEU B 303 23.08 -38.07 13.08
CA LEU B 303 22.30 -39.12 12.43
C LEU B 303 22.65 -40.50 12.96
N ALA B 304 23.93 -40.75 13.20
CA ALA B 304 24.34 -42.05 13.73
C ALA B 304 23.76 -42.28 15.13
N ALA B 305 23.82 -41.26 15.98
CA ALA B 305 23.25 -41.39 17.32
C ALA B 305 21.76 -41.62 17.26
N GLN B 306 21.07 -40.92 16.36
CA GLN B 306 19.63 -41.11 16.20
C GLN B 306 19.31 -42.54 15.77
N GLN B 307 20.07 -43.08 14.82
CA GLN B 307 19.84 -44.45 14.38
C GLN B 307 20.06 -45.43 15.52
N ASP B 308 21.12 -45.24 16.31
CA ASP B 308 21.38 -46.12 17.44
C ASP B 308 20.22 -46.07 18.44
N VAL B 309 19.74 -44.87 18.73
CA VAL B 309 18.63 -44.72 19.67
C VAL B 309 17.38 -45.43 19.15
N TYR B 310 17.09 -45.27 17.86
CA TYR B 310 15.91 -45.90 17.28
C TYR B 310 15.99 -47.43 17.37
N LEU B 311 17.16 -47.99 17.06
CA LEU B 311 17.30 -49.44 17.14
C LEU B 311 17.13 -49.92 18.58
N LYS B 312 17.71 -49.19 19.54
CA LYS B 312 17.53 -49.57 20.94
C LYS B 312 16.07 -49.49 21.35
N ILE B 313 15.34 -48.48 20.86
CA ILE B 313 13.91 -48.36 21.18
C ILE B 313 13.15 -49.54 20.64
N ILE B 314 13.44 -49.96 19.41
CA ILE B 314 12.78 -51.12 18.82
C ILE B 314 13.02 -52.36 19.69
N ASP B 315 14.28 -52.55 20.11
CA ASP B 315 14.59 -53.70 20.96
C ASP B 315 13.83 -53.64 22.27
N ILE B 316 13.78 -52.47 22.89
CA ILE B 316 13.09 -52.33 24.18
C ILE B 316 11.61 -52.66 24.02
N VAL B 317 10.98 -52.12 22.98
CA VAL B 317 9.55 -52.33 22.78
C VAL B 317 9.26 -53.82 22.54
N GLN B 318 10.05 -54.46 21.68
CA GLN B 318 9.76 -55.84 21.37
C GLN B 318 10.14 -56.79 22.50
N SER B 319 11.02 -56.38 23.41
CA SER B 319 11.41 -57.26 24.50
C SER B 319 10.37 -57.36 25.60
N HIS B 320 9.45 -56.41 25.68
CA HIS B 320 8.42 -56.40 26.71
C HIS B 320 7.12 -57.05 26.28
N GLY B 321 7.06 -57.61 25.07
CA GLY B 321 5.87 -58.25 24.59
C GLY B 321 4.89 -57.35 23.86
N ALA B 322 5.20 -56.07 23.72
CA ALA B 322 4.35 -55.16 22.98
C ALA B 322 4.75 -55.18 21.51
N ASP B 323 4.13 -54.31 20.71
CA ASP B 323 4.45 -54.23 19.29
C ASP B 323 3.93 -52.91 18.73
N PHE B 324 4.51 -52.51 17.61
CA PHE B 324 4.06 -51.31 16.91
C PHE B 324 2.74 -51.60 16.20
N ALA B 325 1.96 -50.54 15.99
CA ALA B 325 0.61 -50.67 15.47
C ALA B 325 0.53 -50.15 14.04
N PHE B 326 -0.02 -50.97 13.16
CA PHE B 326 -0.42 -50.52 11.84
C PHE B 326 -1.74 -49.77 11.94
N PRO B 327 -2.09 -48.98 10.92
CA PRO B 327 -3.45 -48.43 10.86
C PRO B 327 -4.47 -49.57 10.88
N SER B 328 -5.53 -49.38 11.66
CA SER B 328 -6.46 -50.46 11.93
C SER B 328 -7.88 -50.03 11.61
N GLN B 329 -8.73 -51.02 11.31
CA GLN B 329 -10.12 -50.78 10.99
C GLN B 329 -10.95 -51.95 11.52
N THR B 330 -12.23 -51.66 11.77
CA THR B 330 -13.22 -52.68 12.09
C THR B 330 -14.20 -52.79 10.95
N LEU B 331 -14.40 -54.00 10.43
CA LEU B 331 -15.22 -54.22 9.26
C LEU B 331 -16.43 -55.06 9.62
N TYR B 332 -17.61 -54.59 9.24
CA TYR B 332 -18.86 -55.32 9.43
C TYR B 332 -19.31 -55.85 8.07
N MET B 333 -19.37 -57.16 7.96
CA MET B 333 -19.57 -57.82 6.67
C MET B 333 -21.05 -58.03 6.41
N ASP B 334 -21.45 -57.80 5.15
CA ASP B 334 -22.83 -57.99 4.75
C ASP B 334 -22.92 -58.23 3.24
N ALA C 3 45.95 54.53 14.06
CA ALA C 3 45.92 55.39 15.23
C ALA C 3 44.48 55.68 15.66
N GLU C 4 43.78 56.47 14.85
CA GLU C 4 42.39 56.82 15.16
C GLU C 4 41.43 55.68 14.90
N LEU C 5 41.80 54.72 14.05
CA LEU C 5 40.92 53.59 13.77
C LEU C 5 40.85 52.60 14.92
N PHE C 6 41.83 52.63 15.82
CA PHE C 6 41.84 51.69 16.95
C PHE C 6 40.72 51.98 17.94
N THR C 7 40.17 53.19 17.93
CA THR C 7 39.14 53.55 18.89
C THR C 7 37.87 52.74 18.67
N ASN C 8 37.50 52.49 17.41
CA ASN C 8 36.26 51.83 17.08
C ASN C 8 36.37 50.31 16.97
N ASN C 9 37.57 49.76 17.14
CA ASN C 9 37.78 48.32 16.99
C ASN C 9 38.41 47.67 18.21
N ALA C 10 38.60 48.40 19.30
CA ALA C 10 39.37 47.89 20.43
C ALA C 10 38.80 46.57 20.96
N LEU C 11 37.47 46.50 21.08
CA LEU C 11 36.84 45.27 21.54
C LEU C 11 37.14 44.10 20.61
N ASN C 12 37.31 44.37 19.32
CA ASN C 12 37.56 43.29 18.36
C ASN C 12 38.94 42.67 18.58
N LEU C 13 39.98 43.49 18.68
CA LEU C 13 41.29 42.94 18.99
C LEU C 13 41.31 42.32 20.39
N VAL C 14 40.54 42.88 21.33
CA VAL C 14 40.47 42.30 22.67
C VAL C 14 39.93 40.87 22.61
N ILE C 15 38.82 40.68 21.89
CA ILE C 15 38.22 39.34 21.83
C ILE C 15 39.09 38.41 20.99
N ILE C 16 39.77 38.92 19.97
CA ILE C 16 40.67 38.09 19.18
C ILE C 16 41.80 37.56 20.07
N PHE C 17 42.42 38.46 20.84
CA PHE C 17 43.49 38.05 21.74
C PHE C 17 42.98 37.09 22.80
N GLY C 18 41.78 37.34 23.34
CA GLY C 18 41.22 36.44 24.32
C GLY C 18 40.96 35.05 23.76
N SER C 19 40.44 34.99 22.54
CA SER C 19 40.19 33.69 21.89
C SER C 19 41.50 32.96 21.64
N CYS C 20 42.53 33.67 21.18
CA CYS C 20 43.83 33.02 20.97
C CYS C 20 44.41 32.50 22.28
N ALA C 21 44.30 33.29 23.35
CA ALA C 21 44.80 32.86 24.64
C ALA C 21 44.03 31.65 25.16
N ALA C 22 42.72 31.64 24.97
CA ALA C 22 41.92 30.48 25.38
C ALA C 22 42.29 29.25 24.58
N LEU C 23 42.54 29.42 23.27
CA LEU C 23 42.97 28.30 22.45
C LEU C 23 44.29 27.73 22.93
N ILE C 24 45.26 28.59 23.23
CA ILE C 24 46.55 28.12 23.73
C ILE C 24 46.38 27.44 25.08
N LEU C 25 45.55 28.02 25.96
CA LEU C 25 45.33 27.44 27.27
C LEU C 25 44.69 26.06 27.17
N MET C 26 43.73 25.89 26.27
CA MET C 26 43.09 24.58 26.14
C MET C 26 43.99 23.58 25.43
N SER C 27 44.89 24.06 24.56
CA SER C 27 45.91 23.18 24.00
C SER C 27 46.84 22.66 25.09
N PHE C 28 47.28 23.55 25.98
CA PHE C 28 48.11 23.11 27.11
C PHE C 28 47.33 22.17 28.03
N TRP C 29 46.06 22.47 28.25
CA TRP C 29 45.24 21.64 29.13
C TRP C 29 45.09 20.24 28.56
N PHE C 30 44.89 20.13 27.24
CA PHE C 30 44.89 18.83 26.59
C PHE C 30 46.26 18.16 26.70
N ARG C 31 47.33 18.91 26.52
CA ARG C 31 48.67 18.33 26.60
C ARG C 31 48.96 17.79 27.99
N ARG C 32 48.35 18.37 29.02
CA ARG C 32 48.54 17.92 30.40
C ARG C 32 47.49 16.86 30.72
N GLY C 33 47.93 15.61 30.81
CA GLY C 33 47.08 14.50 31.19
C GLY C 33 46.35 13.83 30.03
N ASN C 34 45.99 14.59 28.99
CA ASN C 34 45.24 14.11 27.83
C ASN C 34 44.13 13.16 28.22
N ARG C 35 43.31 13.59 29.19
CA ARG C 35 42.19 12.78 29.63
C ARG C 35 41.07 12.76 28.61
N LYS C 36 41.03 13.75 27.72
CA LYS C 36 39.96 13.86 26.74
C LYS C 36 40.32 13.10 25.47
N ARG C 37 39.35 13.02 24.56
CA ARG C 37 39.55 12.44 23.24
C ARG C 37 39.48 13.56 22.21
N LYS C 38 40.57 13.75 21.46
CA LYS C 38 40.65 14.83 20.47
C LYS C 38 39.96 14.38 19.18
N GLY C 39 38.64 14.30 19.25
CA GLY C 39 37.83 13.88 18.11
C GLY C 39 36.99 14.99 17.54
N PHE C 40 35.67 14.87 17.69
CA PHE C 40 34.76 15.85 17.10
C PHE C 40 34.70 17.15 17.90
N LEU C 41 34.81 17.08 19.23
CA LEU C 41 34.62 18.27 20.06
C LEU C 41 35.76 19.26 19.89
N PHE C 42 37.01 18.77 19.90
CA PHE C 42 38.15 19.66 19.75
C PHE C 42 38.20 20.25 18.34
N HIS C 43 37.85 19.44 17.34
CA HIS C 43 37.74 19.96 15.97
C HIS C 43 36.66 21.04 15.87
N ALA C 44 35.52 20.83 16.54
CA ALA C 44 34.46 21.84 16.51
C ALA C 44 34.90 23.11 17.22
N VAL C 45 35.65 22.99 18.31
CA VAL C 45 36.18 24.17 18.99
C VAL C 45 37.11 24.94 18.08
N GLN C 46 38.00 24.23 17.39
CA GLN C 46 38.87 24.88 16.41
C GLN C 46 38.05 25.58 15.33
N PHE C 47 37.00 24.90 14.85
CA PHE C 47 36.16 25.47 13.81
C PHE C 47 35.52 26.78 14.25
N LEU C 48 34.94 26.78 15.46
CA LEU C 48 34.23 27.97 15.91
C LEU C 48 35.20 29.12 16.18
N ILE C 49 36.37 28.82 16.76
CA ILE C 49 37.32 29.91 17.01
C ILE C 49 37.85 30.45 15.69
N TYR C 50 38.09 29.58 14.71
CA TYR C 50 38.53 30.05 13.40
C TYR C 50 37.46 30.95 12.76
N THR C 51 36.20 30.53 12.87
CA THR C 51 35.11 31.32 12.29
C THR C 51 35.03 32.69 12.93
N ILE C 52 35.11 32.75 14.26
CA ILE C 52 34.97 34.04 14.93
C ILE C 52 36.16 34.94 14.63
N ILE C 53 37.38 34.38 14.57
CA ILE C 53 38.53 35.24 14.31
C ILE C 53 38.50 35.75 12.87
N ILE C 54 38.08 34.92 11.91
CA ILE C 54 38.05 35.44 10.55
C ILE C 54 36.91 36.43 10.37
N SER C 55 35.79 36.24 11.08
CA SER C 55 34.74 37.24 11.03
C SER C 55 35.21 38.58 11.59
N ALA C 56 35.97 38.53 12.69
CA ALA C 56 36.54 39.75 13.25
C ALA C 56 37.51 40.42 12.27
N VAL C 57 38.36 39.62 11.61
CA VAL C 57 39.30 40.18 10.65
C VAL C 57 38.56 40.81 9.47
N GLY C 58 37.51 40.15 9.01
CA GLY C 58 36.72 40.72 7.92
C GLY C 58 36.03 42.01 8.32
N SER C 59 35.53 42.08 9.56
CA SER C 59 34.94 43.32 10.04
C SER C 59 35.98 44.44 10.09
N ILE C 60 37.20 44.12 10.54
CA ILE C 60 38.26 45.12 10.58
C ILE C 60 38.60 45.60 9.17
N ILE C 61 38.68 44.68 8.21
CA ILE C 61 38.97 45.06 6.83
C ILE C 61 37.86 45.95 6.28
N ASN C 62 36.60 45.59 6.57
CA ASN C 62 35.47 46.40 6.10
C ASN C 62 35.55 47.81 6.68
N TYR C 63 35.82 47.92 7.98
CA TYR C 63 35.88 49.23 8.62
C TYR C 63 37.03 50.05 8.06
N VAL C 64 38.19 49.42 7.85
CA VAL C 64 39.34 50.13 7.30
C VAL C 64 39.03 50.64 5.91
N ILE C 65 38.44 49.80 5.06
CA ILE C 65 38.14 50.21 3.69
C ILE C 65 37.12 51.34 3.69
N GLU C 66 36.07 51.21 4.50
CA GLU C 66 35.01 52.21 4.49
C GLU C 66 35.44 53.51 5.16
N ASN C 67 36.46 53.49 6.03
CA ASN C 67 36.86 54.67 6.76
C ASN C 67 38.13 55.32 6.21
N TYR C 68 38.87 54.64 5.35
CA TYR C 68 40.12 55.16 4.81
C TYR C 68 40.02 55.51 3.34
N LYS C 69 39.65 54.55 2.50
CA LYS C 69 39.52 54.79 1.06
C LYS C 69 38.80 53.60 0.44
N LEU C 70 37.82 53.91 -0.42
CA LEU C 70 37.01 52.89 -1.07
C LEU C 70 37.60 52.41 -2.39
N LYS C 71 38.67 53.03 -2.86
CA LYS C 71 39.24 52.66 -4.15
C LYS C 71 39.97 51.33 -4.06
N PHE C 72 39.94 50.57 -5.15
CA PHE C 72 40.68 49.33 -5.38
C PHE C 72 40.17 48.16 -4.54
N ILE C 73 39.20 48.37 -3.66
CA ILE C 73 38.63 47.30 -2.85
C ILE C 73 37.12 47.30 -3.01
N THR C 74 36.56 46.14 -3.32
CA THR C 74 35.12 46.00 -3.48
C THR C 74 34.54 45.36 -2.23
N PRO C 75 33.67 46.06 -1.50
CA PRO C 75 33.09 45.45 -0.30
C PRO C 75 32.21 44.26 -0.65
N GLY C 76 32.14 43.31 0.29
CA GLY C 76 31.41 42.08 0.09
C GLY C 76 32.25 40.95 -0.45
N VAL C 77 33.27 41.27 -1.26
CA VAL C 77 34.17 40.23 -1.75
C VAL C 77 34.95 39.61 -0.61
N ILE C 78 35.31 40.42 0.40
CA ILE C 78 35.97 39.87 1.58
C ILE C 78 35.02 38.95 2.35
N ASP C 79 33.72 39.26 2.35
CA ASP C 79 32.76 38.34 2.93
C ASP C 79 32.72 37.02 2.16
N PHE C 80 32.80 37.10 0.83
CA PHE C 80 32.86 35.89 0.01
C PHE C 80 34.09 35.07 0.35
N ILE C 81 35.24 35.73 0.52
CA ILE C 81 36.47 35.00 0.80
C ILE C 81 36.42 34.38 2.20
N CYS C 82 35.80 35.07 3.16
CA CYS C 82 35.68 34.50 4.50
C CYS C 82 34.76 33.29 4.50
N THR C 83 33.63 33.39 3.79
CA THR C 83 32.74 32.24 3.68
C THR C 83 33.44 31.07 2.99
N SER C 84 34.21 31.36 1.93
CA SER C 84 34.93 30.30 1.24
C SER C 84 35.94 29.63 2.17
N LEU C 85 36.68 30.42 2.95
CA LEU C 85 37.69 29.83 3.82
C LEU C 85 37.05 28.98 4.90
N ILE C 86 35.96 29.47 5.51
CA ILE C 86 35.34 28.69 6.58
C ILE C 86 34.72 27.41 6.02
N ALA C 87 34.16 27.48 4.81
CA ALA C 87 33.62 26.27 4.19
C ALA C 87 34.73 25.27 3.90
N VAL C 88 35.87 25.75 3.40
CA VAL C 88 37.00 24.86 3.12
C VAL C 88 37.49 24.22 4.42
N ILE C 89 37.56 25.00 5.49
CA ILE C 89 38.02 24.46 6.78
C ILE C 89 37.06 23.40 7.28
N LEU C 90 35.75 23.65 7.15
CA LEU C 90 34.76 22.65 7.57
C LEU C 90 34.91 21.37 6.76
N THR C 91 35.09 21.49 5.45
CA THR C 91 35.28 20.32 4.61
C THR C 91 36.52 19.54 5.01
N ILE C 92 37.62 20.25 5.30
CA ILE C 92 38.86 19.58 5.69
C ILE C 92 38.67 18.84 7.00
N LYS C 93 38.02 19.47 7.97
CA LYS C 93 37.78 18.81 9.25
C LYS C 93 36.92 17.56 9.09
N LEU C 94 35.87 17.66 8.28
CA LEU C 94 34.99 16.52 8.07
C LEU C 94 35.73 15.38 7.37
N PHE C 95 36.55 15.71 6.37
CA PHE C 95 37.30 14.66 5.68
C PHE C 95 38.30 14.01 6.62
N LEU C 96 38.94 14.79 7.49
CA LEU C 96 39.84 14.21 8.47
C LEU C 96 39.11 13.26 9.40
N LEU C 97 37.91 13.65 9.85
CA LEU C 97 37.12 12.77 10.71
C LEU C 97 36.74 11.48 10.01
N ILE C 98 36.34 11.57 8.75
CA ILE C 98 35.98 10.37 7.98
C ILE C 98 37.19 9.46 7.80
N ASN C 99 38.35 10.04 7.50
CA ASN C 99 39.55 9.23 7.34
C ASN C 99 39.93 8.55 8.66
N GLN C 100 39.80 9.25 9.77
CA GLN C 100 40.07 8.64 11.07
C GLN C 100 39.10 7.50 11.35
N PHE C 101 37.83 7.69 11.00
CA PHE C 101 36.84 6.63 11.19
C PHE C 101 37.18 5.41 10.35
N GLU C 102 37.58 5.62 9.09
CA GLU C 102 37.96 4.50 8.24
C GLU C 102 39.18 3.77 8.80
N LYS C 103 40.17 4.52 9.29
CA LYS C 103 41.35 3.89 9.86
C LYS C 103 40.99 3.07 11.09
N GLN C 104 40.12 3.60 11.95
CA GLN C 104 39.69 2.84 13.12
C GLN C 104 38.93 1.59 12.72
N GLN C 105 38.08 1.70 11.70
CA GLN C 105 37.32 0.53 11.24
C GLN C 105 38.26 -0.54 10.71
N ILE C 106 39.29 -0.15 9.94
CA ILE C 106 40.26 -1.11 9.46
C ILE C 106 41.01 -1.74 10.63
N LYS C 107 41.40 -0.92 11.61
CA LYS C 107 42.08 -1.44 12.79
C LYS C 107 41.20 -2.42 13.55
N LYS C 108 39.88 -2.25 13.50
CA LYS C 108 38.98 -3.19 14.15
C LYS C 108 39.01 -4.57 13.51
N GLY C 109 39.60 -4.71 12.32
CA GLY C 109 39.75 -6.00 11.70
C GLY C 109 38.66 -6.33 10.70
N ARG C 110 38.43 -5.44 9.73
CA ARG C 110 37.43 -5.70 8.71
C ARG C 110 38.01 -5.50 7.32
N ASP C 111 37.22 -5.75 6.29
CA ASP C 111 37.69 -5.74 4.91
C ASP C 111 38.15 -4.35 4.50
N ILE C 112 39.12 -4.32 3.59
CA ILE C 112 39.68 -3.05 3.13
C ILE C 112 38.73 -2.35 2.17
N THR C 113 38.39 -3.03 1.07
CA THR C 113 37.60 -2.41 0.01
C THR C 113 36.22 -1.99 0.53
N SER C 114 35.63 -2.79 1.41
CA SER C 114 34.35 -2.40 1.99
C SER C 114 34.48 -1.12 2.79
N ALA C 115 35.56 -0.99 3.56
CA ALA C 115 35.77 0.24 4.33
C ALA C 115 35.96 1.44 3.40
N ARG C 116 36.71 1.26 2.31
CA ARG C 116 36.89 2.36 1.37
C ARG C 116 35.57 2.77 0.74
N ILE C 117 34.73 1.79 0.38
CA ILE C 117 33.45 2.10 -0.23
C ILE C 117 32.54 2.84 0.76
N MET C 118 32.53 2.39 2.02
CA MET C 118 31.75 3.09 3.03
C MET C 118 32.24 4.52 3.22
N SER C 119 33.55 4.71 3.24
CA SER C 119 34.10 6.06 3.37
C SER C 119 33.69 6.93 2.20
N ARG C 120 33.73 6.37 0.98
CA ARG C 120 33.32 7.12 -0.18
C ARG C 120 31.85 7.52 -0.10
N ILE C 121 31.01 6.60 0.37
CA ILE C 121 29.58 6.91 0.51
C ILE C 121 29.36 8.03 1.51
N ILE C 122 30.06 7.97 2.65
CA ILE C 122 29.90 9.01 3.66
C ILE C 122 30.41 10.34 3.13
N LYS C 123 31.53 10.34 2.41
CA LYS C 123 32.03 11.57 1.82
C LYS C 123 31.03 12.16 0.83
N ILE C 124 30.44 11.32 -0.01
CA ILE C 124 29.49 11.80 -1.02
C ILE C 124 28.27 12.41 -0.34
N THR C 125 27.73 11.75 0.68
CA THR C 125 26.55 12.30 1.33
C THR C 125 26.88 13.57 2.11
N ILE C 126 28.09 13.67 2.67
CA ILE C 126 28.49 14.90 3.34
C ILE C 126 28.57 16.05 2.34
N ILE C 127 29.16 15.80 1.17
CA ILE C 127 29.24 16.82 0.13
C ILE C 127 27.85 17.25 -0.31
N VAL C 128 26.95 16.28 -0.49
CA VAL C 128 25.59 16.61 -0.91
C VAL C 128 24.89 17.48 0.13
N VAL C 129 25.04 17.12 1.41
CA VAL C 129 24.41 17.90 2.47
C VAL C 129 24.98 19.32 2.51
N LEU C 130 26.30 19.44 2.38
CA LEU C 130 26.93 20.76 2.39
C LEU C 130 26.45 21.62 1.22
N VAL C 131 26.37 21.02 0.03
CA VAL C 131 25.91 21.76 -1.14
C VAL C 131 24.46 22.22 -0.95
N LEU C 132 23.61 21.33 -0.44
CA LEU C 132 22.23 21.71 -0.18
C LEU C 132 22.14 22.80 0.88
N LEU C 133 23.10 22.84 1.81
CA LEU C 133 23.08 23.82 2.88
C LEU C 133 23.80 25.10 2.49
N TYR C 134 24.93 25.00 1.81
CA TYR C 134 25.76 26.16 1.46
C TYR C 134 25.55 26.59 0.02
N GLY C 135 24.40 26.28 -0.58
CA GLY C 135 24.15 26.61 -1.96
C GLY C 135 23.64 28.01 -2.20
N GLU C 136 23.57 28.85 -1.17
CA GLU C 136 23.10 30.22 -1.32
C GLU C 136 24.18 31.23 -0.98
N HIS C 137 24.82 31.11 0.18
CA HIS C 137 25.90 32.03 0.53
C HIS C 137 27.08 31.90 -0.41
N PHE C 138 27.18 30.79 -1.14
CA PHE C 138 28.19 30.61 -2.17
C PHE C 138 27.56 30.36 -3.54
N GLY C 139 26.55 29.50 -3.61
CA GLY C 139 25.90 29.21 -4.87
C GLY C 139 24.94 30.30 -5.28
N MET C 140 24.28 30.08 -6.41
CA MET C 140 23.42 31.08 -7.02
C MET C 140 21.97 30.64 -7.15
N SER C 141 21.72 29.44 -7.66
CA SER C 141 20.34 29.00 -7.88
C SER C 141 19.63 28.75 -6.56
N LEU C 142 18.33 29.04 -6.54
CA LEU C 142 17.49 28.78 -5.37
C LEU C 142 16.41 27.74 -5.67
N SER C 143 15.57 27.98 -6.68
CA SER C 143 14.48 27.06 -6.97
C SER C 143 15.00 25.70 -7.42
N GLY C 144 16.03 25.69 -8.26
CA GLY C 144 16.58 24.42 -8.71
C GLY C 144 17.16 23.60 -7.57
N LEU C 145 17.94 24.26 -6.71
CA LEU C 145 18.50 23.57 -5.55
C LEU C 145 17.40 23.07 -4.62
N LEU C 146 16.37 23.89 -4.39
CA LEU C 146 15.28 23.48 -3.53
C LEU C 146 14.57 22.25 -4.08
N THR C 147 14.27 22.27 -5.38
CA THR C 147 13.57 21.13 -5.99
C THR C 147 14.43 19.87 -5.96
N PHE C 148 15.72 20.01 -6.28
CA PHE C 148 16.60 18.85 -6.29
C PHE C 148 16.71 18.24 -4.89
N GLY C 149 16.94 19.09 -3.88
CA GLY C 149 17.01 18.59 -2.52
C GLY C 149 15.71 17.97 -2.07
N GLY C 150 14.58 18.58 -2.45
CA GLY C 150 13.29 18.05 -2.05
C GLY C 150 13.02 16.67 -2.62
N ILE C 151 13.30 16.49 -3.91
CA ILE C 151 13.04 15.19 -4.53
C ILE C 151 14.01 14.14 -4.00
N GLY C 152 15.27 14.51 -3.81
CA GLY C 152 16.22 13.56 -3.23
C GLY C 152 15.81 13.13 -1.84
N GLY C 153 15.44 14.09 -0.99
CA GLY C 153 15.00 13.76 0.35
C GLY C 153 13.71 12.95 0.37
N LEU C 154 12.81 13.22 -0.57
CA LEU C 154 11.57 12.45 -0.63
C LEU C 154 11.85 11.01 -0.99
N ALA C 155 12.72 10.78 -1.99
CA ALA C 155 13.09 9.41 -2.34
C ALA C 155 13.77 8.71 -1.16
N VAL C 156 14.69 9.41 -0.50
CA VAL C 156 15.39 8.82 0.63
C VAL C 156 14.42 8.47 1.75
N GLY C 157 13.46 9.36 2.01
CA GLY C 157 12.48 9.09 3.06
C GLY C 157 11.61 7.89 2.74
N MET C 158 11.19 7.75 1.48
CA MET C 158 10.38 6.57 1.15
C MET C 158 11.21 5.30 1.24
N ALA C 159 12.48 5.35 0.83
CA ALA C 159 13.28 4.14 0.77
C ALA C 159 13.65 3.62 2.16
N GLY C 160 13.87 4.50 3.12
CA GLY C 160 14.36 4.09 4.42
C GLY C 160 13.29 3.90 5.47
N LYS C 161 12.07 3.58 5.03
CA LYS C 161 10.96 3.49 5.98
C LYS C 161 11.12 2.32 6.93
N ASP C 162 11.60 1.17 6.45
CA ASP C 162 11.58 -0.04 7.26
C ASP C 162 12.62 -0.01 8.37
N ILE C 163 13.82 0.49 8.08
CA ILE C 163 14.85 0.58 9.10
C ILE C 163 14.43 1.53 10.21
N LEU C 164 13.86 2.68 9.83
CA LEU C 164 13.36 3.62 10.82
C LEU C 164 12.21 3.02 11.62
N SER C 165 11.36 2.23 10.96
CA SER C 165 10.27 1.56 11.68
C SER C 165 10.83 0.61 12.73
N ASN C 166 11.86 -0.15 12.37
CA ASN C 166 12.49 -1.04 13.35
C ASN C 166 13.06 -0.26 14.52
N PHE C 167 13.72 0.87 14.23
CA PHE C 167 14.30 1.68 15.31
C PHE C 167 13.22 2.23 16.24
N PHE C 168 12.13 2.75 15.67
CA PHE C 168 11.06 3.31 16.49
C PHE C 168 10.38 2.24 17.32
N SER C 169 10.14 1.07 16.74
CA SER C 169 9.56 -0.02 17.50
C SER C 169 10.51 -0.48 18.60
N GLY C 170 11.81 -0.41 18.38
CA GLY C 170 12.76 -0.70 19.45
C GLY C 170 12.65 0.27 20.59
N ILE C 171 12.48 1.56 20.27
CA ILE C 171 12.28 2.56 21.34
C ILE C 171 11.00 2.25 22.11
N MET C 172 9.92 1.95 21.38
CA MET C 172 8.66 1.66 22.03
C MET C 172 8.77 0.43 22.93
N LEU C 173 9.48 -0.60 22.47
CA LEU C 173 9.72 -1.77 23.30
C LEU C 173 10.52 -1.39 24.54
N TYR C 174 11.50 -0.52 24.39
CA TYR C 174 12.26 -0.05 25.53
C TYR C 174 11.35 0.60 26.57
N PHE C 175 10.34 1.34 26.14
CA PHE C 175 9.47 1.98 27.11
C PHE C 175 8.31 1.09 27.56
N ASP C 176 7.77 0.27 26.66
CA ASP C 176 6.61 -0.58 26.98
C ASP C 176 6.73 -1.87 26.18
N ARG C 177 7.12 -2.95 26.85
CA ARG C 177 7.23 -4.24 26.19
C ARG C 177 6.44 -5.29 26.95
N PRO C 178 5.70 -6.14 26.24
CA PRO C 178 4.92 -7.18 26.92
C PRO C 178 5.67 -8.48 27.14
N PHE C 179 6.94 -8.41 27.56
CA PHE C 179 7.71 -9.59 27.90
C PHE C 179 9.04 -9.15 28.48
N SER C 180 9.78 -10.12 29.02
CA SER C 180 11.06 -9.87 29.65
C SER C 180 12.07 -10.89 29.13
N ILE C 181 13.32 -10.71 29.53
CA ILE C 181 14.36 -11.67 29.18
C ILE C 181 14.07 -12.99 29.88
N GLY C 182 14.11 -14.08 29.12
CA GLY C 182 13.81 -15.39 29.66
C GLY C 182 12.36 -15.81 29.56
N ASP C 183 11.52 -15.02 28.90
CA ASP C 183 10.11 -15.35 28.76
C ASP C 183 9.88 -16.15 27.50
N TRP C 184 9.04 -17.18 27.61
CA TRP C 184 8.61 -17.95 26.46
C TRP C 184 7.43 -17.25 25.81
N ILE C 185 7.56 -16.91 24.53
CA ILE C 185 6.53 -16.17 23.82
C ILE C 185 6.24 -16.86 22.49
N ARG C 186 5.09 -16.51 21.91
CA ARG C 186 4.68 -17.04 20.61
C ARG C 186 3.65 -16.08 20.03
N SER C 187 3.17 -16.39 18.83
CA SER C 187 2.20 -15.55 18.18
C SER C 187 1.36 -16.37 17.21
N PRO C 188 0.04 -16.12 17.14
CA PRO C 188 -0.80 -16.81 16.16
C PRO C 188 -0.69 -16.26 14.75
N ASP C 189 0.04 -15.17 14.53
CA ASP C 189 0.17 -14.56 13.22
C ASP C 189 1.47 -14.91 12.52
N ARG C 190 2.57 -15.01 13.26
CA ARG C 190 3.87 -15.33 12.70
C ARG C 190 4.52 -16.42 13.54
N ASN C 191 5.64 -16.94 13.04
CA ASN C 191 6.42 -17.94 13.75
C ASN C 191 7.57 -17.25 14.47
N ILE C 192 7.39 -17.00 15.77
CA ILE C 192 8.43 -16.36 16.57
C ILE C 192 8.60 -17.13 17.87
N GLU C 193 8.10 -18.35 17.93
CA GLU C 193 8.04 -19.08 19.20
C GLU C 193 9.43 -19.39 19.71
N GLY C 194 9.64 -19.16 21.01
CA GLY C 194 10.92 -19.41 21.62
C GLY C 194 11.02 -18.64 22.92
N THR C 195 12.25 -18.56 23.43
CA THR C 195 12.56 -17.86 24.67
C THR C 195 13.37 -16.61 24.35
N VAL C 196 12.97 -15.48 24.95
CA VAL C 196 13.63 -14.22 24.67
C VAL C 196 15.02 -14.21 25.29
N ALA C 197 16.01 -13.79 24.51
CA ALA C 197 17.39 -13.74 24.95
C ALA C 197 17.95 -12.32 25.02
N GLU C 198 17.67 -11.49 24.03
CA GLU C 198 18.14 -10.11 24.01
C GLU C 198 17.11 -9.25 23.32
N ILE C 199 16.97 -8.01 23.80
CA ILE C 199 16.09 -7.02 23.21
C ILE C 199 16.96 -5.86 22.75
N GLY C 200 17.32 -5.86 21.47
CA GLY C 200 18.17 -4.82 20.92
C GLY C 200 17.37 -3.64 20.41
N TRP C 201 18.06 -2.77 19.69
CA TRP C 201 17.44 -1.57 19.15
C TRP C 201 16.84 -1.78 17.77
N ARG C 202 17.31 -2.76 17.02
CA ARG C 202 16.77 -3.07 15.70
C ARG C 202 16.07 -4.42 15.65
N ILE C 203 16.65 -5.45 16.28
CA ILE C 203 16.08 -6.79 16.28
C ILE C 203 16.04 -7.33 17.70
N THR C 204 15.19 -8.33 17.90
CA THR C 204 15.09 -9.05 19.16
C THR C 204 15.56 -10.48 18.95
N LYS C 205 16.43 -10.96 19.83
CA LYS C 205 17.02 -12.28 19.71
C LYS C 205 16.22 -13.28 20.55
N ILE C 206 15.83 -14.38 19.92
CA ILE C 206 14.99 -15.40 20.54
C ILE C 206 15.64 -16.75 20.35
N THR C 207 15.72 -17.54 21.42
CA THR C 207 16.25 -18.90 21.37
C THR C 207 15.09 -19.87 21.18
N THR C 208 15.06 -20.54 20.04
CA THR C 208 14.00 -21.48 19.76
C THR C 208 14.17 -22.75 20.61
N PHE C 209 13.12 -23.55 20.65
CA PHE C 209 13.18 -24.82 21.37
C PHE C 209 14.04 -25.84 20.65
N ASP C 210 14.49 -25.54 19.44
CA ASP C 210 15.48 -26.32 18.72
C ASP C 210 16.90 -25.93 19.09
N ASN C 211 17.07 -25.02 20.05
CA ASN C 211 18.38 -24.50 20.47
C ASN C 211 19.08 -23.76 19.34
N ARG C 212 18.33 -22.91 18.63
CA ARG C 212 18.88 -22.10 17.56
C ARG C 212 18.52 -20.64 17.81
N PRO C 213 19.40 -19.72 17.41
CA PRO C 213 19.07 -18.30 17.54
C PRO C 213 18.15 -17.84 16.41
N LEU C 214 17.20 -16.99 16.76
CA LEU C 214 16.25 -16.43 15.82
C LEU C 214 16.19 -14.93 16.00
N TYR C 215 16.32 -14.18 14.91
CA TYR C 215 16.38 -12.73 14.93
C TYR C 215 15.10 -12.16 14.33
N VAL C 216 14.36 -11.41 15.12
CA VAL C 216 13.05 -10.91 14.76
C VAL C 216 13.14 -9.39 14.63
N PRO C 217 12.76 -8.81 13.50
CA PRO C 217 12.72 -7.35 13.39
C PRO C 217 11.75 -6.75 14.39
N ASN C 218 12.14 -5.61 14.98
CA ASN C 218 11.36 -5.03 16.06
C ASN C 218 10.00 -4.51 15.60
N SER C 219 9.86 -4.17 14.31
CA SER C 219 8.60 -3.61 13.84
C SER C 219 7.46 -4.61 13.86
N LEU C 220 7.75 -5.90 14.01
CA LEU C 220 6.69 -6.90 14.04
C LEU C 220 5.81 -6.74 15.27
N PHE C 221 6.38 -6.33 16.40
CA PHE C 221 5.64 -6.25 17.65
C PHE C 221 4.66 -5.09 17.69
N SER C 222 4.59 -4.27 16.66
CA SER C 222 3.61 -3.20 16.58
C SER C 222 2.38 -3.58 15.76
N SER C 223 2.34 -4.77 15.18
CA SER C 223 1.22 -5.14 14.33
C SER C 223 0.70 -6.55 14.55
N ILE C 224 1.35 -7.40 15.33
CA ILE C 224 0.89 -8.76 15.55
C ILE C 224 0.55 -8.94 17.02
N SER C 225 -0.30 -9.93 17.30
CA SER C 225 -0.65 -10.28 18.66
C SER C 225 0.42 -11.18 19.24
N VAL C 226 0.84 -10.88 20.46
CA VAL C 226 1.89 -11.61 21.14
C VAL C 226 1.29 -12.33 22.34
N GLU C 227 1.52 -13.63 22.43
CA GLU C 227 1.08 -14.43 23.55
C GLU C 227 2.29 -14.77 24.42
N ASN C 228 2.06 -14.87 25.73
CA ASN C 228 3.13 -15.08 26.70
C ASN C 228 2.85 -16.35 27.49
N PRO C 229 3.15 -17.51 26.94
CA PRO C 229 3.01 -18.75 27.71
C PRO C 229 3.92 -18.81 28.92
N GLY C 230 4.97 -17.99 28.97
CA GLY C 230 5.81 -17.94 30.14
C GLY C 230 5.14 -17.40 31.38
N ARG C 231 3.99 -16.75 31.24
CA ARG C 231 3.27 -16.19 32.36
C ARG C 231 1.93 -16.88 32.61
N MET C 232 1.80 -18.15 32.23
CA MET C 232 0.55 -18.85 32.44
C MET C 232 0.32 -19.10 33.92
N THR C 233 -0.93 -19.40 34.27
CA THR C 233 -1.27 -19.77 35.63
C THR C 233 -1.59 -21.24 35.80
N ASN C 234 -1.95 -21.93 34.72
CA ASN C 234 -2.27 -23.35 34.78
C ASN C 234 -1.94 -23.99 33.45
N ARG C 235 -1.87 -25.31 33.45
CA ARG C 235 -1.74 -26.11 32.24
C ARG C 235 -3.05 -26.86 32.02
N ARG C 236 -3.50 -26.88 30.76
CA ARG C 236 -4.79 -27.48 30.41
C ARG C 236 -4.62 -28.91 29.94
N ILE C 237 -5.57 -29.75 30.30
CA ILE C 237 -5.65 -31.13 29.82
C ILE C 237 -6.95 -31.30 29.06
N THR C 238 -6.84 -31.66 27.78
CA THR C 238 -8.01 -31.91 26.94
C THR C 238 -7.80 -33.19 26.16
N THR C 239 -8.86 -33.98 26.03
CA THR C 239 -8.82 -35.21 25.27
C THR C 239 -10.24 -35.61 24.89
N THR C 240 -10.36 -36.66 24.09
CA THR C 240 -11.63 -37.17 23.64
C THR C 240 -11.66 -38.69 23.81
N ILE C 241 -12.77 -39.19 24.35
CA ILE C 241 -12.99 -40.61 24.53
C ILE C 241 -13.98 -41.07 23.48
N GLY C 242 -13.54 -41.95 22.58
CA GLY C 242 -14.42 -42.44 21.54
C GLY C 242 -14.88 -43.86 21.77
N LEU C 243 -16.14 -44.02 22.16
CA LEU C 243 -16.71 -45.33 22.45
C LEU C 243 -17.46 -45.88 21.24
N ARG C 244 -17.61 -47.20 21.20
CA ARG C 244 -18.34 -47.83 20.13
C ARG C 244 -19.82 -47.50 20.21
N TYR C 245 -20.50 -47.56 19.06
CA TYR C 245 -21.93 -47.28 19.02
C TYR C 245 -22.74 -48.29 19.81
N GLU C 246 -22.20 -49.50 20.02
CA GLU C 246 -22.90 -50.50 20.81
C GLU C 246 -22.80 -50.24 22.31
N ASP C 247 -22.01 -49.25 22.73
CA ASP C 247 -21.84 -48.90 24.13
C ASP C 247 -22.66 -47.67 24.52
N ALA C 248 -23.76 -47.42 23.81
CA ALA C 248 -24.57 -46.24 24.09
C ALA C 248 -25.26 -46.31 25.44
N ALA C 249 -25.42 -47.51 26.01
CA ALA C 249 -26.11 -47.67 27.28
C ALA C 249 -25.21 -47.45 28.48
N LYS C 250 -23.92 -47.23 28.28
CA LYS C 250 -22.99 -47.03 29.38
C LYS C 250 -22.37 -45.64 29.40
N VAL C 251 -22.81 -44.75 28.52
CA VAL C 251 -22.22 -43.42 28.42
C VAL C 251 -22.41 -42.65 29.72
N GLY C 252 -23.61 -42.73 30.29
CA GLY C 252 -23.87 -41.98 31.51
C GLY C 252 -23.00 -42.41 32.68
N VAL C 253 -22.90 -43.71 32.90
CA VAL C 253 -22.11 -44.20 34.02
C VAL C 253 -20.63 -43.94 33.79
N ILE C 254 -20.17 -44.07 32.55
CA ILE C 254 -18.77 -43.79 32.27
C ILE C 254 -18.45 -42.32 32.50
N VAL C 255 -19.34 -41.42 32.07
CA VAL C 255 -19.13 -40.00 32.29
C VAL C 255 -19.10 -39.69 33.78
N GLU C 256 -20.03 -40.28 34.54
CA GLU C 256 -20.05 -40.05 35.98
C GLU C 256 -18.76 -40.52 36.63
N ALA C 257 -18.29 -41.71 36.26
CA ALA C 257 -17.07 -42.24 36.87
C ALA C 257 -15.86 -41.38 36.53
N VAL C 258 -15.75 -40.94 35.27
CA VAL C 258 -14.62 -40.11 34.89
C VAL C 258 -14.66 -38.78 35.63
N ARG C 259 -15.85 -38.18 35.74
CA ARG C 259 -15.96 -36.91 36.47
C ARG C 259 -15.58 -37.08 37.93
N GLU C 260 -16.01 -38.17 38.56
CA GLU C 260 -15.63 -38.42 39.95
C GLU C 260 -14.13 -38.58 40.09
N MET C 261 -13.51 -39.35 39.19
CA MET C 261 -12.07 -39.55 39.26
C MET C 261 -11.33 -38.23 39.11
N LEU C 262 -11.77 -37.38 38.19
CA LEU C 262 -11.13 -36.08 38.02
C LEU C 262 -11.33 -35.20 39.25
N LYS C 263 -12.51 -35.29 39.88
CA LYS C 263 -12.76 -34.48 41.06
C LYS C 263 -11.92 -34.92 42.25
N ASN C 264 -11.54 -36.19 42.30
CA ASN C 264 -10.77 -36.70 43.43
C ASN C 264 -9.27 -36.80 43.13
N HIS C 265 -8.81 -36.21 42.05
CA HIS C 265 -7.40 -36.34 41.70
C HIS C 265 -6.57 -35.25 42.37
N PRO C 266 -5.45 -35.58 43.00
CA PRO C 266 -4.69 -34.57 43.74
C PRO C 266 -3.94 -33.57 42.87
N ALA C 267 -3.84 -33.81 41.56
CA ALA C 267 -3.07 -32.94 40.68
C ALA C 267 -3.94 -31.96 39.90
N ILE C 268 -5.26 -32.00 40.09
CA ILE C 268 -6.19 -31.20 39.29
C ILE C 268 -6.63 -30.00 40.12
N ASP C 269 -6.65 -28.83 39.48
CA ASP C 269 -7.09 -27.60 40.13
C ASP C 269 -8.62 -27.59 40.19
N GLN C 270 -9.16 -27.69 41.40
CA GLN C 270 -10.61 -27.77 41.57
C GLN C 270 -11.31 -26.43 41.41
N ARG C 271 -10.57 -25.33 41.34
CA ARG C 271 -11.17 -24.01 41.20
C ARG C 271 -11.25 -23.55 39.75
N GLN C 272 -10.86 -24.38 38.81
CA GLN C 272 -10.91 -24.06 37.39
C GLN C 272 -12.04 -24.84 36.73
N THR C 273 -12.13 -24.69 35.41
CA THR C 273 -13.15 -25.41 34.64
C THR C 273 -12.89 -26.91 34.69
N LEU C 274 -13.97 -27.68 34.81
CA LEU C 274 -13.87 -29.14 34.86
C LEU C 274 -15.13 -29.70 34.20
N LEU C 275 -14.99 -30.14 32.95
CA LEU C 275 -16.13 -30.58 32.15
C LEU C 275 -15.89 -31.98 31.61
N VAL C 276 -16.89 -32.84 31.77
CA VAL C 276 -16.90 -34.18 31.19
C VAL C 276 -18.32 -34.45 30.71
N TYR C 277 -18.51 -34.49 29.38
CA TYR C 277 -19.85 -34.62 28.83
C TYR C 277 -19.81 -35.37 27.51
N PHE C 278 -20.85 -36.16 27.26
CA PHE C 278 -21.08 -36.72 25.93
C PHE C 278 -21.34 -35.59 24.95
N ASN C 279 -20.44 -35.42 24.00
CA ASN C 279 -20.34 -34.18 23.24
C ASN C 279 -20.90 -34.24 21.84
N GLN C 280 -20.60 -35.27 21.05
CA GLN C 280 -20.97 -35.23 19.64
C GLN C 280 -21.01 -36.64 19.06
N PHE C 281 -21.72 -36.77 17.95
CA PHE C 281 -21.74 -37.98 17.15
C PHE C 281 -20.62 -37.90 16.12
N ALA C 282 -19.80 -38.96 16.07
CA ALA C 282 -18.74 -39.05 15.08
C ALA C 282 -19.08 -40.14 14.07
N ASP C 283 -18.19 -40.29 13.08
CA ASP C 283 -18.44 -41.26 12.02
C ASP C 283 -18.47 -42.68 12.56
N SER C 284 -17.56 -43.01 13.48
CA SER C 284 -17.44 -44.36 13.97
C SER C 284 -17.57 -44.48 15.49
N SER C 285 -17.76 -43.38 16.21
CA SER C 285 -17.72 -43.43 17.66
C SER C 285 -18.61 -42.36 18.26
N LEU C 286 -18.94 -42.56 19.54
CA LEU C 286 -19.60 -41.54 20.35
C LEU C 286 -18.53 -40.86 21.21
N ASN C 287 -18.37 -39.57 21.03
CA ASN C 287 -17.24 -38.84 21.61
C ASN C 287 -17.64 -38.20 22.93
N ILE C 288 -16.73 -38.30 23.91
CA ILE C 288 -16.88 -37.68 25.21
C ILE C 288 -15.72 -36.71 25.40
N MET C 289 -16.04 -35.47 25.76
CA MET C 289 -15.01 -34.45 25.95
C MET C 289 -14.52 -34.45 27.39
N VAL C 290 -13.24 -34.11 27.54
CA VAL C 290 -12.60 -33.97 28.84
C VAL C 290 -11.86 -32.63 28.86
N TYR C 291 -12.02 -31.89 29.94
CA TYR C 291 -11.53 -30.51 30.00
C TYR C 291 -11.23 -30.17 31.45
N CYS C 292 -9.97 -29.96 31.78
CA CYS C 292 -9.57 -29.66 33.16
C CYS C 292 -8.22 -28.97 33.14
N PHE C 293 -7.75 -28.60 34.33
CA PHE C 293 -6.49 -27.90 34.51
C PHE C 293 -5.69 -28.54 35.63
N THR C 294 -4.37 -28.37 35.58
CA THR C 294 -3.48 -28.80 36.65
C THR C 294 -3.00 -27.61 37.45
N LYS C 295 -2.67 -27.87 38.72
CA LYS C 295 -2.13 -26.81 39.56
C LYS C 295 -0.74 -26.37 39.09
N THR C 296 0.10 -27.32 38.71
CA THR C 296 1.46 -27.02 38.32
C THR C 296 1.51 -26.40 36.93
N THR C 297 2.61 -25.69 36.67
CA THR C 297 2.89 -25.14 35.35
C THR C 297 4.20 -25.66 34.78
N VAL C 298 4.81 -26.65 35.42
CA VAL C 298 6.08 -27.21 34.95
C VAL C 298 5.80 -28.27 33.90
N TRP C 299 6.67 -28.32 32.88
CA TRP C 299 6.47 -29.22 31.75
C TRP C 299 6.40 -30.67 32.18
N ALA C 300 7.41 -31.13 32.92
CA ALA C 300 7.49 -32.55 33.25
C ALA C 300 6.37 -32.99 34.17
N GLU C 301 6.05 -32.19 35.18
CA GLU C 301 4.99 -32.57 36.11
C GLU C 301 3.63 -32.58 35.41
N TRP C 302 3.39 -31.62 34.53
CA TRP C 302 2.15 -31.62 33.76
C TRP C 302 2.05 -32.86 32.90
N LEU C 303 3.14 -33.24 32.23
CA LEU C 303 3.10 -34.44 31.40
C LEU C 303 2.86 -35.70 32.24
N ALA C 304 3.48 -35.77 33.41
CA ALA C 304 3.27 -36.94 34.26
C ALA C 304 1.84 -37.03 34.74
N ALA C 305 1.25 -35.90 35.14
CA ALA C 305 -0.15 -35.90 35.56
C ALA C 305 -1.06 -36.30 34.42
N GLN C 306 -0.79 -35.80 33.22
CA GLN C 306 -1.59 -36.17 32.06
C GLN C 306 -1.52 -37.66 31.78
N GLN C 307 -0.32 -38.25 31.88
CA GLN C 307 -0.18 -39.68 31.66
C GLN C 307 -0.96 -40.47 32.69
N ASP C 308 -0.87 -40.06 33.97
CA ASP C 308 -1.62 -40.74 35.01
C ASP C 308 -3.12 -40.68 34.75
N VAL C 309 -3.61 -39.50 34.35
CA VAL C 309 -5.04 -39.34 34.07
C VAL C 309 -5.46 -40.24 32.91
N TYR C 310 -4.64 -40.30 31.86
CA TYR C 310 -4.99 -41.12 30.71
C TYR C 310 -5.06 -42.61 31.08
N LEU C 311 -4.10 -43.08 31.87
CA LEU C 311 -4.13 -44.48 32.28
C LEU C 311 -5.37 -44.77 33.13
N LYS C 312 -5.71 -43.86 34.04
CA LYS C 312 -6.91 -44.05 34.85
C LYS C 312 -8.16 -44.07 33.97
N ILE C 313 -8.20 -43.23 32.94
CA ILE C 313 -9.35 -43.21 32.04
C ILE C 313 -9.47 -44.54 31.31
N ILE C 314 -8.35 -45.09 30.84
CA ILE C 314 -8.38 -46.39 30.17
C ILE C 314 -8.94 -47.45 31.11
N ASP C 315 -8.47 -47.45 32.35
CA ASP C 315 -8.96 -48.43 33.31
C ASP C 315 -10.45 -48.28 33.55
N ILE C 316 -10.92 -47.04 33.70
CA ILE C 316 -12.34 -46.80 33.95
C ILE C 316 -13.18 -47.30 32.79
N VAL C 317 -12.76 -46.98 31.56
CA VAL C 317 -13.52 -47.36 30.38
C VAL C 317 -13.59 -48.89 30.27
N GLN C 318 -12.45 -49.56 30.44
CA GLN C 318 -12.45 -50.99 30.26
C GLN C 318 -13.12 -51.73 31.41
N SER C 319 -13.24 -51.11 32.58
CA SER C 319 -13.85 -51.78 33.72
C SER C 319 -15.37 -51.84 33.61
N HIS C 320 -15.98 -50.99 32.80
CA HIS C 320 -17.43 -50.94 32.67
C HIS C 320 -17.96 -51.78 31.51
N GLY C 321 -17.09 -52.51 30.81
CA GLY C 321 -17.51 -53.33 29.70
C GLY C 321 -17.54 -52.64 28.35
N ALA C 322 -17.18 -51.37 28.28
CA ALA C 322 -17.11 -50.66 27.02
C ALA C 322 -15.72 -50.85 26.41
N ASP C 323 -15.47 -50.17 25.28
CA ASP C 323 -14.17 -50.25 24.64
C ASP C 323 -14.03 -49.09 23.67
N PHE C 324 -12.77 -48.78 23.33
CA PHE C 324 -12.48 -47.75 22.36
C PHE C 324 -12.78 -48.27 20.96
N ALA C 325 -13.07 -47.34 20.05
CA ALA C 325 -13.55 -47.68 18.72
C ALA C 325 -12.48 -47.38 17.67
N PHE C 326 -12.19 -48.37 16.85
CA PHE C 326 -11.41 -48.15 15.64
C PHE C 326 -12.30 -47.54 14.57
N PRO C 327 -11.70 -46.93 13.54
CA PRO C 327 -12.50 -46.55 12.37
C PRO C 327 -13.21 -47.77 11.79
N SER C 328 -14.47 -47.60 11.44
CA SER C 328 -15.33 -48.72 11.08
C SER C 328 -15.98 -48.48 9.72
N GLN C 329 -16.31 -49.59 9.06
CA GLN C 329 -16.96 -49.55 7.76
C GLN C 329 -17.94 -50.71 7.65
N THR C 330 -18.93 -50.53 6.78
CA THR C 330 -19.85 -51.59 6.41
C THR C 330 -19.61 -51.96 4.96
N LEU C 331 -19.39 -53.24 4.69
CA LEU C 331 -19.01 -53.71 3.36
C LEU C 331 -20.09 -54.62 2.81
N TYR C 332 -20.54 -54.33 1.59
CA TYR C 332 -21.51 -55.14 0.88
C TYR C 332 -20.77 -55.90 -0.21
N MET C 333 -20.77 -57.23 -0.11
CA MET C 333 -19.94 -58.07 -0.95
C MET C 333 -20.69 -58.46 -2.22
N ASP C 334 -19.97 -58.46 -3.34
CA ASP C 334 -20.55 -58.85 -4.62
C ASP C 334 -19.46 -59.30 -5.59
N ALA D 3 20.70 60.48 34.57
CA ALA D 3 19.82 61.49 35.13
C ALA D 3 18.58 61.68 34.26
N GLU D 4 18.78 62.28 33.08
CA GLU D 4 17.69 62.52 32.16
C GLU D 4 17.22 61.26 31.44
N LEU D 5 18.06 60.24 31.36
CA LEU D 5 17.68 58.99 30.70
C LEU D 5 16.70 58.18 31.54
N PHE D 6 16.65 58.42 32.86
CA PHE D 6 15.75 57.66 33.72
C PHE D 6 14.29 57.96 33.43
N THR D 7 13.99 59.10 32.80
CA THR D 7 12.60 59.48 32.55
C THR D 7 11.93 58.51 31.59
N ASN D 8 12.65 58.05 30.56
CA ASN D 8 12.09 57.23 29.51
C ASN D 8 12.18 55.73 29.80
N ASN D 9 12.80 55.34 30.92
CA ASN D 9 12.99 53.92 31.21
C ASN D 9 12.43 53.51 32.57
N ALA D 10 11.74 54.40 33.27
CA ALA D 10 11.34 54.13 34.65
C ALA D 10 10.51 52.86 34.76
N LEU D 11 9.58 52.66 33.84
CA LEU D 11 8.77 51.44 33.86
C LEU D 11 9.63 50.20 33.71
N ASN D 12 10.74 50.30 32.99
CA ASN D 12 11.59 49.13 32.76
C ASN D 12 12.27 48.69 34.05
N LEU D 13 12.89 49.63 34.77
CA LEU D 13 13.47 49.26 36.06
C LEU D 13 12.39 48.85 37.05
N VAL D 14 11.20 49.45 36.95
CA VAL D 14 10.10 49.06 37.83
C VAL D 14 9.74 47.60 37.62
N ILE D 15 9.57 47.18 36.37
CA ILE D 15 9.19 45.81 36.10
C ILE D 15 10.35 44.85 36.39
N ILE D 16 11.59 45.29 36.18
CA ILE D 16 12.73 44.45 36.53
C ILE D 16 12.75 44.17 38.03
N PHE D 17 12.59 45.23 38.84
CA PHE D 17 12.57 45.07 40.29
C PHE D 17 11.38 44.21 40.72
N GLY D 18 10.22 44.41 40.10
CA GLY D 18 9.06 43.60 40.43
C GLY D 18 9.27 42.13 40.12
N SER D 19 9.88 41.84 38.97
CA SER D 19 10.17 40.45 38.60
C SER D 19 11.17 39.83 39.57
N CYS D 20 12.21 40.57 39.95
CA CYS D 20 13.17 40.04 40.91
C CYS D 20 12.52 39.77 42.26
N ALA D 21 11.65 40.69 42.71
CA ALA D 21 10.95 40.50 43.98
C ALA D 21 10.03 39.29 43.92
N ALA D 22 9.32 39.12 42.79
CA ALA D 22 8.46 37.96 42.64
C ALA D 22 9.27 36.67 42.63
N LEU D 23 10.44 36.69 41.99
CA LEU D 23 11.31 35.51 41.98
C LEU D 23 11.75 35.15 43.39
N ILE D 24 12.16 36.15 44.17
CA ILE D 24 12.58 35.89 45.54
C ILE D 24 11.41 35.39 46.37
N LEU D 25 10.23 35.99 46.18
CA LEU D 25 9.05 35.58 46.93
C LEU D 25 8.68 34.14 46.62
N MET D 26 8.74 33.74 45.35
CA MET D 26 8.38 32.37 45.01
C MET D 26 9.46 31.39 45.42
N SER D 27 10.72 31.83 45.48
CA SER D 27 11.77 30.99 46.06
C SER D 27 11.51 30.73 47.53
N PHE D 28 11.14 31.77 48.28
CA PHE D 28 10.79 31.58 49.68
C PHE D 28 9.55 30.71 49.83
N TRP D 29 8.56 30.90 48.95
CA TRP D 29 7.33 30.12 49.01
C TRP D 29 7.63 28.64 48.78
N PHE D 30 8.51 28.33 47.82
CA PHE D 30 8.96 26.97 47.64
C PHE D 30 9.71 26.46 48.86
N ARG D 31 10.57 27.29 49.44
CA ARG D 31 11.34 26.87 50.61
C ARG D 31 10.43 26.56 51.79
N ARG D 32 9.27 27.22 51.87
CA ARG D 32 8.32 26.98 52.95
C ARG D 32 7.36 25.87 52.52
N GLY D 33 7.52 24.69 53.13
CA GLY D 33 6.64 23.56 52.90
C GLY D 33 7.04 22.67 51.75
N ASN D 34 7.64 23.24 50.70
CA ASN D 34 8.04 22.53 49.48
C ASN D 34 6.99 21.52 49.04
N ARG D 35 5.74 22.00 48.95
CA ARG D 35 4.64 21.14 48.50
C ARG D 35 4.73 20.86 47.01
N LYS D 36 5.41 21.71 46.26
CA LYS D 36 5.50 21.58 44.81
C LYS D 36 6.67 20.68 44.43
N ARG D 37 6.75 20.37 43.14
CA ARG D 37 7.87 19.64 42.56
C ARG D 37 8.66 20.60 41.67
N LYS D 38 9.93 20.79 42.00
CA LYS D 38 10.79 21.72 41.26
C LYS D 38 11.33 21.03 40.01
N GLY D 39 10.43 20.82 39.05
CA GLY D 39 10.77 20.17 37.81
C GLY D 39 10.72 21.09 36.61
N PHE D 40 9.76 20.86 35.71
CA PHE D 40 9.67 21.64 34.49
C PHE D 40 9.07 23.03 34.73
N LEU D 41 8.12 23.16 35.66
CA LEU D 41 7.41 24.42 35.82
C LEU D 41 8.30 25.49 36.42
N PHE D 42 9.06 25.15 37.45
CA PHE D 42 9.95 26.13 38.08
C PHE D 42 11.09 26.51 37.15
N HIS D 43 11.60 25.54 36.38
CA HIS D 43 12.60 25.84 35.36
C HIS D 43 12.04 26.78 34.30
N ALA D 44 10.79 26.54 33.87
CA ALA D 44 10.17 27.42 32.88
C ALA D 44 9.97 28.83 33.44
N VAL D 45 9.60 28.93 34.72
CA VAL D 45 9.44 30.25 35.34
C VAL D 45 10.78 30.98 35.35
N GLN D 46 11.85 30.28 35.73
CA GLN D 46 13.18 30.89 35.67
C GLN D 46 13.52 31.32 34.24
N PHE D 47 13.19 30.49 33.27
CA PHE D 47 13.48 30.81 31.87
C PHE D 47 12.78 32.08 31.44
N LEU D 48 11.48 32.19 31.75
CA LEU D 48 10.74 33.36 31.29
C LEU D 48 11.19 34.62 32.01
N ILE D 49 11.48 34.54 33.31
CA ILE D 49 11.94 35.74 34.01
C ILE D 49 13.31 36.16 33.50
N TYR D 50 14.19 35.18 33.21
CA TYR D 50 15.49 35.51 32.64
C TYR D 50 15.33 36.19 31.29
N THR D 51 14.43 35.66 30.45
CA THR D 51 14.22 36.24 29.13
C THR D 51 13.73 37.67 29.25
N ILE D 52 12.76 37.92 30.13
CA ILE D 52 12.21 39.27 30.21
C ILE D 52 13.23 40.25 30.78
N ILE D 53 14.03 39.81 31.76
CA ILE D 53 15.00 40.74 32.34
C ILE D 53 16.10 41.05 31.33
N ILE D 54 16.55 40.05 30.55
CA ILE D 54 17.60 40.37 29.59
C ILE D 54 17.04 41.20 28.44
N SER D 55 15.78 41.00 28.06
CA SER D 55 15.17 41.86 27.06
C SER D 55 15.11 43.30 27.55
N ALA D 56 14.75 43.49 28.82
CA ALA D 56 14.73 44.83 29.39
C ALA D 56 16.12 45.45 29.41
N VAL D 57 17.13 44.66 29.78
CA VAL D 57 18.50 45.19 29.80
C VAL D 57 18.96 45.57 28.40
N GLY D 58 18.63 44.73 27.41
CA GLY D 58 18.98 45.06 26.04
C GLY D 58 18.29 46.31 25.55
N SER D 59 17.02 46.50 25.93
CA SER D 59 16.33 47.73 25.56
C SER D 59 16.99 48.95 26.20
N ILE D 60 17.40 48.82 27.46
CA ILE D 60 18.10 49.92 28.13
C ILE D 60 19.41 50.24 27.42
N ILE D 61 20.16 49.21 27.04
CA ILE D 61 21.43 49.42 26.34
C ILE D 61 21.17 50.10 25.00
N ASN D 62 20.15 49.65 24.28
CA ASN D 62 19.81 50.27 23.00
C ASN D 62 19.48 51.74 23.17
N TYR D 63 18.64 52.06 24.16
CA TYR D 63 18.25 53.45 24.40
C TYR D 63 19.45 54.30 24.78
N VAL D 64 20.32 53.77 25.65
CA VAL D 64 21.50 54.52 26.06
C VAL D 64 22.41 54.80 24.87
N ILE D 65 22.64 53.79 24.03
CA ILE D 65 23.52 53.97 22.88
C ILE D 65 22.92 54.97 21.91
N GLU D 66 21.62 54.85 21.62
CA GLU D 66 20.99 55.72 20.65
C GLU D 66 20.80 57.14 21.16
N ASN D 67 20.79 57.34 22.48
CA ASN D 67 20.52 58.65 23.05
C ASN D 67 21.78 59.35 23.57
N TYR D 68 22.89 58.63 23.72
CA TYR D 68 24.11 59.21 24.25
C TYR D 68 25.20 59.34 23.19
N LYS D 69 25.58 58.24 22.55
CA LYS D 69 26.61 58.26 21.51
C LYS D 69 26.57 56.93 20.77
N LEU D 70 26.62 57.01 19.44
CA LEU D 70 26.56 55.83 18.59
C LEU D 70 27.93 55.23 18.29
N LYS D 71 29.01 55.89 18.70
CA LYS D 71 30.35 55.40 18.40
C LYS D 71 30.69 54.19 19.25
N PHE D 72 31.49 53.28 18.67
CA PHE D 72 32.08 52.11 19.30
C PHE D 72 31.06 51.02 19.63
N ILE D 73 29.77 51.24 19.40
CA ILE D 73 28.74 50.25 19.66
C ILE D 73 27.92 50.07 18.41
N THR D 74 27.74 48.82 17.98
CA THR D 74 26.94 48.51 16.81
C THR D 74 25.58 48.00 17.26
N PRO D 75 24.49 48.68 16.93
CA PRO D 75 23.17 48.20 17.34
C PRO D 75 22.82 46.88 16.65
N GLY D 76 22.02 46.07 17.34
CA GLY D 76 21.66 44.76 16.87
C GLY D 76 22.58 43.65 17.37
N VAL D 77 23.85 43.96 17.59
CA VAL D 77 24.77 42.97 18.14
C VAL D 77 24.37 42.60 19.56
N ILE D 78 23.85 43.56 20.32
CA ILE D 78 23.34 43.26 21.65
C ILE D 78 22.11 42.36 21.57
N ASP D 79 21.30 42.53 20.52
CA ASP D 79 20.19 41.60 20.30
C ASP D 79 20.71 40.20 20.03
N PHE D 80 21.79 40.10 19.24
CA PHE D 80 22.40 38.81 18.98
C PHE D 80 22.90 38.17 20.26
N ILE D 81 23.53 38.97 21.14
CA ILE D 81 24.06 38.41 22.38
C ILE D 81 22.94 37.99 23.32
N CYS D 82 21.83 38.74 23.32
CA CYS D 82 20.70 38.36 24.17
C CYS D 82 20.06 37.07 23.67
N THR D 83 19.88 36.95 22.36
CA THR D 83 19.37 35.70 21.80
C THR D 83 20.30 34.53 22.10
N SER D 84 21.61 34.74 21.97
CA SER D 84 22.56 33.69 22.28
C SER D 84 22.46 33.26 23.73
N LEU D 85 22.37 34.22 24.65
CA LEU D 85 22.32 33.87 26.06
C LEU D 85 21.04 33.12 26.39
N ILE D 86 19.89 33.57 25.87
CA ILE D 86 18.65 32.88 26.19
C ILE D 86 18.63 31.48 25.59
N ALA D 87 19.20 31.32 24.39
CA ALA D 87 19.29 29.99 23.80
C ALA D 87 20.18 29.08 24.63
N VAL D 88 21.31 29.61 25.12
CA VAL D 88 22.20 28.81 25.95
C VAL D 88 21.50 28.41 27.24
N ILE D 89 20.75 29.34 27.84
CA ILE D 89 20.04 29.03 29.08
C ILE D 89 18.99 27.96 28.84
N LEU D 90 18.26 28.04 27.72
CA LEU D 90 17.28 27.01 27.39
C LEU D 90 17.94 25.66 27.23
N THR D 91 19.07 25.62 26.51
CA THR D 91 19.79 24.36 26.33
C THR D 91 20.23 23.79 27.67
N ILE D 92 20.75 24.64 28.56
CA ILE D 92 21.21 24.16 29.87
C ILE D 92 20.05 23.59 30.67
N LYS D 93 18.91 24.28 30.67
CA LYS D 93 17.76 23.78 31.41
C LYS D 93 17.28 22.44 30.85
N LEU D 94 17.23 22.32 29.52
CA LEU D 94 16.78 21.07 28.92
C LEU D 94 17.75 19.93 29.24
N PHE D 95 19.05 20.20 29.18
CA PHE D 95 20.02 19.15 29.51
C PHE D 95 19.91 18.74 30.97
N LEU D 96 19.68 19.71 31.86
CA LEU D 96 19.48 19.37 33.27
C LEU D 96 18.25 18.48 33.44
N LEU D 97 17.16 18.80 32.74
CA LEU D 97 15.96 17.97 32.84
C LEU D 97 16.21 16.56 32.33
N ILE D 98 16.93 16.43 31.21
CA ILE D 98 17.24 15.10 30.66
C ILE D 98 18.11 14.31 31.63
N ASN D 99 19.11 14.97 32.23
CA ASN D 99 19.97 14.27 33.19
C ASN D 99 19.17 13.82 34.41
N GLN D 100 18.26 14.67 34.89
CA GLN D 100 17.41 14.27 36.01
C GLN D 100 16.53 13.08 35.63
N PHE D 101 15.99 13.08 34.41
CA PHE D 101 15.17 11.96 33.95
C PHE D 101 15.98 10.67 33.89
N GLU D 102 17.21 10.75 33.38
CA GLU D 102 18.07 9.57 33.33
C GLU D 102 18.39 9.06 34.73
N LYS D 103 18.67 9.97 35.66
CA LYS D 103 18.96 9.57 37.03
C LYS D 103 17.76 8.88 37.66
N GLN D 104 16.56 9.43 37.45
CA GLN D 104 15.35 8.80 37.99
C GLN D 104 15.12 7.43 37.35
N GLN D 105 15.37 7.31 36.06
CA GLN D 105 15.20 6.01 35.39
C GLN D 105 16.16 4.98 35.96
N ILE D 106 17.42 5.37 36.19
CA ILE D 106 18.38 4.46 36.79
C ILE D 106 17.93 4.08 38.21
N LYS D 107 17.45 5.06 38.97
CA LYS D 107 16.96 4.79 40.32
C LYS D 107 15.78 3.83 40.30
N LYS D 108 14.98 3.86 39.22
CA LYS D 108 13.86 2.93 39.10
C LYS D 108 14.32 1.48 38.96
N GLY D 109 15.61 1.25 38.69
CA GLY D 109 16.12 -0.10 38.63
C GLY D 109 16.18 -0.68 37.24
N ARG D 110 16.83 0.04 36.31
CA ARG D 110 16.95 -0.46 34.95
C ARG D 110 18.40 -0.40 34.49
N ASP D 111 18.68 -0.87 33.28
CA ASP D 111 20.04 -1.00 32.79
C ASP D 111 20.71 0.36 32.64
N ILE D 112 22.03 0.36 32.80
CA ILE D 112 22.79 1.61 32.74
C ILE D 112 22.95 2.07 31.29
N THR D 113 23.56 1.20 30.46
CA THR D 113 23.89 1.59 29.09
C THR D 113 22.64 1.93 28.29
N SER D 114 21.54 1.20 28.52
CA SER D 114 20.29 1.53 27.85
C SER D 114 19.80 2.92 28.22
N ALA D 115 19.91 3.27 29.51
CA ALA D 115 19.51 4.60 29.94
C ALA D 115 20.38 5.67 29.31
N ARG D 116 21.69 5.43 29.23
CA ARG D 116 22.58 6.40 28.59
C ARG D 116 22.24 6.56 27.12
N ILE D 117 21.95 5.47 26.43
CA ILE D 117 21.60 5.56 25.00
C ILE D 117 20.30 6.33 24.82
N MET D 118 19.29 6.05 25.67
CA MET D 118 18.05 6.80 25.58
C MET D 118 18.27 8.29 25.83
N SER D 119 19.11 8.62 26.82
CA SER D 119 19.40 10.02 27.09
C SER D 119 20.10 10.67 25.89
N ARG D 120 21.02 9.96 25.26
CA ARG D 120 21.69 10.50 24.08
C ARG D 120 20.70 10.74 22.95
N ILE D 121 19.77 9.82 22.76
CA ILE D 121 18.76 9.99 21.70
C ILE D 121 17.90 11.21 21.98
N ILE D 122 17.47 11.37 23.23
CA ILE D 122 16.63 12.52 23.57
C ILE D 122 17.41 13.82 23.39
N LYS D 123 18.68 13.84 23.79
CA LYS D 123 19.50 15.02 23.60
C LYS D 123 19.65 15.36 22.12
N ILE D 124 19.89 14.34 21.29
CA ILE D 124 20.07 14.58 19.86
C ILE D 124 18.80 15.15 19.24
N THR D 125 17.65 14.58 19.58
CA THR D 125 16.41 15.09 18.99
C THR D 125 16.07 16.49 19.51
N ILE D 126 16.42 16.79 20.77
CA ILE D 126 16.21 18.14 21.28
C ILE D 126 17.08 19.14 20.53
N ILE D 127 18.35 18.79 20.29
CA ILE D 127 19.24 19.66 19.53
C ILE D 127 18.70 19.87 18.12
N VAL D 128 18.22 18.80 17.49
CA VAL D 128 17.70 18.93 16.12
C VAL D 128 16.50 19.85 16.10
N VAL D 129 15.58 19.69 17.06
CA VAL D 129 14.40 20.54 17.12
C VAL D 129 14.80 22.00 17.33
N LEU D 130 15.75 22.24 18.24
CA LEU D 130 16.18 23.61 18.50
C LEU D 130 16.81 24.23 17.27
N VAL D 131 17.65 23.48 16.56
CA VAL D 131 18.28 23.99 15.35
C VAL D 131 17.24 24.32 14.30
N LEU D 132 16.27 23.43 14.11
CA LEU D 132 15.19 23.69 13.15
C LEU D 132 14.37 24.91 13.57
N LEU D 133 14.27 25.17 14.87
CA LEU D 133 13.47 26.29 15.36
C LEU D 133 14.28 27.57 15.44
N TYR D 134 15.53 27.49 15.91
CA TYR D 134 16.36 28.67 16.12
C TYR D 134 17.35 28.88 14.99
N GLY D 135 17.08 28.35 13.80
CA GLY D 135 17.99 28.47 12.68
C GLY D 135 17.91 29.76 11.90
N GLU D 136 17.11 30.73 12.36
CA GLU D 136 16.96 32.00 11.67
C GLU D 136 17.45 33.16 12.53
N HIS D 137 16.96 33.27 13.77
CA HIS D 137 17.41 34.34 14.65
C HIS D 137 18.89 34.21 14.99
N PHE D 138 19.46 33.02 14.80
CA PHE D 138 20.90 32.80 14.95
C PHE D 138 21.53 32.30 13.67
N GLY D 139 20.91 31.34 12.99
CA GLY D 139 21.44 30.81 11.76
C GLY D 139 21.19 31.73 10.58
N MET D 140 21.63 31.28 9.42
CA MET D 140 21.59 32.10 8.21
C MET D 140 20.75 31.49 7.10
N SER D 141 20.93 30.21 6.79
CA SER D 141 20.20 29.61 5.68
C SER D 141 18.73 29.47 6.00
N LEU D 142 17.89 29.61 4.97
CA LEU D 142 16.45 29.43 5.11
C LEU D 142 15.95 28.26 4.27
N SER D 143 16.21 28.26 2.97
CA SER D 143 15.69 27.20 2.10
C SER D 143 16.31 25.85 2.45
N GLY D 144 17.61 25.83 2.72
CA GLY D 144 18.26 24.58 3.07
C GLY D 144 17.71 24.00 4.36
N LEU D 145 17.58 24.83 5.39
CA LEU D 145 17.02 24.39 6.65
C LEU D 145 15.59 23.90 6.47
N LEU D 146 14.79 24.63 5.70
CA LEU D 146 13.40 24.24 5.47
C LEU D 146 13.33 22.88 4.79
N THR D 147 14.14 22.68 3.74
CA THR D 147 14.12 21.40 3.03
C THR D 147 14.59 20.26 3.92
N PHE D 148 15.66 20.47 4.68
CA PHE D 148 16.19 19.43 5.54
C PHE D 148 15.17 19.04 6.61
N GLY D 149 14.57 20.04 7.26
CA GLY D 149 13.55 19.74 8.25
C GLY D 149 12.34 19.06 7.63
N GLY D 150 11.94 19.48 6.44
CA GLY D 150 10.79 18.88 5.80
C GLY D 150 11.00 17.42 5.47
N ILE D 151 12.17 17.09 4.91
CA ILE D 151 12.41 15.70 4.54
C ILE D 151 12.59 14.84 5.78
N GLY D 152 13.26 15.37 6.81
CA GLY D 152 13.38 14.61 8.04
C GLY D 152 12.03 14.34 8.69
N GLY D 153 11.18 15.36 8.77
CA GLY D 153 9.86 15.17 9.32
C GLY D 153 8.99 14.25 8.50
N LEU D 154 9.14 14.29 7.17
CA LEU D 154 8.37 13.40 6.32
C LEU D 154 8.77 11.94 6.55
N ALA D 155 10.08 11.67 6.62
CA ALA D 155 10.53 10.32 6.93
C ALA D 155 10.04 9.87 8.30
N VAL D 156 10.14 10.75 9.29
CA VAL D 156 9.69 10.39 10.65
C VAL D 156 8.20 10.10 10.65
N GLY D 157 7.41 10.90 9.93
CA GLY D 157 5.99 10.69 9.89
C GLY D 157 5.62 9.37 9.23
N MET D 158 6.31 9.01 8.14
CA MET D 158 6.01 7.72 7.52
C MET D 158 6.42 6.57 8.42
N ALA D 159 7.54 6.70 9.13
CA ALA D 159 8.04 5.58 9.90
C ALA D 159 7.20 5.30 11.14
N GLY D 160 6.64 6.33 11.76
CA GLY D 160 5.94 6.14 13.02
C GLY D 160 4.43 6.00 12.88
N LYS D 161 3.97 5.49 11.74
CA LYS D 161 2.54 5.42 11.50
C LYS D 161 1.86 4.42 12.41
N ASP D 162 2.49 3.27 12.67
CA ASP D 162 1.81 2.18 13.36
C ASP D 162 1.61 2.48 14.85
N ILE D 163 2.62 3.06 15.50
CA ILE D 163 2.50 3.40 16.92
C ILE D 163 1.42 4.44 17.11
N LEU D 164 1.40 5.46 16.25
CA LEU D 164 0.35 6.47 16.33
C LEU D 164 -1.02 5.88 16.04
N SER D 165 -1.10 4.91 15.12
CA SER D 165 -2.36 4.24 14.86
C SER D 165 -2.85 3.51 16.10
N ASN D 166 -1.95 2.82 16.79
CA ASN D 166 -2.34 2.14 18.03
C ASN D 166 -2.84 3.14 19.06
N PHE D 167 -2.15 4.28 19.20
CA PHE D 167 -2.58 5.28 20.18
C PHE D 167 -3.96 5.84 19.83
N PHE D 168 -4.19 6.16 18.56
CA PHE D 168 -5.48 6.71 18.16
C PHE D 168 -6.61 5.70 18.34
N SER D 169 -6.35 4.44 18.00
CA SER D 169 -7.36 3.41 18.22
C SER D 169 -7.62 3.22 19.71
N GLY D 170 -6.60 3.39 20.55
CA GLY D 170 -6.84 3.35 21.98
C GLY D 170 -7.75 4.46 22.44
N ILE D 171 -7.56 5.67 21.90
CA ILE D 171 -8.47 6.77 22.24
C ILE D 171 -9.89 6.45 21.80
N MET D 172 -10.03 5.94 20.58
CA MET D 172 -11.35 5.61 20.06
C MET D 172 -12.02 4.53 20.91
N LEU D 173 -11.24 3.54 21.35
CA LEU D 173 -11.79 2.52 22.25
C LEU D 173 -12.22 3.14 23.57
N TYR D 174 -11.43 4.09 24.07
CA TYR D 174 -11.81 4.79 25.29
C TYR D 174 -13.16 5.47 25.14
N PHE D 175 -13.45 6.04 23.97
CA PHE D 175 -14.73 6.71 23.80
C PHE D 175 -15.84 5.77 23.35
N ASP D 176 -15.53 4.79 22.52
CA ASP D 176 -16.54 3.87 21.97
C ASP D 176 -15.91 2.50 21.79
N ARG D 177 -16.21 1.57 22.69
CA ARG D 177 -15.69 0.23 22.57
C ARG D 177 -16.82 -0.79 22.62
N PRO D 178 -16.78 -1.80 21.76
CA PRO D 178 -17.85 -2.81 21.76
C PRO D 178 -17.59 -3.98 22.71
N PHE D 179 -17.09 -3.71 23.91
CA PHE D 179 -16.92 -4.76 24.91
C PHE D 179 -16.51 -4.10 26.21
N SER D 180 -16.49 -4.91 27.28
CA SER D 180 -16.14 -4.44 28.61
C SER D 180 -15.15 -5.41 29.23
N ILE D 181 -14.63 -5.04 30.41
CA ILE D 181 -13.74 -5.93 31.15
C ILE D 181 -14.52 -7.16 31.58
N GLY D 182 -13.95 -8.34 31.32
CA GLY D 182 -14.61 -9.58 31.65
C GLY D 182 -15.48 -10.16 30.56
N ASP D 183 -15.48 -9.56 29.37
CA ASP D 183 -16.28 -10.04 28.26
C ASP D 183 -15.49 -11.04 27.42
N TRP D 184 -16.15 -12.12 27.04
CA TRP D 184 -15.57 -13.09 26.12
C TRP D 184 -15.81 -12.62 24.70
N ILE D 185 -14.72 -12.45 23.94
CA ILE D 185 -14.80 -11.93 22.58
C ILE D 185 -13.99 -12.83 21.65
N ARG D 186 -14.26 -12.68 20.36
CA ARG D 186 -13.54 -13.42 19.32
C ARG D 186 -13.72 -12.67 18.01
N SER D 187 -13.11 -13.19 16.94
CA SER D 187 -13.20 -12.56 15.66
C SER D 187 -13.03 -13.60 14.55
N PRO D 188 -13.79 -13.49 13.46
CA PRO D 188 -13.60 -14.39 12.33
C PRO D 188 -12.44 -14.03 11.43
N ASP D 189 -11.76 -12.91 11.68
CA ASP D 189 -10.64 -12.48 10.84
C ASP D 189 -9.28 -12.79 11.46
N ARG D 190 -9.15 -12.67 12.78
CA ARG D 190 -7.90 -12.93 13.49
C ARG D 190 -8.19 -13.81 14.68
N ASN D 191 -7.11 -14.28 15.31
CA ASN D 191 -7.19 -15.10 16.53
C ASN D 191 -6.99 -14.18 17.72
N ILE D 192 -8.09 -13.78 18.36
CA ILE D 192 -8.03 -12.92 19.54
C ILE D 192 -8.94 -13.48 20.62
N GLU D 193 -9.36 -14.73 20.48
CA GLU D 193 -10.40 -15.28 21.34
C GLU D 193 -9.92 -15.36 22.79
N GLY D 194 -10.77 -14.94 23.70
CA GLY D 194 -10.44 -14.96 25.11
C GLY D 194 -11.34 -14.01 25.87
N THR D 195 -10.94 -13.74 27.12
CA THR D 195 -11.68 -12.84 28.00
C THR D 195 -10.86 -11.56 28.21
N VAL D 196 -11.53 -10.41 28.09
CA VAL D 196 -10.85 -9.14 28.20
C VAL D 196 -10.43 -8.90 29.65
N ALA D 197 -9.18 -8.49 29.84
CA ALA D 197 -8.64 -8.23 31.18
C ALA D 197 -8.29 -6.77 31.39
N GLU D 198 -7.66 -6.11 30.41
CA GLU D 198 -7.29 -4.71 30.54
C GLU D 198 -7.40 -4.06 29.17
N ILE D 199 -7.80 -2.80 29.16
CA ILE D 199 -7.86 -2.00 27.94
C ILE D 199 -6.91 -0.83 28.13
N GLY D 200 -5.70 -0.96 27.61
CA GLY D 200 -4.69 0.07 27.73
C GLY D 200 -4.76 1.07 26.60
N TRP D 201 -3.72 1.91 26.53
CA TRP D 201 -3.65 2.95 25.52
C TRP D 201 -3.00 2.49 24.23
N ARG D 202 -2.15 1.47 24.29
CA ARG D 202 -1.50 0.92 23.11
C ARG D 202 -1.96 -0.49 22.78
N ILE D 203 -2.11 -1.35 23.77
CA ILE D 203 -2.53 -2.73 23.57
C ILE D 203 -3.66 -3.07 24.53
N THR D 204 -4.40 -4.11 24.17
CA THR D 204 -5.47 -4.66 24.99
C THR D 204 -5.06 -6.05 25.47
N LYS D 205 -5.20 -6.30 26.76
CA LYS D 205 -4.79 -7.56 27.37
C LYS D 205 -5.98 -8.52 27.45
N ILE D 206 -5.79 -9.73 26.95
CA ILE D 206 -6.85 -10.73 26.87
C ILE D 206 -6.34 -12.03 27.47
N THR D 207 -7.15 -12.64 28.33
CA THR D 207 -6.82 -13.93 28.93
C THR D 207 -7.46 -15.03 28.10
N THR D 208 -6.62 -15.86 27.48
CA THR D 208 -7.12 -16.94 26.65
C THR D 208 -7.71 -18.05 27.52
N PHE D 209 -8.46 -18.95 26.88
CA PHE D 209 -9.02 -20.09 27.59
C PHE D 209 -7.95 -21.10 27.98
N ASP D 210 -6.72 -20.92 27.51
CA ASP D 210 -5.57 -21.69 27.96
C ASP D 210 -4.93 -21.11 29.21
N ASN D 211 -5.53 -20.06 29.77
CA ASN D 211 -5.00 -19.35 30.94
C ASN D 211 -3.65 -18.70 30.65
N ARG D 212 -3.55 -18.05 29.50
CA ARG D 212 -2.35 -17.33 29.10
C ARG D 212 -2.70 -15.90 28.74
N PRO D 213 -1.80 -14.96 29.00
CA PRO D 213 -2.05 -13.58 28.59
C PRO D 213 -1.76 -13.37 27.11
N LEU D 214 -2.60 -12.59 26.46
CA LEU D 214 -2.46 -12.27 25.05
C LEU D 214 -2.58 -10.77 24.87
N TYR D 215 -1.62 -10.18 24.15
CA TYR D 215 -1.54 -8.74 23.97
C TYR D 215 -1.86 -8.40 22.53
N VAL D 216 -2.92 -7.62 22.33
CA VAL D 216 -3.45 -7.32 21.00
C VAL D 216 -3.24 -5.83 20.75
N PRO D 217 -2.59 -5.46 19.64
CA PRO D 217 -2.48 -4.03 19.31
C PRO D 217 -3.85 -3.41 19.09
N ASN D 218 -4.00 -2.17 19.56
CA ASN D 218 -5.30 -1.53 19.54
C ASN D 218 -5.79 -1.22 18.12
N SER D 219 -4.88 -1.08 17.16
CA SER D 219 -5.29 -0.73 15.81
C SER D 219 -6.08 -1.83 15.12
N LEU D 220 -6.06 -3.05 15.65
CA LEU D 220 -6.80 -4.14 15.03
C LEU D 220 -8.30 -3.91 15.09
N PHE D 221 -8.78 -3.28 16.16
CA PHE D 221 -10.22 -3.11 16.36
C PHE D 221 -10.83 -2.07 15.45
N SER D 222 -10.05 -1.41 14.61
CA SER D 222 -10.57 -0.47 13.64
C SER D 222 -10.75 -1.09 12.25
N SER D 223 -10.37 -2.34 12.07
CA SER D 223 -10.44 -2.95 10.74
C SER D 223 -11.01 -4.36 10.72
N ILE D 224 -11.23 -5.02 11.85
CA ILE D 224 -11.74 -6.37 11.87
C ILE D 224 -13.10 -6.38 12.55
N SER D 225 -13.89 -7.41 12.24
CA SER D 225 -15.17 -7.60 12.89
C SER D 225 -14.98 -8.30 14.22
N VAL D 226 -15.63 -7.78 15.26
CA VAL D 226 -15.51 -8.30 16.61
C VAL D 226 -16.85 -8.90 17.01
N GLU D 227 -16.82 -10.15 17.47
CA GLU D 227 -18.00 -10.83 17.97
C GLU D 227 -17.91 -10.91 19.48
N ASN D 228 -19.07 -10.86 20.15
CA ASN D 228 -19.13 -10.81 21.61
C ASN D 228 -19.97 -11.98 22.10
N PRO D 229 -19.40 -13.17 22.19
CA PRO D 229 -20.14 -14.30 22.77
C PRO D 229 -20.49 -14.09 24.23
N GLY D 230 -19.83 -13.17 24.91
CA GLY D 230 -20.19 -12.87 26.28
C GLY D 230 -21.55 -12.23 26.46
N ARG D 231 -22.15 -11.74 25.38
CA ARG D 231 -23.46 -11.11 25.43
C ARG D 231 -24.53 -11.89 24.68
N MET D 232 -24.36 -13.21 24.56
CA MET D 232 -25.35 -14.00 23.85
C MET D 232 -26.64 -14.06 24.65
N THR D 233 -27.72 -14.43 23.97
CA THR D 233 -29.01 -14.65 24.62
C THR D 233 -29.40 -16.11 24.73
N ASN D 234 -28.82 -16.98 23.90
CA ASN D 234 -29.14 -18.40 23.93
C ASN D 234 -27.92 -19.18 23.47
N ARG D 235 -27.93 -20.48 23.74
CA ARG D 235 -26.96 -21.42 23.21
C ARG D 235 -27.64 -22.32 22.19
N ARG D 236 -26.97 -22.57 21.08
CA ARG D 236 -27.54 -23.34 19.99
C ARG D 236 -27.13 -24.80 20.06
N ILE D 237 -28.05 -25.68 19.70
CA ILE D 237 -27.78 -27.11 19.58
C ILE D 237 -28.03 -27.51 18.14
N THR D 238 -27.00 -28.04 17.49
CA THR D 238 -27.11 -28.52 16.11
C THR D 238 -26.43 -29.87 16.00
N THR D 239 -27.03 -30.78 15.24
CA THR D 239 -26.47 -32.10 15.01
C THR D 239 -27.10 -32.69 13.76
N THR D 240 -26.61 -33.84 13.36
CA THR D 240 -27.10 -34.55 12.18
C THR D 240 -27.31 -36.01 12.53
N ILE D 241 -28.45 -36.55 12.10
CA ILE D 241 -28.77 -37.96 12.29
C ILE D 241 -28.63 -38.65 10.95
N GLY D 242 -27.69 -39.60 10.87
CA GLY D 242 -27.46 -40.32 9.64
C GLY D 242 -28.00 -41.73 9.68
N LEU D 243 -29.10 -41.98 8.98
CA LEU D 243 -29.74 -43.28 8.95
C LEU D 243 -29.31 -44.06 7.72
N ARG D 244 -29.44 -45.38 7.81
CA ARG D 244 -29.10 -46.24 6.69
C ARG D 244 -30.10 -46.05 5.55
N TYR D 245 -29.65 -46.35 4.33
CA TYR D 245 -30.52 -46.22 3.17
C TYR D 245 -31.68 -47.21 3.21
N GLU D 246 -31.55 -48.30 3.95
CA GLU D 246 -32.64 -49.25 4.08
C GLU D 246 -33.72 -48.77 5.06
N ASP D 247 -33.49 -47.66 5.74
CA ASP D 247 -34.45 -47.10 6.69
C ASP D 247 -35.24 -45.93 6.10
N ALA D 248 -35.38 -45.89 4.77
CA ALA D 248 -36.06 -44.78 4.14
C ALA D 248 -37.55 -44.74 4.46
N ALA D 249 -38.13 -45.85 4.90
CA ALA D 249 -39.55 -45.90 5.19
C ALA D 249 -39.90 -45.42 6.59
N LYS D 250 -38.90 -45.10 7.42
CA LYS D 250 -39.15 -44.65 8.78
C LYS D 250 -38.71 -43.22 9.03
N VAL D 251 -38.28 -42.50 7.98
CA VAL D 251 -37.77 -41.15 8.15
C VAL D 251 -38.86 -40.23 8.68
N GLY D 252 -40.08 -40.36 8.14
CA GLY D 252 -41.15 -39.47 8.57
C GLY D 252 -41.50 -39.64 10.03
N VAL D 253 -41.67 -40.89 10.48
CA VAL D 253 -42.05 -41.13 11.87
C VAL D 253 -40.92 -40.75 12.80
N ILE D 254 -39.67 -41.01 12.40
CA ILE D 254 -38.54 -40.61 13.25
C ILE D 254 -38.47 -39.10 13.39
N VAL D 255 -38.66 -38.37 12.29
CA VAL D 255 -38.64 -36.92 12.34
C VAL D 255 -39.76 -36.41 13.23
N GLU D 256 -40.96 -36.98 13.11
CA GLU D 256 -42.08 -36.55 13.95
C GLU D 256 -41.77 -36.79 15.42
N ALA D 257 -41.23 -37.96 15.75
CA ALA D 257 -40.94 -38.27 17.14
C ALA D 257 -39.88 -37.35 17.71
N VAL D 258 -38.82 -37.07 16.94
CA VAL D 258 -37.77 -36.19 17.43
C VAL D 258 -38.31 -34.78 17.63
N ARG D 259 -39.14 -34.30 16.70
CA ARG D 259 -39.71 -32.97 16.84
C ARG D 259 -40.60 -32.89 18.08
N GLU D 260 -41.40 -33.92 18.33
CA GLU D 260 -42.24 -33.93 19.53
C GLU D 260 -41.40 -33.91 20.78
N MET D 261 -40.34 -34.72 20.83
CA MET D 261 -39.48 -34.77 22.01
C MET D 261 -38.84 -33.40 22.25
N LEU D 262 -38.37 -32.74 21.19
CA LEU D 262 -37.79 -31.42 21.36
C LEU D 262 -38.83 -30.40 21.81
N LYS D 263 -40.06 -30.53 21.33
CA LYS D 263 -41.10 -29.59 21.73
C LYS D 263 -41.50 -29.77 23.19
N ASN D 264 -41.35 -30.98 23.73
CA ASN D 264 -41.74 -31.24 25.11
C ASN D 264 -40.56 -31.23 26.08
N HIS D 265 -39.40 -30.75 25.67
CA HIS D 265 -38.24 -30.78 26.54
C HIS D 265 -38.19 -29.52 27.40
N PRO D 266 -37.97 -29.64 28.71
CA PRO D 266 -38.02 -28.46 29.58
C PRO D 266 -36.82 -27.52 29.43
N ALA D 267 -35.76 -27.93 28.75
CA ALA D 267 -34.57 -27.11 28.62
C ALA D 267 -34.48 -26.35 27.31
N ILE D 268 -35.47 -26.50 26.43
CA ILE D 268 -35.42 -25.91 25.09
C ILE D 268 -36.29 -24.67 25.06
N ASP D 269 -35.76 -23.61 24.45
CA ASP D 269 -36.49 -22.35 24.31
C ASP D 269 -37.50 -22.48 23.18
N GLN D 270 -38.79 -22.49 23.53
CA GLN D 270 -39.85 -22.69 22.55
C GLN D 270 -40.12 -21.47 21.70
N ARG D 271 -39.55 -20.31 22.03
CA ARG D 271 -39.77 -19.10 21.27
C ARG D 271 -38.70 -18.86 20.21
N GLN D 272 -37.75 -19.76 20.07
CA GLN D 272 -36.68 -19.65 19.09
C GLN D 272 -36.93 -20.63 17.95
N THR D 273 -35.96 -20.68 17.04
CA THR D 273 -36.04 -21.60 15.90
C THR D 273 -35.97 -23.04 16.37
N LEU D 274 -36.79 -23.89 15.77
CA LEU D 274 -36.83 -25.31 16.11
C LEU D 274 -37.14 -26.09 14.84
N LEU D 275 -36.11 -26.69 14.24
CA LEU D 275 -36.24 -27.35 12.95
C LEU D 275 -35.73 -28.77 13.02
N VAL D 276 -36.52 -29.71 12.51
CA VAL D 276 -36.13 -31.11 12.37
C VAL D 276 -36.68 -31.59 11.03
N TYR D 277 -35.79 -31.83 10.06
CA TYR D 277 -36.23 -32.17 8.72
C TYR D 277 -35.22 -33.09 8.05
N PHE D 278 -35.72 -34.02 7.24
CA PHE D 278 -34.87 -34.78 6.33
C PHE D 278 -34.23 -33.82 5.32
N ASN D 279 -32.91 -33.70 5.39
CA ASN D 279 -32.22 -32.57 4.79
C ASN D 279 -31.50 -32.89 3.49
N GLN D 280 -30.74 -33.98 3.41
CA GLN D 280 -29.91 -34.17 2.24
C GLN D 280 -29.53 -35.64 2.09
N PHE D 281 -29.15 -36.00 0.86
CA PHE D 281 -28.58 -37.31 0.56
C PHE D 281 -27.08 -37.26 0.77
N ALA D 282 -26.55 -38.22 1.53
CA ALA D 282 -25.12 -38.33 1.75
C ALA D 282 -24.60 -39.58 1.04
N ASP D 283 -23.29 -39.78 1.11
CA ASP D 283 -22.67 -40.90 0.43
C ASP D 283 -23.16 -42.23 0.99
N SER D 284 -23.30 -42.33 2.31
CA SER D 284 -23.66 -43.58 2.95
C SER D 284 -24.91 -43.50 3.81
N SER D 285 -25.54 -42.33 3.92
CA SER D 285 -26.63 -42.18 4.87
C SER D 285 -27.61 -41.14 4.39
N LEU D 286 -28.82 -41.19 4.96
CA LEU D 286 -29.82 -40.15 4.80
C LEU D 286 -29.78 -39.25 6.03
N ASN D 287 -29.48 -37.97 5.82
CA ASN D 287 -29.18 -37.06 6.91
C ASN D 287 -30.42 -36.29 7.34
N ILE D 288 -30.60 -36.16 8.65
CA ILE D 288 -31.67 -35.38 9.25
C ILE D 288 -31.04 -34.28 10.09
N MET D 289 -31.46 -33.04 9.85
CA MET D 289 -30.92 -31.90 10.58
C MET D 289 -31.70 -31.65 11.86
N VAL D 290 -30.99 -31.15 12.87
CA VAL D 290 -31.58 -30.77 14.15
C VAL D 290 -31.07 -29.38 14.49
N TYR D 291 -31.98 -28.51 14.94
CA TYR D 291 -31.65 -27.09 15.10
C TYR D 291 -32.56 -26.52 16.17
N CYS D 292 -32.00 -26.14 17.31
CA CYS D 292 -32.79 -25.62 18.42
C CYS D 292 -31.89 -24.79 19.32
N PHE D 293 -32.49 -24.21 20.37
CA PHE D 293 -31.79 -23.36 21.33
C PHE D 293 -32.17 -23.76 22.74
N THR D 294 -31.30 -23.46 23.68
CA THR D 294 -31.56 -23.64 25.10
C THR D 294 -31.82 -22.30 25.76
N LYS D 295 -32.59 -22.35 26.86
CA LYS D 295 -32.85 -21.12 27.61
C LYS D 295 -31.60 -20.62 28.29
N THR D 296 -30.81 -21.52 28.86
CA THR D 296 -29.62 -21.13 29.61
C THR D 296 -28.49 -20.70 28.68
N THR D 297 -27.57 -19.93 29.23
CA THR D 297 -26.35 -19.54 28.53
C THR D 297 -25.09 -20.00 29.26
N VAL D 298 -25.23 -20.81 30.29
CA VAL D 298 -24.10 -21.29 31.05
C VAL D 298 -23.50 -22.52 30.37
N TRP D 299 -22.18 -22.62 30.41
CA TRP D 299 -21.47 -23.68 29.70
C TRP D 299 -21.90 -25.06 30.16
N ALA D 300 -21.85 -25.30 31.47
CA ALA D 300 -22.10 -26.65 31.99
C ALA D 300 -23.54 -27.07 31.78
N GLU D 301 -24.49 -26.18 32.03
CA GLU D 301 -25.89 -26.54 31.85
C GLU D 301 -26.23 -26.78 30.39
N TRP D 302 -25.66 -25.98 29.49
CA TRP D 302 -25.86 -26.22 28.07
C TRP D 302 -25.31 -27.58 27.65
N LEU D 303 -24.12 -27.93 28.14
CA LEU D 303 -23.55 -29.23 27.80
C LEU D 303 -24.39 -30.37 28.34
N ALA D 304 -24.90 -30.22 29.57
CA ALA D 304 -25.75 -31.27 30.15
C ALA D 304 -27.03 -31.45 29.36
N ALA D 305 -27.67 -30.34 28.97
CA ALA D 305 -28.88 -30.43 28.18
C ALA D 305 -28.60 -31.07 26.83
N GLN D 306 -27.48 -30.72 26.20
CA GLN D 306 -27.12 -31.33 24.93
C GLN D 306 -26.92 -32.83 25.07
N GLN D 307 -26.25 -33.27 26.13
CA GLN D 307 -26.06 -34.70 26.34
C GLN D 307 -27.38 -35.41 26.54
N ASP D 308 -28.28 -34.82 27.32
CA ASP D 308 -29.60 -35.43 27.52
C ASP D 308 -30.35 -35.56 26.20
N VAL D 309 -30.31 -34.51 25.38
CA VAL D 309 -30.99 -34.54 24.09
C VAL D 309 -30.41 -35.62 23.19
N TYR D 310 -29.08 -35.75 23.18
CA TYR D 310 -28.45 -36.76 22.32
C TYR D 310 -28.85 -38.17 22.76
N LEU D 311 -28.85 -38.43 24.07
CA LEU D 311 -29.25 -39.75 24.53
C LEU D 311 -30.70 -40.05 24.18
N LYS D 312 -31.59 -39.06 24.33
CA LYS D 312 -32.97 -39.27 23.94
C LYS D 312 -33.10 -39.54 22.45
N ILE D 313 -32.31 -38.86 21.63
CA ILE D 313 -32.34 -39.09 20.19
C ILE D 313 -31.91 -40.50 19.87
N ILE D 314 -30.86 -40.99 20.53
CA ILE D 314 -30.41 -42.37 20.31
C ILE D 314 -31.53 -43.34 20.64
N ASP D 315 -32.19 -43.12 21.79
CA ASP D 315 -33.29 -44.01 22.18
C ASP D 315 -34.41 -43.98 21.15
N ILE D 316 -34.78 -42.79 20.68
CA ILE D 316 -35.86 -42.67 19.71
C ILE D 316 -35.52 -43.41 18.42
N VAL D 317 -34.30 -43.22 17.93
CA VAL D 317 -33.90 -43.84 16.68
C VAL D 317 -33.92 -45.36 16.82
N GLN D 318 -33.34 -45.89 17.89
CA GLN D 318 -33.26 -47.32 18.03
C GLN D 318 -34.60 -47.96 18.37
N SER D 319 -35.55 -47.19 18.91
CA SER D 319 -36.84 -47.76 19.26
C SER D 319 -37.75 -47.99 18.04
N HIS D 320 -37.47 -47.34 16.93
CA HIS D 320 -38.29 -47.46 15.73
C HIS D 320 -37.77 -48.50 14.75
N GLY D 321 -36.70 -49.23 15.10
CA GLY D 321 -36.16 -50.23 14.22
C GLY D 321 -35.11 -49.75 13.25
N ALA D 322 -34.77 -48.47 13.26
CA ALA D 322 -33.73 -47.94 12.39
C ALA D 322 -32.38 -48.06 13.11
N ASP D 323 -31.33 -47.52 12.49
CA ASP D 323 -30.01 -47.56 13.09
C ASP D 323 -29.12 -46.53 12.41
N PHE D 324 -28.06 -46.14 13.09
CA PHE D 324 -27.08 -45.24 12.53
C PHE D 324 -26.21 -45.97 11.51
N ALA D 325 -25.67 -45.21 10.57
CA ALA D 325 -24.96 -45.78 9.44
C ALA D 325 -23.46 -45.51 9.55
N PHE D 326 -22.67 -46.58 9.42
CA PHE D 326 -21.24 -46.44 9.23
C PHE D 326 -20.95 -46.08 7.78
N PRO D 327 -19.76 -45.57 7.48
CA PRO D 327 -19.36 -45.43 6.08
C PRO D 327 -19.41 -46.79 5.38
N SER D 328 -19.94 -46.81 4.17
CA SER D 328 -20.26 -48.05 3.49
C SER D 328 -19.62 -48.07 2.11
N GLN D 329 -19.37 -49.29 1.62
CA GLN D 329 -18.78 -49.50 0.31
C GLN D 329 -19.36 -50.76 -0.31
N THR D 330 -19.32 -50.81 -1.63
CA THR D 330 -19.68 -52.01 -2.39
C THR D 330 -18.40 -52.54 -3.05
N LEU D 331 -18.12 -53.82 -2.83
CA LEU D 331 -16.88 -54.43 -3.29
C LEU D 331 -17.18 -55.51 -4.31
N TYR D 332 -16.51 -55.44 -5.46
CA TYR D 332 -16.62 -56.44 -6.51
C TYR D 332 -15.34 -57.27 -6.50
N MET D 333 -15.47 -58.56 -6.21
CA MET D 333 -14.33 -59.42 -5.96
C MET D 333 -13.85 -60.06 -7.25
N ASP D 334 -12.53 -60.14 -7.39
CA ASP D 334 -11.93 -60.76 -8.57
C ASP D 334 -10.51 -61.23 -8.27
N ALA E 3 -10.93 66.54 27.12
CA ALA E 3 -11.89 67.52 26.62
C ALA E 3 -12.00 67.45 25.11
N GLU E 4 -10.95 67.90 24.43
CA GLU E 4 -10.92 67.89 22.97
C GLU E 4 -10.73 66.50 22.38
N LEU E 5 -10.17 65.57 23.16
CA LEU E 5 -9.95 64.21 22.66
C LEU E 5 -11.25 63.42 22.58
N PHE E 6 -12.29 63.84 23.31
CA PHE E 6 -13.56 63.12 23.29
C PHE E 6 -14.26 63.22 21.95
N THR E 7 -13.91 64.22 21.13
CA THR E 7 -14.60 64.41 19.86
C THR E 7 -14.32 63.26 18.90
N ASN E 8 -13.09 62.74 18.90
CA ASN E 8 -12.68 61.72 17.94
C ASN E 8 -12.89 60.30 18.45
N ASN E 9 -13.38 60.13 19.68
CA ASN E 9 -13.54 58.80 20.26
C ASN E 9 -14.96 58.51 20.75
N ALA E 10 -15.91 59.43 20.50
CA ALA E 10 -17.23 59.31 21.11
C ALA E 10 -17.89 57.98 20.77
N LEU E 11 -17.80 57.56 19.51
CA LEU E 11 -18.37 56.28 19.11
C LEU E 11 -17.76 55.13 19.88
N ASN E 12 -16.48 55.24 20.26
CA ASN E 12 -15.82 54.15 20.97
C ASN E 12 -16.39 53.97 22.37
N LEU E 13 -16.51 55.06 23.13
CA LEU E 13 -17.15 54.93 24.44
C LEU E 13 -18.62 54.55 24.30
N VAL E 14 -19.28 55.00 23.23
CA VAL E 14 -20.68 54.62 23.01
C VAL E 14 -20.80 53.11 22.86
N ILE E 15 -19.95 52.52 22.01
CA ILE E 15 -20.05 51.08 21.78
C ILE E 15 -19.58 50.31 23.00
N ILE E 16 -18.61 50.84 23.75
CA ILE E 16 -18.17 50.17 24.98
C ILE E 16 -19.33 50.12 25.98
N PHE E 17 -20.01 51.25 26.18
CA PHE E 17 -21.14 51.29 27.09
C PHE E 17 -22.26 50.39 26.62
N GLY E 18 -22.53 50.38 25.30
CA GLY E 18 -23.55 49.50 24.77
C GLY E 18 -23.24 48.03 24.98
N SER E 19 -21.98 47.65 24.78
CA SER E 19 -21.57 46.26 25.00
C SER E 19 -21.69 45.88 26.48
N CYS E 20 -21.28 46.78 27.37
CA CYS E 20 -21.43 46.50 28.80
C CYS E 20 -22.90 46.35 29.19
N ALA E 21 -23.77 47.23 28.66
CA ALA E 21 -25.19 47.14 28.95
C ALA E 21 -25.78 45.84 28.41
N ALA E 22 -25.37 45.45 27.21
CA ALA E 22 -25.86 44.18 26.65
C ALA E 22 -25.38 43.00 27.47
N LEU E 23 -24.15 43.05 27.96
CA LEU E 23 -23.64 41.98 28.81
C LEU E 23 -24.45 41.87 30.09
N ILE E 24 -24.74 43.01 30.72
CA ILE E 24 -25.54 42.99 31.95
C ILE E 24 -26.95 42.48 31.66
N LEU E 25 -27.52 42.92 30.55
CA LEU E 25 -28.87 42.50 30.18
C LEU E 25 -28.94 41.00 29.94
N MET E 26 -27.93 40.44 29.26
CA MET E 26 -27.94 39.01 29.00
C MET E 26 -27.62 38.21 30.26
N SER E 27 -26.85 38.79 31.18
CA SER E 27 -26.65 38.15 32.48
C SER E 27 -27.96 38.07 33.24
N PHE E 28 -28.73 39.16 33.25
CA PHE E 28 -30.04 39.13 33.89
C PHE E 28 -30.99 38.16 33.18
N TRP E 29 -30.92 38.12 31.85
CA TRP E 29 -31.79 37.24 31.09
C TRP E 29 -31.48 35.78 31.41
N PHE E 30 -30.20 35.43 31.54
CA PHE E 30 -29.82 34.10 32.00
C PHE E 30 -30.30 33.86 33.43
N ARG E 31 -30.17 34.85 34.31
CA ARG E 31 -30.59 34.68 35.69
C ARG E 31 -32.09 34.44 35.78
N ARG E 32 -32.87 34.97 34.85
CA ARG E 32 -34.31 34.79 34.83
C ARG E 32 -34.65 33.53 34.03
N GLY E 33 -35.07 32.48 34.73
CA GLY E 33 -35.48 31.25 34.10
C GLY E 33 -34.38 30.25 33.83
N ASN E 34 -33.17 30.73 33.54
CA ASN E 34 -32.00 29.89 33.21
C ASN E 34 -32.38 28.74 32.29
N ARG E 35 -33.08 29.06 31.21
CA ARG E 35 -33.47 28.04 30.24
C ARG E 35 -32.29 27.56 29.42
N LYS E 36 -31.23 28.37 29.33
CA LYS E 36 -30.08 28.04 28.52
C LYS E 36 -29.07 27.24 29.33
N ARG E 37 -28.04 26.76 28.63
CA ARG E 37 -26.91 26.08 29.24
C ARG E 37 -25.68 26.98 29.13
N LYS E 38 -25.11 27.34 30.28
CA LYS E 38 -23.96 28.25 30.30
C LYS E 38 -22.68 27.45 30.05
N GLY E 39 -22.53 27.02 28.81
CA GLY E 39 -21.37 26.24 28.40
C GLY E 39 -20.45 26.98 27.45
N PHE E 40 -20.39 26.52 26.20
CA PHE E 40 -19.48 27.12 25.24
C PHE E 40 -19.98 28.45 24.69
N LEU E 41 -21.30 28.60 24.53
CA LEU E 41 -21.83 29.80 23.87
C LEU E 41 -21.67 31.03 24.75
N PHE E 42 -22.00 30.91 26.03
CA PHE E 42 -21.88 32.05 26.94
C PHE E 42 -20.41 32.42 27.15
N HIS E 43 -19.54 31.42 27.23
CA HIS E 43 -18.10 31.68 27.31
C HIS E 43 -17.61 32.39 26.06
N ALA E 44 -18.09 31.98 24.89
CA ALA E 44 -17.69 32.64 23.64
C ALA E 44 -18.19 34.08 23.59
N VAL E 45 -19.41 34.32 24.09
CA VAL E 45 -19.92 35.68 24.14
C VAL E 45 -19.06 36.55 25.04
N GLN E 46 -18.69 36.02 26.21
CA GLN E 46 -17.76 36.74 27.09
C GLN E 46 -16.44 37.02 26.38
N PHE E 47 -15.93 36.02 25.66
CA PHE E 47 -14.67 36.18 24.97
C PHE E 47 -14.73 37.30 23.93
N LEU E 48 -15.78 37.32 23.12
CA LEU E 48 -15.86 38.32 22.07
C LEU E 48 -16.08 39.72 22.65
N ILE E 49 -16.90 39.84 23.69
CA ILE E 49 -17.09 41.16 24.27
C ILE E 49 -15.80 41.65 24.93
N TYR E 50 -15.06 40.75 25.60
CA TYR E 50 -13.78 41.13 26.17
C TYR E 50 -12.82 41.58 25.09
N THR E 51 -12.77 40.86 23.97
CA THR E 51 -11.87 41.23 22.89
C THR E 51 -12.21 42.60 22.34
N ILE E 52 -13.50 42.87 22.11
CA ILE E 52 -13.87 44.15 21.51
C ILE E 52 -13.60 45.30 22.49
N ILE E 53 -13.87 45.09 23.79
CA ILE E 53 -13.65 46.18 24.73
C ILE E 53 -12.16 46.47 24.88
N ILE E 54 -11.32 45.42 24.91
CA ILE E 54 -9.90 45.71 25.05
C ILE E 54 -9.34 46.31 23.76
N SER E 55 -9.86 45.92 22.61
CA SER E 55 -9.44 46.57 21.37
C SER E 55 -9.80 48.05 21.39
N ALA E 56 -11.00 48.38 21.87
CA ALA E 56 -11.39 49.77 21.98
C ALA E 56 -10.49 50.54 22.95
N VAL E 57 -10.17 49.92 24.09
CA VAL E 57 -9.29 50.58 25.06
C VAL E 57 -7.91 50.81 24.47
N GLY E 58 -7.39 49.82 23.74
CA GLY E 58 -6.10 49.99 23.09
C GLY E 58 -6.11 51.08 22.05
N SER E 59 -7.20 51.18 21.29
CA SER E 59 -7.32 52.27 20.32
C SER E 59 -7.33 53.62 21.01
N ILE E 60 -8.05 53.72 22.14
CA ILE E 60 -8.06 54.97 22.90
C ILE E 60 -6.68 55.32 23.40
N ILE E 61 -5.94 54.33 23.92
CA ILE E 61 -4.59 54.58 24.40
C ILE E 61 -3.69 55.03 23.26
N ASN E 62 -3.81 54.39 22.11
CA ASN E 62 -3.02 54.78 20.94
C ASN E 62 -3.31 56.22 20.55
N TYR E 63 -4.60 56.59 20.48
CA TYR E 63 -4.96 57.94 20.08
C TYR E 63 -4.46 58.96 21.11
N VAL E 64 -4.59 58.65 22.39
CA VAL E 64 -4.12 59.57 23.43
C VAL E 64 -2.62 59.77 23.33
N ILE E 65 -1.86 58.68 23.15
CA ILE E 65 -0.42 58.80 23.07
C ILE E 65 -0.01 59.58 21.83
N GLU E 66 -0.63 59.29 20.69
CA GLU E 66 -0.25 59.95 19.45
C GLU E 66 -0.71 61.39 19.39
N ASN E 67 -1.72 61.77 20.17
CA ASN E 67 -2.27 63.12 20.11
C ASN E 67 -1.84 64.01 21.27
N TYR E 68 -1.28 63.44 22.32
CA TYR E 68 -0.87 64.20 23.50
C TYR E 68 0.64 64.30 23.64
N LYS E 69 1.33 63.17 23.71
CA LYS E 69 2.78 63.16 23.85
C LYS E 69 3.28 61.74 23.59
N LEU E 70 4.33 61.64 22.78
CA LEU E 70 4.90 60.35 22.40
C LEU E 70 5.98 59.87 23.36
N LYS E 71 6.37 60.69 24.33
CA LYS E 71 7.45 60.31 25.24
C LYS E 71 6.97 59.26 26.24
N PHE E 72 7.88 58.37 26.63
CA PHE E 72 7.73 57.37 27.68
C PHE E 72 6.78 56.24 27.30
N ILE E 73 6.14 56.29 26.14
CA ILE E 73 5.25 55.24 25.69
C ILE E 73 5.67 54.79 24.30
N THR E 74 5.84 53.49 24.11
CA THR E 74 6.21 52.94 22.81
C THR E 74 4.98 52.35 22.15
N PRO E 75 4.57 52.87 20.99
CA PRO E 75 3.40 52.31 20.32
C PRO E 75 3.65 50.88 19.86
N GLY E 76 2.58 50.09 19.81
CA GLY E 76 2.65 48.69 19.47
C GLY E 76 2.81 47.77 20.65
N VAL E 77 3.46 48.24 21.73
CA VAL E 77 3.59 47.44 22.94
C VAL E 77 2.22 47.23 23.57
N ILE E 78 1.35 48.23 23.49
CA ILE E 78 -0.01 48.06 23.98
C ILE E 78 -0.77 47.04 23.15
N ASP E 79 -0.48 46.98 21.85
CA ASP E 79 -1.05 45.91 21.03
C ASP E 79 -0.56 44.55 21.49
N PHE E 80 0.72 44.46 21.83
CA PHE E 80 1.27 43.20 22.35
C PHE E 80 0.57 42.81 23.65
N ILE E 81 0.33 43.78 24.54
CA ILE E 81 -0.31 43.46 25.82
C ILE E 81 -1.76 43.06 25.61
N CYS E 82 -2.44 43.68 24.64
CA CYS E 82 -3.82 43.30 24.37
C CYS E 82 -3.90 41.90 23.80
N THR E 83 -3.02 41.57 22.86
CA THR E 83 -2.96 40.22 22.32
C THR E 83 -2.65 39.21 23.42
N SER E 84 -1.70 39.54 24.30
CA SER E 84 -1.37 38.64 25.41
C SER E 84 -2.58 38.41 26.31
N LEU E 85 -3.31 39.48 26.65
CA LEU E 85 -4.44 39.32 27.55
C LEU E 85 -5.54 38.49 26.91
N ILE E 86 -5.85 38.73 25.64
CA ILE E 86 -6.91 37.98 25.00
C ILE E 86 -6.52 36.52 24.84
N ALA E 87 -5.24 36.25 24.55
CA ALA E 87 -4.78 34.87 24.49
C ALA E 87 -4.89 34.18 25.85
N VAL E 88 -4.51 34.88 26.92
CA VAL E 88 -4.62 34.31 28.25
C VAL E 88 -6.08 34.01 28.59
N ILE E 89 -6.98 34.94 28.23
CA ILE E 89 -8.40 34.73 28.51
C ILE E 89 -8.93 33.52 27.74
N LEU E 90 -8.53 33.39 26.48
CA LEU E 90 -8.94 32.22 25.70
C LEU E 90 -8.45 30.93 26.33
N THR E 91 -7.19 30.91 26.75
CA THR E 91 -6.64 29.73 27.40
C THR E 91 -7.40 29.39 28.67
N ILE E 92 -7.72 30.41 29.48
CA ILE E 92 -8.45 30.17 30.72
C ILE E 92 -9.83 29.60 30.44
N LYS E 93 -10.53 30.16 29.45
CA LYS E 93 -11.86 29.65 29.11
C LYS E 93 -11.79 28.20 28.63
N LEU E 94 -10.81 27.89 27.78
CA LEU E 94 -10.67 26.52 27.29
C LEU E 94 -10.35 25.55 28.41
N PHE E 95 -9.46 25.95 29.33
CA PHE E 95 -9.14 25.06 30.44
C PHE E 95 -10.34 24.85 31.35
N LEU E 96 -11.14 25.90 31.56
CA LEU E 96 -12.36 25.74 32.34
C LEU E 96 -13.32 24.76 31.66
N LEU E 97 -13.45 24.86 30.34
CA LEU E 97 -14.34 23.94 29.62
C LEU E 97 -13.83 22.51 29.74
N ILE E 98 -12.53 22.30 29.61
CA ILE E 98 -11.97 20.94 29.73
C ILE E 98 -12.18 20.39 31.13
N ASN E 99 -11.98 21.22 32.15
CA ASN E 99 -12.20 20.76 33.52
C ASN E 99 -13.66 20.40 33.76
N GLN E 100 -14.58 21.20 33.22
CA GLN E 100 -15.99 20.88 33.33
C GLN E 100 -16.31 19.56 32.64
N PHE E 101 -15.72 19.34 31.45
CA PHE E 101 -15.94 18.09 30.74
C PHE E 101 -15.43 16.90 31.54
N GLU E 102 -14.24 17.03 32.15
CA GLU E 102 -13.71 15.95 32.97
C GLU E 102 -14.60 15.68 34.17
N LYS E 103 -15.10 16.74 34.82
CA LYS E 103 -15.98 16.54 35.96
C LYS E 103 -17.26 15.84 35.55
N GLN E 104 -17.84 16.22 34.40
CA GLN E 104 -19.05 15.55 33.93
C GLN E 104 -18.77 14.10 33.58
N GLN E 105 -17.61 13.82 33.00
CA GLN E 105 -17.26 12.44 32.67
C GLN E 105 -17.12 11.59 33.93
N ILE E 106 -16.49 12.14 34.97
CA ILE E 106 -16.38 11.43 36.24
C ILE E 106 -17.76 11.20 36.83
N LYS E 107 -18.61 12.23 36.78
CA LYS E 107 -19.98 12.10 37.29
C LYS E 107 -20.75 11.02 36.54
N LYS E 108 -20.45 10.82 35.26
CA LYS E 108 -21.09 9.77 34.49
C LYS E 108 -20.74 8.38 34.99
N GLY E 109 -19.73 8.24 35.84
CA GLY E 109 -19.41 6.97 36.43
C GLY E 109 -18.32 6.20 35.71
N ARG E 110 -17.18 6.84 35.49
CA ARG E 110 -16.06 6.18 34.83
C ARG E 110 -14.79 6.34 35.63
N ASP E 111 -13.69 5.73 35.17
CA ASP E 111 -12.45 5.67 35.91
C ASP E 111 -11.87 7.07 36.11
N ILE E 112 -11.14 7.23 37.21
CA ILE E 112 -10.55 8.52 37.54
C ILE E 112 -9.32 8.78 36.69
N THR E 113 -8.33 7.89 36.77
CA THR E 113 -7.05 8.12 36.11
C THR E 113 -7.22 8.21 34.60
N SER E 114 -8.13 7.41 34.03
CA SER E 114 -8.39 7.50 32.60
C SER E 114 -8.93 8.87 32.23
N ALA E 115 -9.85 9.41 33.05
CA ALA E 115 -10.38 10.74 32.79
C ALA E 115 -9.30 11.80 32.88
N ARG E 116 -8.41 11.68 33.87
CA ARG E 116 -7.32 12.64 33.99
C ARG E 116 -6.39 12.57 32.77
N ILE E 117 -6.09 11.37 32.31
CA ILE E 117 -5.21 11.22 31.15
C ILE E 117 -5.88 11.81 29.90
N MET E 118 -7.17 11.55 29.72
CA MET E 118 -7.88 12.15 28.58
C MET E 118 -7.87 13.67 28.66
N SER E 119 -8.07 14.22 29.85
CA SER E 119 -8.03 15.67 30.01
C SER E 119 -6.65 16.22 29.68
N ARG E 120 -5.60 15.52 30.12
CA ARG E 120 -4.25 15.96 29.79
C ARG E 120 -4.00 15.94 28.30
N ILE E 121 -4.49 14.91 27.62
CA ILE E 121 -4.31 14.82 26.17
C ILE E 121 -5.02 15.98 25.47
N ILE E 122 -6.26 16.26 25.90
CA ILE E 122 -7.00 17.36 25.28
C ILE E 122 -6.31 18.69 25.54
N LYS E 123 -5.81 18.89 26.76
CA LYS E 123 -5.09 20.12 27.06
C LYS E 123 -3.85 20.26 26.19
N ILE E 124 -3.09 19.17 26.02
CA ILE E 124 -1.87 19.23 25.24
C ILE E 124 -2.19 19.57 23.79
N THR E 125 -3.21 18.93 23.21
CA THR E 125 -3.52 19.22 21.82
C THR E 125 -4.08 20.64 21.65
N ILE E 126 -4.81 21.14 22.64
CA ILE E 126 -5.29 22.52 22.57
C ILE E 126 -4.11 23.49 22.60
N ILE E 127 -3.14 23.25 23.48
CA ILE E 127 -1.95 24.10 23.53
C ILE E 127 -1.19 24.05 22.21
N VAL E 128 -1.06 22.86 21.63
CA VAL E 128 -0.33 22.74 20.36
C VAL E 128 -1.05 23.52 19.26
N VAL E 129 -2.39 23.40 19.20
CA VAL E 129 -3.14 24.12 18.18
C VAL E 129 -3.01 25.63 18.37
N LEU E 130 -3.09 26.09 19.63
CA LEU E 130 -2.95 27.52 19.89
C LEU E 130 -1.58 28.03 19.49
N VAL E 131 -0.53 27.28 19.82
CA VAL E 131 0.83 27.68 19.46
C VAL E 131 0.98 27.75 17.95
N LEU E 132 0.46 26.74 17.25
CA LEU E 132 0.54 26.76 15.79
C LEU E 132 -0.26 27.92 15.21
N LEU E 133 -1.31 28.35 15.90
CA LEU E 133 -2.15 29.44 15.41
C LEU E 133 -1.65 30.79 15.86
N TYR E 134 -1.22 30.91 17.11
CA TYR E 134 -0.80 32.19 17.68
C TYR E 134 0.72 32.35 17.70
N GLY E 135 1.43 31.64 16.83
CA GLY E 135 2.88 31.69 16.81
C GLY E 135 3.48 32.84 16.04
N GLU E 136 2.66 33.77 15.56
CA GLU E 136 3.15 34.92 14.80
C GLU E 136 2.83 36.23 15.50
N HIS E 137 1.58 36.46 15.89
CA HIS E 137 1.23 37.68 16.60
C HIS E 137 1.91 37.75 17.96
N PHE E 138 2.37 36.62 18.48
CA PHE E 138 3.15 36.58 19.71
C PHE E 138 4.54 35.97 19.47
N GLY E 139 4.61 34.86 18.75
CA GLY E 139 5.88 34.23 18.47
C GLY E 139 6.66 34.94 17.39
N MET E 140 7.83 34.39 17.08
CA MET E 140 8.76 35.02 16.15
C MET E 140 9.05 34.18 14.92
N SER E 141 9.36 32.89 15.08
CA SER E 141 9.72 32.07 13.93
C SER E 141 8.51 31.82 13.04
N LEU E 142 8.79 31.73 11.73
CA LEU E 142 7.75 31.42 10.75
C LEU E 142 8.03 30.10 10.04
N SER E 143 9.20 29.95 9.42
CA SER E 143 9.48 28.73 8.66
C SER E 143 9.56 27.52 9.59
N GLY E 144 10.19 27.67 10.75
CA GLY E 144 10.27 26.55 11.67
C GLY E 144 8.91 26.10 12.16
N LEU E 145 8.08 27.06 12.56
CA LEU E 145 6.73 26.73 12.99
C LEU E 145 5.93 26.08 11.88
N LEU E 146 6.04 26.61 10.66
CA LEU E 146 5.32 26.04 9.52
C LEU E 146 5.74 24.60 9.29
N THR E 147 7.05 24.34 9.28
CA THR E 147 7.54 22.99 9.03
C THR E 147 7.11 22.03 10.14
N PHE E 148 7.23 22.47 11.39
CA PHE E 148 6.85 21.61 12.51
C PHE E 148 5.37 21.26 12.46
N GLY E 149 4.52 22.27 12.24
CA GLY E 149 3.10 22.01 12.13
C GLY E 149 2.77 21.13 10.94
N GLY E 150 3.45 21.33 9.83
CA GLY E 150 3.18 20.54 8.64
C GLY E 150 3.51 19.07 8.85
N ILE E 151 4.68 18.79 9.44
CA ILE E 151 5.06 17.40 9.63
C ILE E 151 4.18 16.74 10.69
N GLY E 152 3.84 17.48 11.76
CA GLY E 152 2.94 16.92 12.75
C GLY E 152 1.58 16.59 12.16
N GLY E 153 1.01 17.52 11.39
CA GLY E 153 -0.27 17.27 10.76
C GLY E 153 -0.22 16.16 9.75
N LEU E 154 0.89 16.03 9.02
CA LEU E 154 1.02 14.95 8.05
C LEU E 154 1.04 13.60 8.75
N ALA E 155 1.80 13.48 9.84
CA ALA E 155 1.81 12.23 10.60
C ALA E 155 0.43 11.92 11.17
N VAL E 156 -0.24 12.94 11.72
CA VAL E 156 -1.58 12.73 12.27
C VAL E 156 -2.55 12.29 11.19
N GLY E 157 -2.46 12.90 10.01
CA GLY E 157 -3.35 12.53 8.92
C GLY E 157 -3.13 11.10 8.46
N MET E 158 -1.87 10.67 8.37
CA MET E 158 -1.64 9.28 7.96
C MET E 158 -2.11 8.31 9.04
N ALA E 159 -1.93 8.65 10.31
CA ALA E 159 -2.26 7.71 11.38
C ALA E 159 -3.75 7.52 11.55
N GLY E 160 -4.56 8.56 11.34
CA GLY E 160 -5.97 8.48 11.61
C GLY E 160 -6.84 8.17 10.41
N LYS E 161 -6.27 7.46 9.43
CA LYS E 161 -7.00 7.20 8.19
C LYS E 161 -8.18 6.27 8.42
N ASP E 162 -8.03 5.24 9.26
CA ASP E 162 -9.03 4.19 9.35
C ASP E 162 -10.28 4.67 10.08
N ILE E 163 -10.11 5.44 11.16
CA ILE E 163 -11.27 5.96 11.88
C ILE E 163 -12.07 6.90 11.01
N LEU E 164 -11.38 7.78 10.28
CA LEU E 164 -12.06 8.67 9.36
C LEU E 164 -12.74 7.91 8.24
N SER E 165 -12.13 6.82 7.77
CA SER E 165 -12.76 5.99 6.76
C SER E 165 -14.06 5.39 7.27
N ASN E 166 -14.05 4.90 8.52
CA ASN E 166 -15.27 4.37 9.11
C ASN E 166 -16.34 5.44 9.21
N PHE E 167 -15.97 6.65 9.62
CA PHE E 167 -16.95 7.73 9.73
C PHE E 167 -17.54 8.09 8.37
N PHE E 168 -16.70 8.21 7.34
CA PHE E 168 -17.19 8.55 6.02
C PHE E 168 -18.09 7.47 5.45
N SER E 169 -17.71 6.20 5.64
CA SER E 169 -18.57 5.11 5.19
C SER E 169 -19.89 5.10 5.95
N GLY E 170 -19.88 5.50 7.21
CA GLY E 170 -21.13 5.63 7.95
C GLY E 170 -22.03 6.70 7.35
N ILE E 171 -21.45 7.83 6.95
CA ILE E 171 -22.23 8.87 6.29
C ILE E 171 -22.81 8.33 4.98
N MET E 172 -21.99 7.65 4.20
CA MET E 172 -22.44 7.11 2.92
C MET E 172 -23.56 6.10 3.13
N LEU E 173 -23.45 5.25 4.15
CA LEU E 173 -24.53 4.33 4.48
C LEU E 173 -25.80 5.08 4.87
N TYR E 174 -25.64 6.17 5.62
CA TYR E 174 -26.79 6.98 5.97
C TYR E 174 -27.52 7.50 4.73
N PHE E 175 -26.76 7.86 3.69
CA PHE E 175 -27.43 8.36 2.49
C PHE E 175 -27.83 7.26 1.53
N ASP E 176 -27.03 6.20 1.40
CA ASP E 176 -27.30 5.12 0.45
C ASP E 176 -26.80 3.82 1.05
N ARG E 177 -27.72 2.99 1.54
CA ARG E 177 -27.35 1.70 2.08
C ARG E 177 -28.16 0.59 1.43
N PRO E 178 -27.52 -0.52 1.09
CA PRO E 178 -28.23 -1.63 0.45
C PRO E 178 -28.84 -2.62 1.43
N PHE E 179 -29.44 -2.14 2.52
CA PHE E 179 -30.14 -3.01 3.46
C PHE E 179 -30.86 -2.13 4.48
N SER E 180 -31.69 -2.78 5.29
CA SER E 180 -32.47 -2.10 6.31
C SER E 180 -32.35 -2.86 7.62
N ILE E 181 -32.92 -2.29 8.67
CA ILE E 181 -32.96 -2.96 9.97
C ILE E 181 -33.83 -4.20 9.85
N GLY E 182 -33.31 -5.33 10.32
CA GLY E 182 -34.05 -6.58 10.24
C GLY E 182 -33.78 -7.39 8.99
N ASP E 183 -32.84 -6.97 8.16
CA ASP E 183 -32.52 -7.69 6.93
C ASP E 183 -31.42 -8.70 7.18
N TRP E 184 -31.59 -9.89 6.61
CA TRP E 184 -30.54 -10.91 6.65
C TRP E 184 -29.58 -10.66 5.51
N ILE E 185 -28.30 -10.48 5.83
CA ILE E 185 -27.28 -10.17 4.84
C ILE E 185 -26.09 -11.10 5.02
N ARG E 186 -25.26 -11.16 3.99
CA ARG E 186 -24.04 -11.96 4.01
C ARG E 186 -23.11 -11.42 2.93
N SER E 187 -21.93 -12.02 2.82
CA SER E 187 -20.97 -11.58 1.84
C SER E 187 -20.05 -12.73 1.45
N PRO E 188 -19.69 -12.87 0.17
CA PRO E 188 -18.74 -13.89 -0.24
C PRO E 188 -17.28 -13.54 0.04
N ASP E 189 -17.00 -12.33 0.52
CA ASP E 189 -15.63 -11.90 0.78
C ASP E 189 -15.25 -11.98 2.24
N ARG E 190 -16.18 -11.66 3.15
CA ARG E 190 -15.94 -11.69 4.58
C ARG E 190 -17.06 -12.42 5.27
N ASN E 191 -16.88 -12.68 6.56
CA ASN E 191 -17.90 -13.32 7.39
C ASN E 191 -18.65 -12.24 8.14
N ILE E 192 -19.83 -11.87 7.63
CA ILE E 192 -20.66 -10.86 8.27
C ILE E 192 -22.10 -11.35 8.33
N GLU E 193 -22.30 -12.64 8.14
CA GLU E 193 -23.65 -13.18 7.98
C GLU E 193 -24.47 -13.01 9.26
N GLY E 194 -25.70 -12.55 9.12
CA GLY E 194 -26.57 -12.34 10.25
C GLY E 194 -27.69 -11.39 9.88
N THR E 195 -28.39 -10.91 10.91
CA THR E 195 -29.49 -9.98 10.76
C THR E 195 -29.08 -8.62 11.29
N VAL E 196 -29.37 -7.57 10.51
CA VAL E 196 -28.97 -6.22 10.88
C VAL E 196 -29.81 -5.75 12.06
N ALA E 197 -29.15 -5.20 13.07
CA ALA E 197 -29.81 -4.69 14.27
C ALA E 197 -29.69 -3.18 14.43
N GLU E 198 -28.52 -2.61 14.19
CA GLU E 198 -28.31 -1.17 14.30
C GLU E 198 -27.30 -0.73 13.26
N ILE E 199 -27.50 0.47 12.73
CA ILE E 199 -26.57 1.08 11.78
C ILE E 199 -26.07 2.36 12.43
N GLY E 200 -24.90 2.29 13.06
CA GLY E 200 -24.30 3.42 13.73
C GLY E 200 -23.44 4.25 12.80
N TRP E 201 -22.70 5.17 13.40
CA TRP E 201 -21.84 6.06 12.64
C TRP E 201 -20.44 5.50 12.42
N ARG E 202 -19.98 4.59 13.28
CA ARG E 202 -18.69 3.96 13.12
C ARG E 202 -18.78 2.47 12.81
N ILE E 203 -19.68 1.74 13.46
CA ILE E 203 -19.84 0.32 13.25
C ILE E 203 -21.31 -0.01 13.04
N THR E 204 -21.56 -1.16 12.43
CA THR E 204 -22.90 -1.69 12.23
C THR E 204 -23.05 -2.95 13.07
N LYS E 205 -24.16 -3.05 13.81
CA LYS E 205 -24.40 -4.15 14.71
C LYS E 205 -25.26 -5.20 14.02
N ILE E 206 -24.80 -6.45 14.06
CA ILE E 206 -25.46 -7.56 13.37
C ILE E 206 -25.65 -8.70 14.36
N THR E 207 -26.85 -9.27 14.38
CA THR E 207 -27.16 -10.42 15.23
C THR E 207 -26.96 -11.69 14.40
N THR E 208 -25.99 -12.50 14.80
CA THR E 208 -25.71 -13.73 14.07
C THR E 208 -26.81 -14.76 14.35
N PHE E 209 -26.82 -15.81 13.54
CA PHE E 209 -27.78 -16.90 13.76
C PHE E 209 -27.43 -17.73 14.99
N ASP E 210 -26.28 -17.49 15.59
CA ASP E 210 -25.91 -18.06 16.87
C ASP E 210 -26.45 -17.25 18.04
N ASN E 211 -27.22 -16.20 17.77
CA ASN E 211 -27.76 -15.29 18.78
C ASN E 211 -26.64 -14.54 19.52
N ARG E 212 -25.66 -14.05 18.77
CA ARG E 212 -24.57 -13.28 19.32
C ARG E 212 -24.45 -11.95 18.58
N PRO E 213 -24.05 -10.89 19.26
CA PRO E 213 -23.83 -9.62 18.58
C PRO E 213 -22.50 -9.59 17.85
N LEU E 214 -22.51 -8.99 16.67
CA LEU E 214 -21.31 -8.86 15.84
C LEU E 214 -21.19 -7.43 15.39
N TYR E 215 -20.00 -6.84 15.57
CA TYR E 215 -19.76 -5.44 15.27
C TYR E 215 -18.85 -5.34 14.07
N VAL E 216 -19.34 -4.71 13.00
CA VAL E 216 -18.65 -4.65 11.71
C VAL E 216 -18.25 -3.20 11.46
N PRO E 217 -16.98 -2.92 11.21
CA PRO E 217 -16.58 -1.55 10.85
C PRO E 217 -17.27 -1.11 9.56
N ASN E 218 -17.67 0.16 9.53
CA ASN E 218 -18.46 0.65 8.41
C ASN E 218 -17.68 0.70 7.11
N SER E 219 -16.35 0.81 7.17
CA SER E 219 -15.55 0.92 5.95
C SER E 219 -15.58 -0.35 5.11
N LEU E 220 -16.02 -1.47 5.67
CA LEU E 220 -16.07 -2.70 4.90
C LEU E 220 -17.06 -2.62 3.76
N PHE E 221 -18.17 -1.91 3.95
CA PHE E 221 -19.23 -1.86 2.95
C PHE E 221 -18.88 -1.03 1.74
N SER E 222 -17.70 -0.42 1.70
CA SER E 222 -17.25 0.32 0.53
C SER E 222 -16.33 -0.50 -0.37
N SER E 223 -15.99 -1.72 0.02
CA SER E 223 -15.05 -2.51 -0.75
C SER E 223 -15.44 -3.96 -0.97
N ILE E 224 -16.48 -4.48 -0.32
CA ILE E 224 -16.87 -5.86 -0.47
C ILE E 224 -18.27 -5.92 -1.07
N SER E 225 -18.57 -7.06 -1.70
CA SER E 225 -19.89 -7.29 -2.24
C SER E 225 -20.83 -7.77 -1.14
N VAL E 226 -22.02 -7.19 -1.08
CA VAL E 226 -23.00 -7.50 -0.06
C VAL E 226 -24.19 -8.18 -0.72
N GLU E 227 -24.58 -9.34 -0.20
CA GLU E 227 -25.74 -10.06 -0.67
C GLU E 227 -26.85 -9.93 0.36
N ASN E 228 -28.09 -9.90 -0.11
CA ASN E 228 -29.26 -9.66 0.73
C ASN E 228 -30.22 -10.83 0.59
N PRO E 229 -29.97 -11.93 1.29
CA PRO E 229 -30.93 -13.04 1.28
C PRO E 229 -32.27 -12.67 1.89
N GLY E 230 -32.34 -11.59 2.67
CA GLY E 230 -33.61 -11.15 3.20
C GLY E 230 -34.58 -10.64 2.16
N ARG E 231 -34.12 -10.37 0.95
CA ARG E 231 -34.96 -9.87 -0.12
C ARG E 231 -35.11 -10.86 -1.27
N MET E 232 -34.96 -12.16 -1.01
CA MET E 232 -35.08 -13.14 -2.07
C MET E 232 -36.52 -13.23 -2.55
N THR E 233 -36.70 -13.81 -3.73
CA THR E 233 -38.03 -14.06 -4.27
C THR E 233 -38.42 -15.52 -4.25
N ASN E 234 -37.46 -16.44 -4.18
CA ASN E 234 -37.73 -17.86 -4.16
C ASN E 234 -36.63 -18.57 -3.39
N ARG E 235 -36.90 -19.81 -3.00
CA ARG E 235 -35.91 -20.71 -2.43
C ARG E 235 -35.60 -21.81 -3.44
N ARG E 236 -34.33 -22.14 -3.58
CA ARG E 236 -33.88 -23.10 -4.57
C ARG E 236 -33.74 -24.49 -3.96
N ILE E 237 -34.07 -25.50 -4.74
CA ILE E 237 -33.87 -26.90 -4.37
C ILE E 237 -32.94 -27.53 -5.39
N THR E 238 -31.80 -28.02 -4.92
CA THR E 238 -30.83 -28.70 -5.78
C THR E 238 -30.36 -29.97 -5.10
N THR E 239 -30.20 -31.04 -5.88
CA THR E 239 -29.72 -32.31 -5.37
C THR E 239 -29.18 -33.13 -6.54
N THR E 240 -28.61 -34.27 -6.21
CA THR E 240 -28.04 -35.17 -7.20
C THR E 240 -28.50 -36.60 -6.91
N ILE E 241 -28.92 -37.31 -7.95
CA ILE E 241 -29.33 -38.70 -7.84
C ILE E 241 -28.23 -39.56 -8.44
N GLY E 242 -27.62 -40.40 -7.62
CA GLY E 242 -26.55 -41.26 -8.09
C GLY E 242 -26.99 -42.70 -8.24
N LEU E 243 -27.16 -43.15 -9.47
CA LEU E 243 -27.60 -44.51 -9.76
C LEU E 243 -26.41 -45.40 -10.07
N ARG E 244 -26.61 -46.70 -9.88
CA ARG E 244 -25.56 -47.66 -10.18
C ARG E 244 -25.32 -47.74 -11.69
N TYR E 245 -24.11 -48.16 -12.06
CA TYR E 245 -23.77 -48.29 -13.46
C TYR E 245 -24.58 -49.37 -14.16
N GLU E 246 -25.10 -50.33 -13.41
CA GLU E 246 -25.95 -51.36 -14.00
C GLU E 246 -27.37 -50.87 -14.30
N ASP E 247 -27.71 -49.65 -13.88
CA ASP E 247 -29.02 -49.07 -14.11
C ASP E 247 -29.01 -48.08 -15.28
N ALA E 248 -28.09 -48.25 -16.22
CA ALA E 248 -27.99 -47.31 -17.33
C ALA E 248 -29.19 -47.38 -18.27
N ALA E 249 -29.94 -48.48 -18.25
CA ALA E 249 -31.08 -48.64 -19.15
C ALA E 249 -32.36 -48.01 -18.61
N LYS E 250 -32.34 -47.47 -17.40
CA LYS E 250 -33.52 -46.87 -16.80
C LYS E 250 -33.38 -45.38 -16.57
N VAL E 251 -32.27 -44.77 -17.01
CA VAL E 251 -32.03 -43.36 -16.74
C VAL E 251 -33.10 -42.50 -17.40
N GLY E 252 -33.46 -42.83 -18.64
CA GLY E 252 -34.44 -42.01 -19.34
C GLY E 252 -35.80 -42.01 -18.67
N VAL E 253 -36.29 -43.19 -18.31
CA VAL E 253 -37.61 -43.28 -17.69
C VAL E 253 -37.59 -42.65 -16.30
N ILE E 254 -36.49 -42.83 -15.56
CA ILE E 254 -36.41 -42.21 -14.24
C ILE E 254 -36.41 -40.69 -14.35
N VAL E 255 -35.66 -40.15 -15.31
CA VAL E 255 -35.64 -38.70 -15.51
C VAL E 255 -37.01 -38.20 -15.89
N GLU E 256 -37.70 -38.90 -16.78
CA GLU E 256 -39.04 -38.49 -17.18
C GLU E 256 -39.99 -38.48 -15.99
N ALA E 257 -39.95 -39.54 -15.18
CA ALA E 257 -40.84 -39.61 -14.03
C ALA E 257 -40.57 -38.51 -13.02
N VAL E 258 -39.29 -38.24 -12.74
CA VAL E 258 -38.95 -37.19 -11.79
C VAL E 258 -39.39 -35.83 -12.32
N ARG E 259 -39.19 -35.58 -13.60
CA ARG E 259 -39.62 -34.30 -14.18
C ARG E 259 -41.13 -34.15 -14.10
N GLU E 260 -41.88 -35.21 -14.38
CA GLU E 260 -43.33 -35.14 -14.27
C GLU E 260 -43.77 -34.86 -12.84
N MET E 261 -43.15 -35.55 -11.88
CA MET E 261 -43.50 -35.33 -10.48
C MET E 261 -43.23 -33.89 -10.07
N LEU E 262 -42.10 -33.34 -10.49
CA LEU E 262 -41.80 -31.95 -10.16
C LEU E 262 -42.78 -30.99 -10.83
N LYS E 263 -43.19 -31.32 -12.07
CA LYS E 263 -44.13 -30.45 -12.76
C LYS E 263 -45.51 -30.47 -12.13
N ASN E 264 -45.88 -31.56 -11.46
CA ASN E 264 -47.19 -31.67 -10.86
C ASN E 264 -47.19 -31.40 -9.36
N HIS E 265 -46.11 -30.86 -8.81
CA HIS E 265 -46.05 -30.65 -7.37
C HIS E 265 -46.62 -29.28 -7.01
N PRO E 266 -47.50 -29.19 -6.01
CA PRO E 266 -48.15 -27.92 -5.69
C PRO E 266 -47.24 -26.89 -5.04
N ALA E 267 -46.05 -27.27 -4.59
CA ALA E 267 -45.16 -26.36 -3.89
C ALA E 267 -44.07 -25.78 -4.78
N ILE E 268 -44.02 -26.16 -6.06
CA ILE E 268 -42.94 -25.76 -6.96
C ILE E 268 -43.42 -24.63 -7.84
N ASP E 269 -42.56 -23.62 -8.00
CA ASP E 269 -42.87 -22.48 -8.86
C ASP E 269 -42.67 -22.88 -10.31
N GLN E 270 -43.75 -22.96 -11.08
CA GLN E 270 -43.68 -23.41 -12.46
C GLN E 270 -43.15 -22.35 -13.41
N ARG E 271 -43.00 -21.10 -12.97
CA ARG E 271 -42.51 -20.04 -13.82
C ARG E 271 -41.00 -19.83 -13.69
N GLN E 272 -40.32 -20.64 -12.91
CA GLN E 272 -38.88 -20.56 -12.73
C GLN E 272 -38.19 -21.71 -13.46
N THR E 273 -36.88 -21.78 -13.28
CA THR E 273 -36.10 -22.85 -13.90
C THR E 273 -36.47 -24.20 -13.31
N LEU E 274 -36.56 -25.21 -14.16
CA LEU E 274 -36.91 -26.57 -13.73
C LEU E 274 -36.16 -27.54 -14.63
N LEU E 275 -35.07 -28.10 -14.13
CA LEU E 275 -34.18 -28.95 -14.92
C LEU E 275 -33.97 -30.29 -14.24
N VAL E 276 -34.12 -31.36 -15.01
CA VAL E 276 -33.82 -32.72 -14.56
C VAL E 276 -33.16 -33.43 -15.73
N TYR E 277 -31.86 -33.71 -15.61
CA TYR E 277 -31.12 -34.28 -16.73
C TYR E 277 -29.99 -35.17 -16.22
N PHE E 278 -29.72 -36.25 -16.96
CA PHE E 278 -28.52 -37.03 -16.74
C PHE E 278 -27.31 -36.17 -17.05
N ASN E 279 -26.50 -35.90 -16.03
CA ASN E 279 -25.55 -34.80 -16.06
C ASN E 279 -24.10 -35.22 -16.27
N GLN E 280 -23.60 -36.22 -15.56
CA GLN E 280 -22.17 -36.49 -15.61
C GLN E 280 -21.88 -37.92 -15.18
N PHE E 281 -20.71 -38.40 -15.59
CA PHE E 281 -20.17 -39.66 -15.13
C PHE E 281 -19.37 -39.43 -13.85
N ALA E 282 -19.65 -40.22 -12.82
CA ALA E 282 -18.92 -40.15 -11.57
C ALA E 282 -18.09 -41.42 -11.40
N ASP E 283 -17.31 -41.46 -10.32
CA ASP E 283 -16.44 -42.60 -10.08
C ASP E 283 -17.23 -43.89 -9.88
N SER E 284 -18.34 -43.82 -9.15
CA SER E 284 -19.11 -44.99 -8.82
C SER E 284 -20.57 -44.92 -9.25
N SER E 285 -21.01 -43.83 -9.85
CA SER E 285 -22.43 -43.67 -10.12
C SER E 285 -22.65 -42.81 -11.35
N LEU E 286 -23.86 -42.90 -11.89
CA LEU E 286 -24.33 -42.00 -12.94
C LEU E 286 -25.21 -40.94 -12.29
N ASN E 287 -24.81 -39.69 -12.41
CA ASN E 287 -25.43 -38.60 -11.65
C ASN E 287 -26.51 -37.92 -12.47
N ILE E 288 -27.63 -37.63 -11.80
CA ILE E 288 -28.74 -36.89 -12.39
C ILE E 288 -28.94 -35.62 -11.57
N MET E 289 -28.98 -34.47 -12.24
CA MET E 289 -29.14 -33.20 -11.56
C MET E 289 -30.62 -32.85 -11.40
N VAL E 290 -30.93 -32.15 -10.32
CA VAL E 290 -32.27 -31.66 -10.04
C VAL E 290 -32.15 -30.18 -9.66
N TYR E 291 -33.03 -29.37 -10.23
CA TYR E 291 -32.90 -27.91 -10.12
C TYR E 291 -34.28 -27.30 -10.24
N CYS E 292 -34.78 -26.70 -9.16
CA CYS E 292 -36.11 -26.12 -9.16
C CYS E 292 -36.21 -25.08 -8.06
N PHE E 293 -37.37 -24.44 -7.96
CA PHE E 293 -37.62 -23.39 -6.98
C PHE E 293 -38.97 -23.62 -6.31
N THR E 294 -39.12 -23.10 -5.10
CA THR E 294 -40.38 -23.11 -4.39
C THR E 294 -41.02 -21.73 -4.40
N LYS E 295 -42.34 -21.71 -4.30
CA LYS E 295 -43.04 -20.43 -4.23
C LYS E 295 -42.75 -19.70 -2.93
N THR E 296 -42.70 -20.43 -1.82
CA THR E 296 -42.52 -19.82 -0.52
C THR E 296 -41.06 -19.41 -0.32
N THR E 297 -40.86 -18.47 0.60
CA THR E 297 -39.52 -18.06 1.03
C THR E 297 -39.32 -18.27 2.52
N VAL E 298 -40.23 -18.95 3.20
CA VAL E 298 -40.11 -19.19 4.62
C VAL E 298 -39.25 -20.43 4.86
N TRP E 299 -38.44 -20.38 5.91
CA TRP E 299 -37.48 -21.45 6.19
C TRP E 299 -38.17 -22.80 6.37
N ALA E 300 -39.15 -22.85 7.28
CA ALA E 300 -39.76 -24.13 7.64
C ALA E 300 -40.54 -24.73 6.48
N GLU E 301 -41.30 -23.91 5.75
CA GLU E 301 -42.08 -24.43 4.64
C GLU E 301 -41.18 -24.92 3.51
N TRP E 302 -40.09 -24.20 3.25
CA TRP E 302 -39.13 -24.65 2.24
C TRP E 302 -38.52 -25.98 2.64
N LEU E 303 -38.15 -26.13 3.91
CA LEU E 303 -37.57 -27.40 4.35
C LEU E 303 -38.58 -28.54 4.24
N ALA E 304 -39.84 -28.27 4.60
CA ALA E 304 -40.86 -29.32 4.49
C ALA E 304 -41.08 -29.73 3.04
N ALA E 305 -41.15 -28.77 2.13
CA ALA E 305 -41.32 -29.09 0.72
C ALA E 305 -40.12 -29.88 0.20
N GLN E 306 -38.92 -29.51 0.61
CA GLN E 306 -37.73 -30.24 0.19
C GLN E 306 -37.77 -31.69 0.68
N GLN E 307 -38.18 -31.90 1.93
CA GLN E 307 -38.27 -33.26 2.46
C GLN E 307 -39.30 -34.07 1.69
N ASP E 308 -40.46 -33.47 1.39
CA ASP E 308 -41.47 -34.18 0.61
C ASP E 308 -40.94 -34.57 -0.76
N VAL E 309 -40.24 -33.65 -1.42
CA VAL E 309 -39.69 -33.93 -2.74
C VAL E 309 -38.68 -35.07 -2.67
N TYR E 310 -37.81 -35.04 -1.65
CA TYR E 310 -36.80 -36.09 -1.52
C TYR E 310 -37.44 -37.46 -1.32
N LEU E 311 -38.46 -37.54 -0.47
CA LEU E 311 -39.12 -38.81 -0.25
C LEU E 311 -39.79 -39.32 -1.53
N LYS E 312 -40.42 -38.41 -2.28
CA LYS E 312 -41.03 -38.81 -3.54
C LYS E 312 -39.98 -39.30 -4.53
N ILE E 313 -38.80 -38.66 -4.55
CA ILE E 313 -37.73 -39.09 -5.43
C ILE E 313 -37.26 -40.49 -5.07
N ILE E 314 -37.12 -40.76 -3.77
CA ILE E 314 -36.72 -42.10 -3.33
C ILE E 314 -37.73 -43.13 -3.82
N ASP E 315 -39.02 -42.83 -3.64
CA ASP E 315 -40.05 -43.76 -4.08
C ASP E 315 -39.99 -43.99 -5.58
N ILE E 316 -39.80 -42.93 -6.36
CA ILE E 316 -39.75 -43.05 -7.82
C ILE E 316 -38.57 -43.93 -8.22
N VAL E 317 -37.40 -43.68 -7.64
CA VAL E 317 -36.21 -44.43 -8.01
C VAL E 317 -36.39 -45.91 -7.68
N GLN E 318 -36.87 -46.21 -6.47
CA GLN E 318 -36.99 -47.60 -6.08
C GLN E 318 -38.13 -48.32 -6.79
N SER E 319 -39.12 -47.59 -7.31
CA SER E 319 -40.24 -48.24 -7.99
C SER E 319 -39.88 -48.73 -9.38
N HIS E 320 -38.82 -48.21 -9.99
CA HIS E 320 -38.44 -48.58 -11.34
C HIS E 320 -37.39 -49.69 -11.38
N GLY E 321 -37.01 -50.24 -10.23
CA GLY E 321 -36.02 -51.29 -10.18
C GLY E 321 -34.59 -50.84 -10.07
N ALA E 322 -34.33 -49.55 -10.02
CA ALA E 322 -32.98 -49.03 -9.86
C ALA E 322 -32.67 -48.91 -8.37
N ASP E 323 -31.51 -48.36 -8.05
CA ASP E 323 -31.12 -48.17 -6.65
C ASP E 323 -29.99 -47.16 -6.58
N PHE E 324 -29.83 -46.57 -5.41
CA PHE E 324 -28.73 -45.65 -5.16
C PHE E 324 -27.42 -46.43 -5.00
N ALA E 325 -26.32 -45.75 -5.32
CA ALA E 325 -25.01 -46.40 -5.38
C ALA E 325 -24.14 -45.96 -4.21
N PHE E 326 -23.58 -46.94 -3.51
CA PHE E 326 -22.51 -46.69 -2.57
C PHE E 326 -21.20 -46.50 -3.31
N PRO E 327 -20.19 -45.91 -2.67
CA PRO E 327 -18.85 -45.93 -3.27
C PRO E 327 -18.41 -47.37 -3.51
N SER E 328 -17.81 -47.61 -4.68
CA SER E 328 -17.54 -48.96 -5.13
C SER E 328 -16.07 -49.11 -5.50
N GLN E 329 -15.58 -50.35 -5.41
CA GLN E 329 -14.21 -50.68 -5.74
C GLN E 329 -14.15 -52.06 -6.35
N THR E 330 -13.11 -52.30 -7.15
CA THR E 330 -12.80 -53.61 -7.69
C THR E 330 -11.51 -54.10 -7.04
N LEU E 331 -11.54 -55.29 -6.46
CA LEU E 331 -10.43 -55.82 -5.71
C LEU E 331 -9.88 -57.07 -6.38
N TYR E 332 -8.56 -57.09 -6.61
CA TYR E 332 -7.87 -58.23 -7.18
C TYR E 332 -7.09 -58.91 -6.05
N MET E 333 -7.46 -60.15 -5.75
CA MET E 333 -6.95 -60.84 -4.58
C MET E 333 -5.68 -61.60 -4.91
N ASP E 334 -4.72 -61.56 -3.99
CA ASP E 334 -3.46 -62.27 -4.15
C ASP E 334 -2.80 -62.54 -2.81
N ALA F 3 -25.13 68.13 -2.71
CA ALA F 3 -25.33 68.92 -3.91
C ALA F 3 -24.22 68.64 -4.93
N GLU F 4 -23.01 69.09 -4.62
CA GLU F 4 -21.87 68.90 -5.52
C GLU F 4 -21.36 67.46 -5.50
N LEU F 5 -21.63 66.71 -4.42
CA LEU F 5 -21.16 65.33 -4.35
C LEU F 5 -21.97 64.40 -5.25
N PHE F 6 -23.17 64.80 -5.67
CA PHE F 6 -23.99 63.95 -6.52
C PHE F 6 -23.41 63.79 -7.91
N THR F 7 -22.52 64.70 -8.32
CA THR F 7 -21.96 64.64 -9.66
C THR F 7 -21.10 63.40 -9.85
N ASN F 8 -20.33 63.02 -8.84
CA ASN F 8 -19.38 61.93 -8.94
C ASN F 8 -19.97 60.58 -8.55
N ASN F 9 -21.23 60.53 -8.13
CA ASN F 9 -21.83 59.28 -7.66
C ASN F 9 -23.12 58.93 -8.39
N ALA F 10 -23.51 59.69 -9.42
CA ALA F 10 -24.82 59.52 -10.03
C ALA F 10 -25.03 58.09 -10.53
N LEU F 11 -24.01 57.51 -11.17
CA LEU F 11 -24.13 56.13 -11.64
C LEU F 11 -24.38 55.17 -10.49
N ASN F 12 -23.85 55.47 -9.31
CA ASN F 12 -24.01 54.57 -8.17
C ASN F 12 -25.46 54.52 -7.70
N LEU F 13 -26.09 55.68 -7.50
CA LEU F 13 -27.51 55.69 -7.15
C LEU F 13 -28.35 55.12 -8.29
N VAL F 14 -27.93 55.35 -9.54
CA VAL F 14 -28.67 54.81 -10.68
C VAL F 14 -28.68 53.29 -10.62
N ILE F 15 -27.52 52.67 -10.40
CA ILE F 15 -27.47 51.22 -10.36
C ILE F 15 -28.13 50.67 -9.11
N ILE F 16 -28.08 51.40 -7.99
CA ILE F 16 -28.77 50.97 -6.78
C ILE F 16 -30.27 50.93 -7.03
N PHE F 17 -30.81 51.99 -7.62
CA PHE F 17 -32.24 52.04 -7.92
C PHE F 17 -32.63 50.97 -8.93
N GLY F 18 -31.78 50.74 -9.94
CA GLY F 18 -32.06 49.70 -10.91
C GLY F 18 -32.08 48.32 -10.29
N SER F 19 -31.14 48.04 -9.39
CA SER F 19 -31.11 46.76 -8.70
C SER F 19 -32.33 46.57 -7.81
N CYS F 20 -32.73 47.62 -7.10
CA CYS F 20 -33.93 47.52 -6.27
C CYS F 20 -35.18 47.28 -7.12
N ALA F 21 -35.28 47.99 -8.26
CA ALA F 21 -36.42 47.79 -9.14
C ALA F 21 -36.43 46.38 -9.73
N ALA F 22 -35.26 45.85 -10.10
CA ALA F 22 -35.19 44.49 -10.60
C ALA F 22 -35.57 43.48 -9.52
N LEU F 23 -35.15 43.73 -8.28
CA LEU F 23 -35.52 42.85 -7.17
C LEU F 23 -37.04 42.83 -6.98
N ILE F 24 -37.66 44.01 -7.00
CA ILE F 24 -39.11 44.07 -6.83
C ILE F 24 -39.81 43.40 -8.01
N LEU F 25 -39.30 43.61 -9.22
CA LEU F 25 -39.90 43.01 -10.41
C LEU F 25 -39.82 41.48 -10.35
N MET F 26 -38.68 40.94 -9.90
CA MET F 26 -38.54 39.49 -9.84
C MET F 26 -39.33 38.92 -8.68
N SER F 27 -39.53 39.70 -7.61
CA SER F 27 -40.43 39.28 -6.53
C SER F 27 -41.86 39.15 -7.05
N PHE F 28 -42.31 40.15 -7.81
CA PHE F 28 -43.64 40.08 -8.41
C PHE F 28 -43.74 38.93 -9.40
N TRP F 29 -42.68 38.70 -10.18
CA TRP F 29 -42.68 37.63 -11.18
C TRP F 29 -42.79 36.28 -10.48
N PHE F 30 -42.08 36.10 -9.37
CA PHE F 30 -42.24 34.89 -8.57
C PHE F 30 -43.66 34.79 -8.00
N ARG F 31 -44.21 35.91 -7.52
CA ARG F 31 -45.55 35.88 -6.95
C ARG F 31 -46.60 35.50 -8.00
N ARG F 32 -46.34 35.82 -9.27
CA ARG F 32 -47.26 35.49 -10.35
C ARG F 32 -46.91 34.11 -10.89
N GLY F 33 -47.75 33.11 -10.60
CA GLY F 33 -47.59 31.77 -11.09
C GLY F 33 -46.72 30.87 -10.25
N ASN F 34 -45.70 31.43 -9.59
CA ASN F 34 -44.73 30.68 -8.77
C ASN F 34 -44.32 29.37 -9.42
N ARG F 35 -43.92 29.47 -10.70
CA ARG F 35 -43.47 28.29 -11.43
C ARG F 35 -42.10 27.83 -10.95
N LYS F 36 -41.32 28.73 -10.34
CA LYS F 36 -39.97 28.41 -9.91
C LYS F 36 -39.98 27.83 -8.49
N ARG F 37 -38.81 27.38 -8.07
CA ARG F 37 -38.59 26.91 -6.70
C ARG F 37 -37.68 27.90 -6.00
N LYS F 38 -38.19 28.49 -4.91
CA LYS F 38 -37.45 29.51 -4.16
C LYS F 38 -36.46 28.82 -3.21
N GLY F 39 -35.42 28.23 -3.80
CA GLY F 39 -34.41 27.53 -3.03
C GLY F 39 -33.06 28.22 -3.05
N PHE F 40 -32.08 27.61 -3.71
CA PHE F 40 -30.73 28.16 -3.71
C PHE F 40 -30.59 29.34 -4.66
N LEU F 41 -31.29 29.33 -5.80
CA LEU F 41 -31.07 30.36 -6.81
C LEU F 41 -31.59 31.72 -6.35
N PHE F 42 -32.80 31.74 -5.79
CA PHE F 42 -33.37 33.00 -5.32
C PHE F 42 -32.59 33.55 -4.13
N HIS F 43 -32.13 32.66 -3.24
CA HIS F 43 -31.26 33.08 -2.15
C HIS F 43 -29.95 33.66 -2.67
N ALA F 44 -29.38 33.05 -3.70
CA ALA F 44 -28.13 33.56 -4.29
C ALA F 44 -28.36 34.91 -4.94
N VAL F 45 -29.51 35.09 -5.59
CA VAL F 45 -29.83 36.39 -6.19
C VAL F 45 -29.92 37.45 -5.11
N GLN F 46 -30.62 37.14 -4.01
CA GLN F 46 -30.67 38.08 -2.89
C GLN F 46 -29.27 38.38 -2.36
N PHE F 47 -28.43 37.36 -2.25
CA PHE F 47 -27.08 37.55 -1.75
C PHE F 47 -26.29 38.50 -2.62
N LEU F 48 -26.34 38.29 -3.94
CA LEU F 48 -25.54 39.13 -4.83
C LEU F 48 -26.06 40.56 -4.87
N ILE F 49 -27.38 40.74 -4.86
CA ILE F 49 -27.90 42.11 -4.87
C ILE F 49 -27.57 42.81 -3.56
N TYR F 50 -27.64 42.09 -2.43
CA TYR F 50 -27.25 42.68 -1.16
C TYR F 50 -25.78 43.09 -1.17
N THR F 51 -24.93 42.22 -1.71
CA THR F 51 -23.50 42.52 -1.77
C THR F 51 -23.24 43.76 -2.60
N ILE F 52 -23.87 43.86 -3.77
CA ILE F 52 -23.59 45.00 -4.63
C ILE F 52 -24.13 46.29 -4.03
N ILE F 53 -25.30 46.24 -3.39
CA ILE F 53 -25.85 47.47 -2.82
C ILE F 53 -25.01 47.93 -1.63
N ILE F 54 -24.53 46.99 -0.80
CA ILE F 54 -23.72 47.44 0.33
C ILE F 54 -22.36 47.91 -0.15
N SER F 55 -21.81 47.32 -1.21
CA SER F 55 -20.56 47.83 -1.76
C SER F 55 -20.74 49.25 -2.28
N ALA F 56 -21.87 49.52 -2.95
CA ALA F 56 -22.15 50.87 -3.42
C ALA F 56 -22.29 51.84 -2.25
N VAL F 57 -22.98 51.44 -1.19
CA VAL F 57 -23.15 52.31 -0.03
C VAL F 57 -21.80 52.59 0.62
N GLY F 58 -20.95 51.57 0.73
CA GLY F 58 -19.62 51.78 1.28
C GLY F 58 -18.78 52.71 0.43
N SER F 59 -18.88 52.59 -0.89
CA SER F 59 -18.17 53.52 -1.77
C SER F 59 -18.66 54.95 -1.57
N ILE F 60 -19.97 55.13 -1.43
CA ILE F 60 -20.52 56.46 -1.19
C ILE F 60 -20.01 57.02 0.14
N ILE F 61 -19.98 56.19 1.18
CA ILE F 61 -19.49 56.65 2.47
C ILE F 61 -18.01 57.03 2.36
N ASN F 62 -17.22 56.22 1.65
CA ASN F 62 -15.81 56.53 1.47
C ASN F 62 -15.63 57.86 0.76
N TYR F 63 -16.38 58.08 -0.32
CA TYR F 63 -16.26 59.32 -1.07
C TYR F 63 -16.67 60.52 -0.24
N VAL F 64 -17.77 60.37 0.53
CA VAL F 64 -18.23 61.47 1.37
C VAL F 64 -17.19 61.82 2.42
N ILE F 65 -16.62 60.80 3.08
CA ILE F 65 -15.62 61.05 4.11
C ILE F 65 -14.38 61.71 3.52
N GLU F 66 -13.90 61.18 2.38
CA GLU F 66 -12.68 61.70 1.78
C GLU F 66 -12.87 63.07 1.14
N ASN F 67 -14.10 63.44 0.80
CA ASN F 67 -14.35 64.70 0.11
C ASN F 67 -14.92 65.78 1.01
N TYR F 68 -15.41 65.43 2.19
CA TYR F 68 -16.02 66.39 3.11
C TYR F 68 -15.17 66.67 4.33
N LYS F 69 -14.82 65.63 5.10
CA LYS F 69 -14.01 65.79 6.29
C LYS F 69 -13.54 64.41 6.74
N LEU F 70 -12.25 64.31 7.07
CA LEU F 70 -11.65 63.05 7.48
C LEU F 70 -11.72 62.82 8.99
N LYS F 71 -12.18 63.81 9.75
CA LYS F 71 -12.21 63.67 11.21
C LYS F 71 -13.33 62.73 11.64
N PHE F 72 -13.08 62.01 12.73
CA PHE F 72 -14.03 61.15 13.44
C PHE F 72 -14.39 59.88 12.67
N ILE F 73 -13.90 59.70 11.44
CA ILE F 73 -14.17 58.51 10.66
C ILE F 73 -12.84 57.92 10.19
N THR F 74 -12.65 56.63 10.43
CA THR F 74 -11.43 55.95 10.00
C THR F 74 -11.73 55.15 8.75
N PRO F 75 -11.09 55.45 7.62
CA PRO F 75 -11.34 54.68 6.40
C PRO F 75 -10.88 53.24 6.54
N GLY F 76 -11.56 52.34 5.83
CA GLY F 76 -11.30 50.93 5.91
C GLY F 76 -12.15 50.20 6.94
N VAL F 77 -12.54 50.88 8.02
CA VAL F 77 -13.42 50.27 9.00
C VAL F 77 -14.80 50.01 8.40
N ILE F 78 -15.24 50.89 7.51
CA ILE F 78 -16.50 50.66 6.81
C ILE F 78 -16.38 49.45 5.88
N ASP F 79 -15.20 49.24 5.30
CA ASP F 79 -14.98 48.02 4.53
C ASP F 79 -15.07 46.79 5.42
N PHE F 80 -14.51 46.88 6.63
CA PHE F 80 -14.63 45.78 7.59
C PHE F 80 -16.08 45.49 7.93
N ILE F 81 -16.88 46.55 8.14
CA ILE F 81 -18.28 46.35 8.50
C ILE F 81 -19.07 45.77 7.33
N CYS F 82 -18.74 46.17 6.09
CA CYS F 82 -19.42 45.62 4.94
C CYS F 82 -19.09 44.15 4.76
N THR F 83 -17.82 43.79 4.92
CA THR F 83 -17.42 42.38 4.85
C THR F 83 -18.11 41.58 5.94
N SER F 84 -18.17 42.12 7.15
CA SER F 84 -18.85 41.43 8.25
C SER F 84 -20.31 41.21 7.94
N LEU F 85 -21.00 42.22 7.41
CA LEU F 85 -22.42 42.08 7.14
C LEU F 85 -22.67 41.05 6.04
N ILE F 86 -21.86 41.09 4.97
CA ILE F 86 -22.10 40.14 3.88
C ILE F 86 -21.79 38.72 4.34
N ALA F 87 -20.75 38.55 5.18
CA ALA F 87 -20.47 37.23 5.72
C ALA F 87 -21.61 36.73 6.59
N VAL F 88 -22.16 37.61 7.43
CA VAL F 88 -23.29 37.22 8.28
C VAL F 88 -24.48 36.83 7.43
N ILE F 89 -24.75 37.58 6.36
CA ILE F 89 -25.87 37.27 5.50
C ILE F 89 -25.67 35.93 4.81
N LEU F 90 -24.45 35.65 4.36
CA LEU F 90 -24.16 34.35 3.74
C LEU F 90 -24.38 33.23 4.74
N THR F 91 -23.90 33.40 5.97
CA THR F 91 -24.10 32.38 6.99
C THR F 91 -25.58 32.14 7.27
N ILE F 92 -26.36 33.22 7.34
CA ILE F 92 -27.79 33.08 7.61
C ILE F 92 -28.48 32.34 6.47
N LYS F 93 -28.14 32.68 5.23
CA LYS F 93 -28.75 31.99 4.09
C LYS F 93 -28.39 30.50 4.09
N LEU F 94 -27.13 30.19 4.36
CA LEU F 94 -26.71 28.79 4.39
C LEU F 94 -27.42 28.02 5.49
N PHE F 95 -27.53 28.62 6.68
CA PHE F 95 -28.22 27.95 7.78
C PHE F 95 -29.70 27.73 7.45
N LEU F 96 -30.33 28.71 6.80
CA LEU F 96 -31.71 28.53 6.38
C LEU F 96 -31.84 27.37 5.40
N LEU F 97 -30.91 27.28 4.45
CA LEU F 97 -30.95 26.17 3.49
C LEU F 97 -30.78 24.83 4.18
N ILE F 98 -29.86 24.75 5.14
CA ILE F 98 -29.64 23.49 5.87
C ILE F 98 -30.88 23.12 6.68
N ASN F 99 -31.51 24.11 7.32
CA ASN F 99 -32.72 23.82 8.09
C ASN F 99 -33.85 23.34 7.18
N GLN F 100 -33.98 23.96 6.00
CA GLN F 100 -34.99 23.50 5.06
C GLN F 100 -34.71 22.08 4.59
N PHE F 101 -33.43 21.76 4.35
CA PHE F 101 -33.07 20.40 3.96
C PHE F 101 -33.41 19.40 5.04
N GLU F 102 -33.12 19.74 6.30
CA GLU F 102 -33.45 18.84 7.40
C GLU F 102 -34.95 18.65 7.52
N LYS F 103 -35.73 19.72 7.36
CA LYS F 103 -37.18 19.61 7.43
C LYS F 103 -37.70 18.72 6.32
N GLN F 104 -37.18 18.88 5.11
CA GLN F 104 -37.60 18.03 4.00
C GLN F 104 -37.23 16.58 4.25
N GLN F 105 -36.05 16.33 4.81
CA GLN F 105 -35.63 14.97 5.10
C GLN F 105 -36.54 14.32 6.14
N ILE F 106 -36.91 15.08 7.18
CA ILE F 106 -37.85 14.56 8.17
C ILE F 106 -39.20 14.29 7.53
N LYS F 107 -39.66 15.20 6.68
CA LYS F 107 -40.93 15.00 5.97
C LYS F 107 -40.88 13.74 5.10
N LYS F 108 -39.71 13.40 4.56
CA LYS F 108 -39.58 12.19 3.77
C LYS F 108 -39.80 10.92 4.58
N GLY F 109 -39.82 11.02 5.91
CA GLY F 109 -40.12 9.87 6.74
C GLY F 109 -38.89 9.14 7.25
N ARG F 110 -37.98 9.87 7.88
CA ARG F 110 -36.78 9.23 8.42
C ARG F 110 -36.58 9.63 9.88
N ASP F 111 -35.54 9.09 10.52
CA ASP F 111 -35.33 9.26 11.95
C ASP F 111 -35.04 10.72 12.28
N ILE F 112 -35.43 11.11 13.49
CA ILE F 112 -35.26 12.50 13.93
C ILE F 112 -33.80 12.77 14.28
N THR F 113 -33.28 12.00 15.25
CA THR F 113 -31.93 12.26 15.77
C THR F 113 -30.89 12.13 14.68
N SER F 114 -31.05 11.16 13.77
CA SER F 114 -30.12 11.03 12.67
C SER F 114 -30.13 12.27 11.79
N ALA F 115 -31.31 12.81 11.51
CA ALA F 115 -31.40 14.04 10.72
C ALA F 115 -30.73 15.21 11.43
N ARG F 116 -30.94 15.32 12.74
CA ARG F 116 -30.28 16.41 13.48
C ARG F 116 -28.76 16.26 13.44
N ILE F 117 -28.26 15.04 13.58
CA ILE F 117 -26.82 14.82 13.55
C ILE F 117 -26.26 15.16 12.17
N MET F 118 -26.95 14.75 11.11
CA MET F 118 -26.50 15.10 9.76
C MET F 118 -26.50 16.61 9.57
N SER F 119 -27.53 17.30 10.06
CA SER F 119 -27.57 18.75 9.94
C SER F 119 -26.41 19.39 10.69
N ARG F 120 -26.10 18.88 11.89
CA ARG F 120 -24.97 19.42 12.64
C ARG F 120 -23.67 19.20 11.90
N ILE F 121 -23.49 18.04 11.28
CA ILE F 121 -22.27 17.77 10.52
C ILE F 121 -22.14 18.74 9.36
N ILE F 122 -23.24 18.96 8.63
CA ILE F 122 -23.20 19.86 7.49
C ILE F 122 -22.90 21.28 7.94
N LYS F 123 -23.51 21.71 9.06
CA LYS F 123 -23.24 23.03 9.59
C LYS F 123 -21.78 23.18 9.97
N ILE F 124 -21.21 22.17 10.63
CA ILE F 124 -19.82 22.24 11.06
C ILE F 124 -18.89 22.34 9.86
N THR F 125 -19.13 21.53 8.83
CA THR F 125 -18.24 21.59 7.67
C THR F 125 -18.41 22.90 6.90
N ILE F 126 -19.63 23.46 6.87
CA ILE F 126 -19.82 24.75 6.23
C ILE F 126 -19.05 25.83 6.99
N ILE F 127 -19.11 25.82 8.31
CA ILE F 127 -18.35 26.79 9.11
C ILE F 127 -16.86 26.64 8.87
N VAL F 128 -16.37 25.39 8.81
CA VAL F 128 -14.95 25.18 8.59
C VAL F 128 -14.52 25.72 7.22
N VAL F 129 -15.34 25.45 6.20
CA VAL F 129 -15.01 25.94 4.86
C VAL F 129 -15.01 27.47 4.83
N LEU F 130 -16.00 28.09 5.46
CA LEU F 130 -16.06 29.55 5.50
C LEU F 130 -14.85 30.13 6.21
N VAL F 131 -14.47 29.55 7.34
CA VAL F 131 -13.32 30.05 8.08
C VAL F 131 -12.05 29.92 7.25
N LEU F 132 -11.87 28.77 6.58
CA LEU F 132 -10.71 28.59 5.72
C LEU F 132 -10.72 29.58 4.56
N LEU F 133 -11.91 29.98 4.12
CA LEU F 133 -12.03 30.89 2.98
C LEU F 133 -12.00 32.35 3.42
N TYR F 134 -12.68 32.69 4.51
CA TYR F 134 -12.79 34.06 4.96
C TYR F 134 -11.84 34.38 6.11
N GLY F 135 -10.75 33.64 6.23
CA GLY F 135 -9.81 33.84 7.31
C GLY F 135 -8.78 34.93 7.09
N GLU F 136 -8.89 35.68 6.00
CA GLU F 136 -7.96 36.77 5.72
C GLU F 136 -8.65 38.12 5.70
N HIS F 137 -9.73 38.27 4.94
CA HIS F 137 -10.46 39.52 4.90
C HIS F 137 -11.06 39.87 6.26
N PHE F 138 -11.22 38.87 7.14
CA PHE F 138 -11.66 39.08 8.50
C PHE F 138 -10.62 38.60 9.51
N GLY F 139 -10.06 37.42 9.30
CA GLY F 139 -9.06 36.89 10.20
C GLY F 139 -7.71 37.52 10.01
N MET F 140 -6.75 37.06 10.80
CA MET F 140 -5.41 37.65 10.82
C MET F 140 -4.31 36.67 10.42
N SER F 141 -4.29 35.47 10.97
CA SER F 141 -3.21 34.53 10.67
C SER F 141 -3.29 34.04 9.24
N LEU F 142 -2.12 33.80 8.64
CA LEU F 142 -2.04 33.24 7.29
C LEU F 142 -1.38 31.88 7.29
N SER F 143 -0.15 31.75 7.82
CA SER F 143 0.55 30.49 7.77
C SER F 143 -0.15 29.43 8.61
N GLY F 144 -0.64 29.80 9.79
CA GLY F 144 -1.34 28.84 10.62
C GLY F 144 -2.61 28.32 9.97
N LEU F 145 -3.41 29.23 9.41
CA LEU F 145 -4.62 28.82 8.71
C LEU F 145 -4.29 27.94 7.51
N LEU F 146 -3.25 28.31 6.75
CA LEU F 146 -2.87 27.51 5.60
C LEU F 146 -2.47 26.11 6.01
N THR F 147 -1.64 25.99 7.05
CA THR F 147 -1.20 24.67 7.50
C THR F 147 -2.35 23.84 8.02
N PHE F 148 -3.24 24.46 8.81
CA PHE F 148 -4.38 23.73 9.38
C PHE F 148 -5.29 23.22 8.26
N GLY F 149 -5.63 24.10 7.31
CA GLY F 149 -6.45 23.67 6.20
C GLY F 149 -5.79 22.61 5.36
N GLY F 150 -4.48 22.73 5.15
CA GLY F 150 -3.78 21.75 4.35
C GLY F 150 -3.79 20.37 4.97
N ILE F 151 -3.51 20.31 6.28
CA ILE F 151 -3.47 19.00 6.93
C ILE F 151 -4.87 18.41 7.03
N GLY F 152 -5.88 19.24 7.31
CA GLY F 152 -7.24 18.74 7.33
C GLY F 152 -7.67 18.18 5.99
N GLY F 153 -7.40 18.94 4.91
CA GLY F 153 -7.75 18.47 3.59
C GLY F 153 -6.97 17.24 3.17
N LEU F 154 -5.72 17.13 3.60
CA LEU F 154 -4.93 15.93 3.28
C LEU F 154 -5.51 14.70 3.95
N ALA F 155 -5.87 14.82 5.24
CA ALA F 155 -6.50 13.70 5.92
C ALA F 155 -7.82 13.33 5.27
N VAL F 156 -8.63 14.34 4.93
CA VAL F 156 -9.93 14.07 4.29
C VAL F 156 -9.73 13.37 2.96
N GLY F 157 -8.75 13.83 2.18
CA GLY F 157 -8.49 13.21 0.89
C GLY F 157 -8.05 11.77 1.00
N MET F 158 -7.20 11.46 1.99
CA MET F 158 -6.80 10.07 2.15
C MET F 158 -7.96 9.22 2.62
N ALA F 159 -8.81 9.75 3.49
CA ALA F 159 -9.88 8.93 4.07
C ALA F 159 -10.97 8.61 3.07
N GLY F 160 -11.27 9.53 2.15
CA GLY F 160 -12.40 9.34 1.25
C GLY F 160 -12.03 8.77 -0.10
N LYS F 161 -10.95 7.99 -0.16
CA LYS F 161 -10.46 7.48 -1.44
C LYS F 161 -11.44 6.47 -2.05
N ASP F 162 -12.01 5.60 -1.23
CA ASP F 162 -12.78 4.48 -1.76
C ASP F 162 -14.12 4.92 -2.35
N ILE F 163 -14.81 5.84 -1.68
CA ILE F 163 -16.09 6.33 -2.18
C ILE F 163 -15.89 7.05 -3.51
N LEU F 164 -14.84 7.88 -3.58
CA LEU F 164 -14.54 8.57 -4.83
C LEU F 164 -14.15 7.59 -5.93
N SER F 165 -13.43 6.52 -5.56
CA SER F 165 -13.09 5.49 -6.53
C SER F 165 -14.35 4.83 -7.10
N ASN F 166 -15.31 4.53 -6.22
CA ASN F 166 -16.57 3.96 -6.70
C ASN F 166 -17.28 4.91 -7.64
N PHE F 167 -17.31 6.19 -7.30
CA PHE F 167 -17.98 7.17 -8.17
C PHE F 167 -17.30 7.28 -9.53
N PHE F 168 -15.96 7.33 -9.54
CA PHE F 168 -15.25 7.45 -10.81
C PHE F 168 -15.42 6.20 -11.67
N SER F 169 -15.37 5.02 -11.04
CA SER F 169 -15.62 3.80 -11.79
C SER F 169 -17.05 3.74 -12.32
N GLY F 170 -18.01 4.33 -11.59
CA GLY F 170 -19.35 4.42 -12.12
C GLY F 170 -19.43 5.29 -13.35
N ILE F 171 -18.71 6.41 -13.35
CA ILE F 171 -18.65 7.26 -14.54
C ILE F 171 -18.04 6.49 -15.71
N MET F 172 -16.93 5.79 -15.45
CA MET F 172 -16.27 5.04 -16.50
C MET F 172 -17.19 3.96 -17.06
N LEU F 173 -17.94 3.28 -16.19
CA LEU F 173 -18.91 2.30 -16.66
C LEU F 173 -19.99 2.96 -17.50
N TYR F 174 -20.42 4.15 -17.10
CA TYR F 174 -21.40 4.88 -17.90
C TYR F 174 -20.88 5.14 -19.30
N PHE F 175 -19.59 5.43 -19.45
CA PHE F 175 -19.06 5.69 -20.79
C PHE F 175 -18.62 4.43 -21.51
N ASP F 176 -18.06 3.45 -20.79
CA ASP F 176 -17.54 2.23 -21.41
C ASP F 176 -17.74 1.08 -20.44
N ARG F 177 -18.74 0.24 -20.70
CA ARG F 177 -18.98 -0.91 -19.85
C ARG F 177 -19.03 -2.19 -20.69
N PRO F 178 -18.41 -3.26 -20.21
CA PRO F 178 -18.42 -4.51 -20.98
C PRO F 178 -19.60 -5.42 -20.66
N PHE F 179 -20.80 -4.86 -20.52
CA PHE F 179 -22.00 -5.66 -20.32
C PHE F 179 -23.21 -4.73 -20.38
N SER F 180 -24.39 -5.34 -20.40
CA SER F 180 -25.65 -4.61 -20.48
C SER F 180 -26.61 -5.17 -19.44
N ILE F 181 -27.76 -4.51 -19.31
CA ILE F 181 -28.79 -5.00 -18.41
C ILE F 181 -29.32 -6.33 -18.95
N GLY F 182 -29.40 -7.33 -18.07
CA GLY F 182 -29.86 -8.64 -18.46
C GLY F 182 -28.76 -9.58 -18.90
N ASP F 183 -27.50 -9.19 -18.79
CA ASP F 183 -26.38 -10.03 -19.17
C ASP F 183 -25.91 -10.88 -18.01
N TRP F 184 -25.64 -12.15 -18.28
CA TRP F 184 -25.04 -13.03 -17.30
C TRP F 184 -23.53 -12.85 -17.32
N ILE F 185 -22.95 -12.49 -16.17
CA ILE F 185 -21.53 -12.22 -16.06
C ILE F 185 -20.95 -12.98 -14.89
N ARG F 186 -19.63 -13.10 -14.89
CA ARG F 186 -18.90 -13.75 -13.81
C ARG F 186 -17.45 -13.27 -13.87
N SER F 187 -16.64 -13.75 -12.93
CA SER F 187 -15.25 -13.36 -12.88
C SER F 187 -14.42 -14.45 -12.23
N PRO F 188 -13.21 -14.72 -12.74
CA PRO F 188 -12.33 -15.70 -12.08
C PRO F 188 -11.60 -15.16 -10.87
N ASP F 189 -11.73 -13.87 -10.55
CA ASP F 189 -11.05 -13.27 -9.42
C ASP F 189 -11.94 -13.10 -8.20
N ARG F 190 -13.21 -12.75 -8.40
CA ARG F 190 -14.15 -12.55 -7.31
C ARG F 190 -15.44 -13.30 -7.63
N ASN F 191 -16.33 -13.35 -6.64
CA ASN F 191 -17.64 -13.98 -6.79
C ASN F 191 -18.65 -12.88 -7.07
N ILE F 192 -18.99 -12.72 -8.34
CA ILE F 192 -19.97 -11.72 -8.76
C ILE F 192 -20.96 -12.35 -9.73
N GLU F 193 -21.00 -13.67 -9.79
CA GLU F 193 -21.76 -14.36 -10.82
C GLU F 193 -23.25 -14.10 -10.68
N GLY F 194 -23.91 -13.80 -11.79
CA GLY F 194 -25.33 -13.53 -11.78
C GLY F 194 -25.72 -12.76 -13.03
N THR F 195 -26.93 -12.22 -13.00
CA THR F 195 -27.48 -11.44 -14.09
C THR F 195 -27.57 -9.98 -13.68
N VAL F 196 -27.11 -9.09 -14.56
CA VAL F 196 -27.10 -7.67 -14.25
C VAL F 196 -28.52 -7.13 -14.24
N ALA F 197 -28.85 -6.36 -13.20
CA ALA F 197 -30.17 -5.77 -13.04
C ALA F 197 -30.17 -4.26 -13.11
N GLU F 198 -29.20 -3.60 -12.46
CA GLU F 198 -29.10 -2.15 -12.47
C GLU F 198 -27.64 -1.76 -12.43
N ILE F 199 -27.32 -0.66 -13.12
CA ILE F 199 -25.97 -0.10 -13.11
C ILE F 199 -26.09 1.31 -12.53
N GLY F 200 -25.82 1.44 -11.24
CA GLY F 200 -25.91 2.71 -10.56
C GLY F 200 -24.63 3.49 -10.62
N TRP F 201 -24.57 4.56 -9.83
CA TRP F 201 -23.40 5.43 -9.80
C TRP F 201 -22.36 4.99 -8.78
N ARG F 202 -22.77 4.26 -7.74
CA ARG F 202 -21.85 3.75 -6.74
C ARG F 202 -21.73 2.24 -6.75
N ILE F 203 -22.83 1.51 -6.92
CA ILE F 203 -22.83 0.06 -6.92
C ILE F 203 -23.62 -0.44 -8.11
N THR F 204 -23.35 -1.69 -8.49
CA THR F 204 -24.07 -2.38 -9.54
C THR F 204 -24.87 -3.52 -8.93
N LYS F 205 -26.14 -3.63 -9.29
CA LYS F 205 -27.03 -4.62 -8.72
C LYS F 205 -27.10 -5.84 -9.63
N ILE F 206 -26.88 -7.01 -9.06
CA ILE F 206 -26.82 -8.27 -9.79
C ILE F 206 -27.76 -9.27 -9.13
N THR F 207 -28.55 -9.96 -9.94
CA THR F 207 -29.45 -11.00 -9.45
C THR F 207 -28.75 -12.35 -9.60
N THR F 208 -28.46 -12.99 -8.48
CA THR F 208 -27.78 -14.27 -8.51
C THR F 208 -28.74 -15.36 -8.99
N PHE F 209 -28.17 -16.51 -9.33
CA PHE F 209 -28.98 -17.66 -9.74
C PHE F 209 -29.73 -18.27 -8.57
N ASP F 210 -29.46 -17.82 -7.36
CA ASP F 210 -30.23 -18.17 -6.18
C ASP F 210 -31.44 -17.26 -6.00
N ASN F 211 -31.69 -16.35 -6.93
CA ASN F 211 -32.76 -15.36 -6.86
C ASN F 211 -32.59 -14.42 -5.68
N ARG F 212 -31.37 -13.93 -5.48
CA ARG F 212 -31.06 -12.98 -4.43
C ARG F 212 -30.37 -11.76 -5.03
N PRO F 213 -30.60 -10.58 -4.48
CA PRO F 213 -29.88 -9.40 -4.96
C PRO F 213 -28.47 -9.33 -4.40
N LEU F 214 -27.54 -8.91 -5.24
CA LEU F 214 -26.14 -8.77 -4.87
C LEU F 214 -25.65 -7.41 -5.30
N TYR F 215 -25.01 -6.68 -4.39
CA TYR F 215 -24.57 -5.32 -4.63
C TYR F 215 -23.05 -5.29 -4.70
N VAL F 216 -22.52 -4.87 -5.84
CA VAL F 216 -21.09 -4.92 -6.13
C VAL F 216 -20.58 -3.48 -6.23
N PRO F 217 -19.56 -3.11 -5.46
CA PRO F 217 -18.98 -1.77 -5.62
C PRO F 217 -18.40 -1.59 -7.02
N ASN F 218 -18.59 -0.38 -7.56
CA ASN F 218 -18.22 -0.13 -8.95
C ASN F 218 -16.70 -0.18 -9.17
N SER F 219 -15.91 0.07 -8.14
CA SER F 219 -14.46 0.10 -8.31
C SER F 219 -13.88 -1.27 -8.63
N LEU F 220 -14.64 -2.36 -8.44
CA LEU F 220 -14.12 -3.68 -8.73
C LEU F 220 -13.87 -3.86 -10.22
N PHE F 221 -14.70 -3.25 -11.07
CA PHE F 221 -14.61 -3.46 -12.51
C PHE F 221 -13.42 -2.76 -13.14
N SER F 222 -12.61 -2.04 -12.37
CA SER F 222 -11.39 -1.43 -12.88
C SER F 222 -10.15 -2.26 -12.60
N SER F 223 -10.28 -3.38 -11.89
CA SER F 223 -9.12 -4.17 -11.51
C SER F 223 -9.27 -5.67 -11.70
N ILE F 224 -10.45 -6.19 -12.00
CA ILE F 224 -10.63 -7.62 -12.17
C ILE F 224 -11.06 -7.91 -13.60
N SER F 225 -10.82 -9.14 -14.03
CA SER F 225 -11.26 -9.59 -15.34
C SER F 225 -12.72 -10.00 -15.27
N VAL F 226 -13.50 -9.55 -16.24
CA VAL F 226 -14.93 -9.82 -16.31
C VAL F 226 -15.21 -10.70 -17.52
N GLU F 227 -15.90 -11.81 -17.29
CA GLU F 227 -16.30 -12.72 -18.34
C GLU F 227 -17.80 -12.55 -18.57
N ASN F 228 -18.23 -12.72 -19.83
CA ASN F 228 -19.62 -12.49 -20.22
C ASN F 228 -20.17 -13.76 -20.85
N PRO F 229 -20.58 -14.73 -20.03
CA PRO F 229 -21.24 -15.93 -20.59
C PRO F 229 -22.54 -15.61 -21.28
N GLY F 230 -23.15 -14.45 -21.04
CA GLY F 230 -24.34 -14.09 -21.75
C GLY F 230 -24.15 -13.82 -23.22
N ARG F 231 -22.90 -13.68 -23.68
CA ARG F 231 -22.60 -13.42 -25.08
C ARG F 231 -21.85 -14.57 -25.74
N MET F 232 -22.02 -15.79 -25.23
CA MET F 232 -21.32 -16.93 -25.82
C MET F 232 -21.87 -17.23 -27.20
N THR F 233 -21.10 -17.98 -27.98
CA THR F 233 -21.54 -18.44 -29.28
C THR F 233 -21.87 -19.93 -29.33
N ASN F 234 -21.34 -20.71 -28.39
CA ASN F 234 -21.59 -22.15 -28.35
C ASN F 234 -21.51 -22.61 -26.91
N ARG F 235 -22.03 -23.82 -26.67
CA ARG F 235 -21.87 -24.51 -25.40
C ARG F 235 -20.95 -25.70 -25.60
N ARG F 236 -20.04 -25.92 -24.66
CA ARG F 236 -19.03 -26.95 -24.78
C ARG F 236 -19.46 -28.21 -24.04
N ILE F 237 -19.12 -29.37 -24.62
CA ILE F 237 -19.33 -30.67 -24.01
C ILE F 237 -17.98 -31.32 -23.82
N THR F 238 -17.63 -31.63 -22.58
CA THR F 238 -16.39 -32.32 -22.26
C THR F 238 -16.66 -33.43 -21.26
N THR F 239 -16.00 -34.56 -21.45
CA THR F 239 -16.14 -35.69 -20.54
C THR F 239 -14.93 -36.60 -20.73
N THR F 240 -14.86 -37.63 -19.89
CA THR F 240 -13.77 -38.60 -19.91
C THR F 240 -14.35 -40.00 -19.85
N ILE F 241 -13.85 -40.89 -20.69
CA ILE F 241 -14.24 -42.29 -20.70
C ILE F 241 -13.12 -43.10 -20.10
N GLY F 242 -13.39 -43.75 -18.97
CA GLY F 242 -12.39 -44.56 -18.30
C GLY F 242 -12.61 -46.04 -18.48
N LEU F 243 -11.79 -46.67 -19.31
CA LEU F 243 -11.90 -48.09 -19.60
C LEU F 243 -10.94 -48.89 -18.73
N ARG F 244 -11.26 -50.16 -18.54
CA ARG F 244 -10.40 -51.05 -17.77
C ARG F 244 -9.10 -51.31 -18.51
N TYR F 245 -8.06 -51.64 -17.74
CA TYR F 245 -6.76 -51.93 -18.34
C TYR F 245 -6.78 -53.18 -19.21
N GLU F 246 -7.74 -54.08 -18.98
CA GLU F 246 -7.86 -55.26 -19.82
C GLU F 246 -8.52 -54.96 -21.16
N ASP F 247 -9.00 -53.74 -21.37
CA ASP F 247 -9.64 -53.35 -22.62
C ASP F 247 -8.71 -52.53 -23.51
N ALA F 248 -7.40 -52.73 -23.36
CA ALA F 248 -6.44 -51.95 -24.14
C ALA F 248 -6.49 -52.27 -25.62
N ALA F 249 -7.03 -53.44 -26.00
CA ALA F 249 -7.06 -53.84 -27.40
C ALA F 249 -8.26 -53.28 -28.15
N LYS F 250 -9.17 -52.58 -27.48
CA LYS F 250 -10.35 -52.03 -28.11
C LYS F 250 -10.38 -50.50 -28.10
N VAL F 251 -9.32 -49.86 -27.63
CA VAL F 251 -9.31 -48.41 -27.52
C VAL F 251 -9.45 -47.76 -28.89
N GLY F 252 -8.74 -48.28 -29.89
CA GLY F 252 -8.79 -47.69 -31.21
C GLY F 252 -10.17 -47.74 -31.82
N VAL F 253 -10.81 -48.91 -31.78
CA VAL F 253 -12.14 -49.03 -32.38
C VAL F 253 -13.16 -48.23 -31.61
N ILE F 254 -13.04 -48.18 -30.28
CA ILE F 254 -13.99 -47.38 -29.50
C ILE F 254 -13.84 -45.91 -29.83
N VAL F 255 -12.59 -45.43 -29.94
CA VAL F 255 -12.37 -44.03 -30.29
C VAL F 255 -12.94 -43.72 -31.66
N GLU F 256 -12.71 -44.62 -32.62
CA GLU F 256 -13.24 -44.41 -33.97
C GLU F 256 -14.77 -44.33 -33.95
N ALA F 257 -15.41 -45.25 -33.23
CA ALA F 257 -16.87 -45.27 -33.19
C ALA F 257 -17.42 -44.00 -32.54
N VAL F 258 -16.81 -43.57 -31.44
CA VAL F 258 -17.28 -42.36 -30.76
C VAL F 258 -17.11 -41.15 -31.66
N ARG F 259 -15.97 -41.05 -32.35
CA ARG F 259 -15.75 -39.93 -33.24
C ARG F 259 -16.77 -39.91 -34.38
N GLU F 260 -17.08 -41.08 -34.94
CA GLU F 260 -18.09 -41.16 -36.00
C GLU F 260 -19.45 -40.72 -35.48
N MET F 261 -19.83 -41.20 -34.30
CA MET F 261 -21.12 -40.83 -33.73
C MET F 261 -21.20 -39.32 -33.52
N LEU F 262 -20.14 -38.72 -33.00
CA LEU F 262 -20.14 -37.28 -32.80
C LEU F 262 -20.20 -36.54 -34.13
N LYS F 263 -19.54 -37.06 -35.16
CA LYS F 263 -19.56 -36.40 -36.46
C LYS F 263 -20.94 -36.48 -37.11
N ASN F 264 -21.72 -37.50 -36.80
CA ASN F 264 -23.04 -37.67 -37.41
C ASN F 264 -24.18 -37.20 -36.51
N HIS F 265 -23.88 -36.47 -35.44
CA HIS F 265 -24.94 -36.05 -34.53
C HIS F 265 -25.52 -34.72 -34.98
N PRO F 266 -26.86 -34.59 -35.03
CA PRO F 266 -27.46 -33.35 -35.55
C PRO F 266 -27.33 -32.15 -34.62
N ALA F 267 -26.94 -32.34 -33.37
CA ALA F 267 -26.88 -31.25 -32.41
C ALA F 267 -25.47 -30.69 -32.23
N ILE F 268 -24.47 -31.24 -32.91
CA ILE F 268 -23.08 -30.87 -32.72
C ILE F 268 -22.65 -29.92 -33.83
N ASP F 269 -21.95 -28.85 -33.46
CA ASP F 269 -21.44 -27.88 -34.42
C ASP F 269 -20.20 -28.45 -35.10
N GLN F 270 -20.31 -28.75 -36.40
CA GLN F 270 -19.23 -29.38 -37.13
C GLN F 270 -18.11 -28.41 -37.49
N ARG F 271 -18.31 -27.11 -37.30
CA ARG F 271 -17.29 -26.13 -37.65
C ARG F 271 -16.42 -25.75 -36.46
N GLN F 272 -16.62 -26.38 -35.31
CA GLN F 272 -15.84 -26.10 -34.11
C GLN F 272 -14.89 -27.26 -33.85
N THR F 273 -14.19 -27.18 -32.72
CA THR F 273 -13.26 -28.23 -32.33
C THR F 273 -14.01 -29.52 -32.02
N LEU F 274 -13.45 -30.65 -32.46
CA LEU F 274 -14.06 -31.96 -32.21
C LEU F 274 -12.92 -32.96 -32.04
N LEU F 275 -12.64 -33.34 -30.80
CA LEU F 275 -11.49 -34.17 -30.47
C LEU F 275 -11.94 -35.38 -29.66
N VAL F 276 -11.49 -36.57 -30.08
CA VAL F 276 -11.70 -37.81 -29.34
C VAL F 276 -10.41 -38.61 -29.43
N TYR F 277 -9.68 -38.73 -28.32
CA TYR F 277 -8.37 -39.37 -28.35
C TYR F 277 -8.08 -40.06 -27.03
N PHE F 278 -7.38 -41.18 -27.10
CA PHE F 278 -6.81 -41.81 -25.91
C PHE F 278 -5.77 -40.87 -25.33
N ASN F 279 -6.03 -40.38 -24.13
CA ASN F 279 -5.35 -39.19 -23.61
C ASN F 279 -4.29 -39.49 -22.57
N GLN F 280 -4.55 -40.32 -21.57
CA GLN F 280 -3.62 -40.44 -20.47
C GLN F 280 -3.82 -41.76 -19.73
N PHE F 281 -2.77 -42.16 -19.01
CA PHE F 281 -2.84 -43.28 -18.09
C PHE F 281 -3.29 -42.80 -16.73
N ALA F 282 -4.30 -43.46 -16.17
CA ALA F 282 -4.78 -43.14 -14.83
C ALA F 282 -4.44 -44.28 -13.89
N ASP F 283 -4.79 -44.09 -12.62
CA ASP F 283 -4.45 -45.09 -11.61
C ASP F 283 -5.16 -46.41 -11.86
N SER F 284 -6.43 -46.36 -12.27
CA SER F 284 -7.23 -47.55 -12.45
C SER F 284 -7.82 -47.69 -13.84
N SER F 285 -7.60 -46.75 -14.74
CA SER F 285 -8.30 -46.77 -16.02
C SER F 285 -7.45 -46.11 -17.10
N LEU F 286 -7.81 -46.41 -18.34
CA LEU F 286 -7.26 -45.73 -19.51
C LEU F 286 -8.29 -44.69 -19.96
N ASN F 287 -7.89 -43.42 -19.93
CA ASN F 287 -8.82 -42.32 -20.12
C ASN F 287 -8.86 -41.86 -21.57
N ILE F 288 -10.07 -41.61 -22.06
CA ILE F 288 -10.31 -41.08 -23.39
C ILE F 288 -11.01 -39.73 -23.25
N MET F 289 -10.47 -38.71 -23.89
CA MET F 289 -11.03 -37.37 -23.82
C MET F 289 -12.09 -37.17 -24.90
N VAL F 290 -13.10 -36.36 -24.58
CA VAL F 290 -14.14 -35.96 -25.51
C VAL F 290 -14.30 -34.46 -25.44
N TYR F 291 -14.39 -33.82 -26.60
CA TYR F 291 -14.33 -32.36 -26.67
C TYR F 291 -15.10 -31.92 -27.91
N CYS F 292 -16.21 -31.23 -27.72
CA CYS F 292 -17.04 -30.79 -28.84
C CYS F 292 -17.91 -29.63 -28.39
N PHE F 293 -18.70 -29.10 -29.33
CA PHE F 293 -19.58 -27.97 -29.09
C PHE F 293 -20.95 -28.25 -29.66
N THR F 294 -21.96 -27.58 -29.11
CA THR F 294 -23.33 -27.63 -29.62
C THR F 294 -23.65 -26.33 -30.35
N LYS F 295 -24.58 -26.43 -31.31
CA LYS F 295 -25.02 -25.24 -32.01
C LYS F 295 -25.80 -24.31 -31.10
N THR F 296 -26.66 -24.86 -30.26
CA THR F 296 -27.51 -24.06 -29.40
C THR F 296 -26.72 -23.48 -28.23
N THR F 297 -27.27 -22.41 -27.66
CA THR F 297 -26.73 -21.80 -26.45
C THR F 297 -27.75 -21.78 -25.32
N VAL F 298 -28.87 -22.46 -25.47
CA VAL F 298 -29.91 -22.48 -24.46
C VAL F 298 -29.59 -23.58 -23.45
N TRP F 299 -29.89 -23.30 -22.18
CA TRP F 299 -29.53 -24.21 -21.09
C TRP F 299 -30.18 -25.58 -21.27
N ALA F 300 -31.49 -25.61 -21.45
CA ALA F 300 -32.21 -26.89 -21.48
C ALA F 300 -31.84 -27.72 -22.69
N GLU F 301 -31.73 -27.09 -23.86
CA GLU F 301 -31.40 -27.84 -25.06
C GLU F 301 -29.97 -28.38 -24.99
N TRP F 302 -29.05 -27.60 -24.45
CA TRP F 302 -27.69 -28.08 -24.28
C TRP F 302 -27.65 -29.27 -23.33
N LEU F 303 -28.40 -29.21 -22.23
CA LEU F 303 -28.42 -30.34 -21.31
C LEU F 303 -29.03 -31.58 -21.95
N ALA F 304 -30.09 -31.40 -22.73
CA ALA F 304 -30.70 -32.55 -23.40
C ALA F 304 -29.75 -33.18 -24.40
N ALA F 305 -29.05 -32.37 -25.18
CA ALA F 305 -28.09 -32.90 -26.13
C ALA F 305 -26.96 -33.62 -25.42
N GLN F 306 -26.48 -33.07 -24.30
CA GLN F 306 -25.44 -33.73 -23.53
C GLN F 306 -25.90 -35.08 -23.01
N GLN F 307 -27.13 -35.16 -22.51
CA GLN F 307 -27.65 -36.43 -22.02
C GLN F 307 -27.74 -37.45 -23.15
N ASP F 308 -28.23 -37.03 -24.31
CA ASP F 308 -28.30 -37.94 -25.45
C ASP F 308 -26.93 -38.47 -25.84
N VAL F 309 -25.93 -37.58 -25.88
CA VAL F 309 -24.58 -37.98 -26.24
C VAL F 309 -24.03 -38.97 -25.22
N TYR F 310 -24.27 -38.73 -23.92
CA TYR F 310 -23.76 -39.62 -22.90
C TYR F 310 -24.39 -41.01 -23.02
N LEU F 311 -25.69 -41.08 -23.26
CA LEU F 311 -26.33 -42.38 -23.41
C LEU F 311 -25.79 -43.12 -24.63
N LYS F 312 -25.59 -42.40 -25.74
CA LYS F 312 -25.02 -43.03 -26.93
C LYS F 312 -23.60 -43.54 -26.65
N ILE F 313 -22.82 -42.79 -25.88
CA ILE F 313 -21.47 -43.22 -25.54
C ILE F 313 -21.51 -44.50 -24.72
N ILE F 314 -22.43 -44.57 -23.76
CA ILE F 314 -22.57 -45.79 -22.95
C ILE F 314 -22.89 -46.98 -23.84
N ASP F 315 -23.82 -46.79 -24.78
CA ASP F 315 -24.18 -47.88 -25.67
C ASP F 315 -22.99 -48.31 -26.53
N ILE F 316 -22.24 -47.34 -27.05
CA ILE F 316 -21.09 -47.67 -27.90
C ILE F 316 -20.05 -48.46 -27.11
N VAL F 317 -19.76 -48.01 -25.89
CA VAL F 317 -18.73 -48.68 -25.09
C VAL F 317 -19.16 -50.10 -24.76
N GLN F 318 -20.42 -50.28 -24.34
CA GLN F 318 -20.85 -51.62 -23.94
C GLN F 318 -21.05 -52.54 -25.13
N SER F 319 -21.25 -52.00 -26.33
CA SER F 319 -21.48 -52.86 -27.50
C SER F 319 -20.19 -53.49 -28.02
N HIS F 320 -19.03 -52.95 -27.66
CA HIS F 320 -17.77 -53.47 -28.15
C HIS F 320 -17.12 -54.45 -27.20
N GLY F 321 -17.78 -54.79 -26.09
CA GLY F 321 -17.23 -55.72 -25.14
C GLY F 321 -16.37 -55.11 -24.04
N ALA F 322 -16.19 -53.79 -24.04
CA ALA F 322 -15.44 -53.13 -22.99
C ALA F 322 -16.39 -52.76 -21.85
N ASP F 323 -15.87 -52.06 -20.85
CA ASP F 323 -16.69 -51.63 -19.72
C ASP F 323 -15.98 -50.52 -18.98
N PHE F 324 -16.76 -49.76 -18.22
CA PHE F 324 -16.20 -48.70 -17.39
C PHE F 324 -15.52 -49.31 -16.17
N ALA F 325 -14.55 -48.57 -15.63
CA ALA F 325 -13.69 -49.08 -14.57
C ALA F 325 -14.02 -48.39 -13.25
N PHE F 326 -14.24 -49.19 -12.21
CA PHE F 326 -14.28 -48.71 -10.86
C PHE F 326 -12.85 -48.49 -10.35
N PRO F 327 -12.68 -47.72 -9.28
CA PRO F 327 -11.37 -47.68 -8.62
C PRO F 327 -10.96 -49.08 -8.20
N SER F 328 -9.69 -49.41 -8.43
CA SER F 328 -9.22 -50.77 -8.28
C SER F 328 -8.01 -50.82 -7.35
N GLN F 329 -7.82 -51.98 -6.72
CA GLN F 329 -6.70 -52.19 -5.82
C GLN F 329 -6.24 -53.65 -5.93
N THR F 330 -4.99 -53.87 -5.59
CA THR F 330 -4.43 -55.21 -5.46
C THR F 330 -4.11 -55.47 -3.99
N LEU F 331 -4.63 -56.56 -3.46
CA LEU F 331 -4.52 -56.86 -2.04
C LEU F 331 -3.71 -58.13 -1.83
N TYR F 332 -2.69 -58.04 -0.97
CA TYR F 332 -1.87 -59.17 -0.59
C TYR F 332 -2.26 -59.60 0.81
N MET F 333 -2.77 -60.82 0.93
CA MET F 333 -3.37 -61.29 2.17
C MET F 333 -2.34 -61.95 3.06
N ASP F 334 -2.44 -61.68 4.36
CA ASP F 334 -1.54 -62.27 5.33
C ASP F 334 -2.16 -62.27 6.72
N ALA G 3 -11.23 64.07 -32.41
CA ALA G 3 -10.40 64.66 -33.44
C ALA G 3 -8.92 64.36 -33.19
N GLU G 4 -8.36 64.98 -32.14
CA GLU G 4 -6.96 64.78 -31.81
C GLU G 4 -6.71 63.43 -31.16
N LEU G 5 -7.73 62.80 -30.57
CA LEU G 5 -7.55 61.50 -29.94
C LEU G 5 -7.40 60.38 -30.95
N PHE G 6 -7.84 60.59 -32.19
CA PHE G 6 -7.75 59.56 -33.22
C PHE G 6 -6.30 59.26 -33.60
N THR G 7 -5.39 60.20 -33.34
CA THR G 7 -4.00 60.00 -33.74
C THR G 7 -3.35 58.84 -33.00
N ASN G 8 -3.66 58.70 -31.71
CA ASN G 8 -3.01 57.70 -30.87
C ASN G 8 -3.74 56.37 -30.83
N ASN G 9 -4.88 56.24 -31.53
CA ASN G 9 -5.67 55.01 -31.48
C ASN G 9 -5.94 54.43 -32.86
N ALA G 10 -5.37 55.00 -33.92
CA ALA G 10 -5.75 54.60 -35.27
C ALA G 10 -5.55 53.12 -35.51
N LEU G 11 -4.44 52.55 -35.04
CA LEU G 11 -4.21 51.13 -35.19
C LEU G 11 -5.29 50.31 -34.49
N ASN G 12 -5.85 50.82 -33.40
CA ASN G 12 -6.86 50.08 -32.67
C ASN G 12 -8.15 49.95 -33.47
N LEU G 13 -8.65 51.06 -34.02
CA LEU G 13 -9.82 50.95 -34.88
C LEU G 13 -9.50 50.16 -36.14
N VAL G 14 -8.27 50.25 -36.64
CA VAL G 14 -7.89 49.47 -37.82
C VAL G 14 -8.01 47.98 -37.54
N ILE G 15 -7.46 47.53 -36.41
CA ILE G 15 -7.50 46.10 -36.10
C ILE G 15 -8.92 45.68 -35.74
N ILE G 16 -9.71 46.56 -35.11
CA ILE G 16 -11.10 46.22 -34.82
C ILE G 16 -11.87 45.99 -36.11
N PHE G 17 -11.72 46.90 -37.07
CA PHE G 17 -12.40 46.76 -38.35
C PHE G 17 -11.91 45.51 -39.10
N GLY G 18 -10.61 45.24 -39.04
CA GLY G 18 -10.08 44.05 -39.69
C GLY G 18 -10.63 42.78 -39.08
N SER G 19 -10.73 42.73 -37.75
CA SER G 19 -11.28 41.56 -37.08
C SER G 19 -12.76 41.38 -37.44
N CYS G 20 -13.53 42.47 -37.47
CA CYS G 20 -14.93 42.36 -37.85
C CYS G 20 -15.07 41.86 -39.29
N ALA G 21 -14.24 42.39 -40.20
CA ALA G 21 -14.29 41.96 -41.59
C ALA G 21 -13.92 40.49 -41.72
N ALA G 22 -12.91 40.04 -40.97
CA ALA G 22 -12.52 38.63 -41.00
C ALA G 22 -13.63 37.75 -40.44
N LEU G 23 -14.32 38.22 -39.39
CA LEU G 23 -15.44 37.46 -38.84
C LEU G 23 -16.55 37.31 -39.87
N ILE G 24 -16.89 38.40 -40.55
CA ILE G 24 -17.94 38.34 -41.58
C ILE G 24 -17.51 37.43 -42.73
N LEU G 25 -16.24 37.53 -43.13
CA LEU G 25 -15.74 36.70 -44.22
C LEU G 25 -15.79 35.22 -43.86
N MET G 26 -15.42 34.87 -42.62
CA MET G 26 -15.44 33.47 -42.23
C MET G 26 -16.87 32.98 -42.02
N SER G 27 -17.79 33.88 -41.63
CA SER G 27 -19.20 33.51 -41.57
C SER G 27 -19.72 33.17 -42.96
N PHE G 28 -19.38 34.00 -43.95
CA PHE G 28 -19.77 33.70 -45.33
C PHE G 28 -19.12 32.43 -45.83
N TRP G 29 -17.84 32.22 -45.47
CA TRP G 29 -17.13 31.01 -45.90
C TRP G 29 -17.79 29.76 -45.34
N PHE G 30 -18.20 29.82 -44.06
CA PHE G 30 -18.97 28.72 -43.49
C PHE G 30 -20.31 28.55 -44.20
N ARG G 31 -20.99 29.66 -44.50
CA ARG G 31 -22.29 29.57 -45.17
C ARG G 31 -22.16 28.96 -46.56
N ARG G 32 -21.01 29.10 -47.20
CA ARG G 32 -20.77 28.53 -48.52
C ARG G 32 -20.19 27.13 -48.36
N GLY G 33 -21.00 26.11 -48.64
CA GLY G 33 -20.57 24.74 -48.61
C GLY G 33 -20.69 24.05 -47.27
N ASN G 34 -20.53 24.81 -46.18
CA ASN G 34 -20.57 24.29 -44.79
C ASN G 34 -19.85 22.95 -44.67
N ARG G 35 -18.62 22.91 -45.17
CA ARG G 35 -17.82 21.70 -45.08
C ARG G 35 -17.33 21.46 -43.66
N LYS G 36 -17.26 22.50 -42.85
CA LYS G 36 -16.75 22.39 -41.49
C LYS G 36 -17.87 22.03 -40.51
N ARG G 37 -17.47 21.76 -39.27
CA ARG G 37 -18.39 21.51 -38.18
C ARG G 37 -18.32 22.68 -37.22
N LYS G 38 -19.45 23.35 -37.01
CA LYS G 38 -19.51 24.54 -36.16
C LYS G 38 -19.65 24.09 -34.70
N GLY G 39 -18.55 23.55 -34.18
CA GLY G 39 -18.52 23.07 -32.81
C GLY G 39 -17.63 23.89 -31.90
N PHE G 40 -16.51 23.29 -31.46
CA PHE G 40 -15.63 23.98 -30.52
C PHE G 40 -14.75 25.02 -31.21
N LEU G 41 -14.34 24.78 -32.45
CA LEU G 41 -13.38 25.68 -33.10
C LEU G 41 -14.00 27.02 -33.45
N PHE G 42 -15.22 27.00 -34.01
CA PHE G 42 -15.88 28.25 -34.37
C PHE G 42 -16.28 29.04 -33.12
N HIS G 43 -16.70 28.33 -32.07
CA HIS G 43 -16.98 28.99 -30.80
C HIS G 43 -15.71 29.63 -30.22
N ALA G 44 -14.57 28.93 -30.32
CA ALA G 44 -13.32 29.49 -29.82
C ALA G 44 -12.90 30.71 -30.63
N VAL G 45 -13.13 30.68 -31.94
CA VAL G 45 -12.82 31.84 -32.79
C VAL G 45 -13.67 33.03 -32.37
N GLN G 46 -14.97 32.80 -32.15
CA GLN G 46 -15.83 33.87 -31.66
C GLN G 46 -15.33 34.39 -30.31
N PHE G 47 -14.92 33.48 -29.42
CA PHE G 47 -14.44 33.88 -28.11
C PHE G 47 -13.22 34.78 -28.22
N LEU G 48 -12.24 34.39 -29.04
CA LEU G 48 -11.02 35.18 -29.13
C LEU G 48 -11.27 36.53 -29.79
N ILE G 49 -12.10 36.56 -30.82
CA ILE G 49 -12.37 37.86 -31.46
C ILE G 49 -13.15 38.77 -30.50
N TYR G 50 -14.08 38.20 -29.74
CA TYR G 50 -14.79 39.00 -28.75
C TYR G 50 -13.83 39.55 -27.71
N THR G 51 -12.90 38.71 -27.24
CA THR G 51 -11.94 39.15 -26.24
C THR G 51 -11.08 40.29 -26.77
N ILE G 52 -10.58 40.15 -28.00
CA ILE G 52 -9.69 41.19 -28.52
C ILE G 52 -10.45 42.48 -28.77
N ILE G 53 -11.70 42.40 -29.26
CA ILE G 53 -12.43 43.64 -29.52
C ILE G 53 -12.79 44.34 -28.22
N ILE G 54 -13.16 43.59 -27.17
CA ILE G 54 -13.49 44.27 -25.93
C ILE G 54 -12.24 44.81 -25.26
N SER G 55 -11.10 44.14 -25.41
CA SER G 55 -9.85 44.69 -24.89
C SER G 55 -9.52 46.00 -25.60
N ALA G 56 -9.72 46.05 -26.92
CA ALA G 56 -9.47 47.29 -27.65
C ALA G 56 -10.41 48.39 -27.20
N VAL G 57 -11.69 48.07 -27.00
CA VAL G 57 -12.66 49.07 -26.54
C VAL G 57 -12.28 49.58 -25.16
N GLY G 58 -11.86 48.68 -24.27
CA GLY G 58 -11.44 49.11 -22.94
C GLY G 58 -10.21 49.99 -22.99
N SER G 59 -9.27 49.68 -23.88
CA SER G 59 -8.10 50.54 -24.04
C SER G 59 -8.50 51.93 -24.54
N ILE G 60 -9.45 51.99 -25.48
CA ILE G 60 -9.93 53.28 -25.97
C ILE G 60 -10.60 54.06 -24.85
N ILE G 61 -11.41 53.39 -24.03
CA ILE G 61 -12.07 54.07 -22.92
C ILE G 61 -11.04 54.59 -21.93
N ASN G 62 -10.02 53.79 -21.64
CA ASN G 62 -8.96 54.21 -20.72
C ASN G 62 -8.25 55.44 -21.25
N TYR G 63 -7.88 55.42 -22.54
CA TYR G 63 -7.17 56.55 -23.13
C TYR G 63 -8.05 57.81 -23.14
N VAL G 64 -9.33 57.65 -23.45
CA VAL G 64 -10.23 58.81 -23.46
C VAL G 64 -10.36 59.40 -22.08
N ILE G 65 -10.53 58.55 -21.06
CA ILE G 65 -10.69 59.05 -19.71
C ILE G 65 -9.41 59.74 -19.23
N GLU G 66 -8.26 59.12 -19.50
CA GLU G 66 -7.00 59.67 -19.02
C GLU G 66 -6.57 60.91 -19.79
N ASN G 67 -7.08 61.10 -21.01
CA ASN G 67 -6.66 62.22 -21.84
C ASN G 67 -7.68 63.35 -21.91
N TYR G 68 -8.91 63.12 -21.48
CA TYR G 68 -9.96 64.12 -21.54
C TYR G 68 -10.34 64.66 -20.17
N LYS G 69 -10.76 63.78 -19.26
CA LYS G 69 -11.15 64.19 -17.91
C LYS G 69 -11.25 62.94 -17.04
N LEU G 70 -10.68 63.02 -15.84
CA LEU G 70 -10.68 61.90 -14.91
C LEU G 70 -11.88 61.88 -13.99
N LYS G 71 -12.72 62.90 -14.02
CA LYS G 71 -13.86 62.97 -13.12
C LYS G 71 -14.95 61.98 -13.54
N PHE G 72 -15.67 61.45 -12.55
CA PHE G 72 -16.85 60.61 -12.68
C PHE G 72 -16.53 59.20 -13.22
N ILE G 73 -15.29 58.92 -13.58
CA ILE G 73 -14.90 57.60 -14.07
C ILE G 73 -13.72 57.10 -13.25
N THR G 74 -13.83 55.88 -12.73
CA THR G 74 -12.76 55.28 -11.96
C THR G 74 -12.00 54.29 -12.83
N PRO G 75 -10.72 54.50 -13.11
CA PRO G 75 -9.97 53.54 -13.93
C PRO G 75 -9.85 52.19 -13.24
N GLY G 76 -9.77 51.14 -14.05
CA GLY G 76 -9.72 49.78 -13.57
C GLY G 76 -11.09 49.12 -13.45
N VAL G 77 -12.14 49.90 -13.19
CA VAL G 77 -13.48 49.34 -13.14
C VAL G 77 -13.89 48.86 -14.52
N ILE G 78 -13.47 49.55 -15.58
CA ILE G 78 -13.74 49.09 -16.93
C ILE G 78 -13.00 47.79 -17.21
N ASP G 79 -11.81 47.62 -16.63
CA ASP G 79 -11.12 46.34 -16.74
C ASP G 79 -11.92 45.24 -16.04
N PHE G 80 -12.50 45.56 -14.88
CA PHE G 80 -13.34 44.59 -14.18
C PHE G 80 -14.55 44.21 -15.03
N ILE G 81 -15.17 45.19 -15.69
CA ILE G 81 -16.35 44.90 -16.50
C ILE G 81 -15.98 44.09 -17.73
N CYS G 82 -14.80 44.35 -18.31
CA CYS G 82 -14.37 43.57 -19.47
C CYS G 82 -14.08 42.13 -19.08
N THR G 83 -13.39 41.93 -17.95
CA THR G 83 -13.15 40.58 -17.45
C THR G 83 -14.47 39.87 -17.15
N SER G 84 -15.42 40.56 -16.54
CA SER G 84 -16.71 39.96 -16.25
C SER G 84 -17.42 39.54 -17.53
N LEU G 85 -17.41 40.40 -18.55
CA LEU G 85 -18.11 40.06 -19.78
C LEU G 85 -17.46 38.88 -20.48
N ILE G 86 -16.14 38.85 -20.54
CA ILE G 86 -15.48 37.74 -21.24
C ILE G 86 -15.69 36.44 -20.47
N ALA G 87 -15.68 36.49 -19.13
CA ALA G 87 -15.97 35.30 -18.35
C ALA G 87 -17.39 34.81 -18.59
N VAL G 88 -18.35 35.73 -18.64
CA VAL G 88 -19.74 35.35 -18.90
C VAL G 88 -19.86 34.72 -20.28
N ILE G 89 -19.18 35.29 -21.28
CA ILE G 89 -19.25 34.75 -22.63
C ILE G 89 -18.64 33.35 -22.67
N LEU G 90 -17.53 33.14 -21.98
CA LEU G 90 -16.92 31.81 -21.92
C LEU G 90 -17.87 30.81 -21.27
N THR G 91 -18.51 31.20 -20.17
CA THR G 91 -19.46 30.32 -19.51
C THR G 91 -20.62 29.97 -20.43
N ILE G 92 -21.13 30.96 -21.16
CA ILE G 92 -22.26 30.71 -22.06
C ILE G 92 -21.85 29.74 -23.16
N LYS G 93 -20.67 29.94 -23.75
CA LYS G 93 -20.21 29.05 -24.81
C LYS G 93 -20.05 27.62 -24.27
N LEU G 94 -19.46 27.48 -23.09
CA LEU G 94 -19.26 26.15 -22.52
C LEU G 94 -20.60 25.47 -22.24
N PHE G 95 -21.56 26.21 -21.69
CA PHE G 95 -22.87 25.63 -21.41
C PHE G 95 -23.57 25.22 -22.70
N LEU G 96 -23.44 26.03 -23.75
CA LEU G 96 -24.00 25.64 -25.05
C LEU G 96 -23.38 24.35 -25.56
N LEU G 97 -22.05 24.23 -25.43
CA LEU G 97 -21.39 23.00 -25.87
C LEU G 97 -21.86 21.79 -25.08
N ILE G 98 -22.01 21.94 -23.77
CA ILE G 98 -22.49 20.83 -22.93
C ILE G 98 -23.91 20.44 -23.30
N ASN G 99 -24.78 21.43 -23.55
CA ASN G 99 -26.15 21.13 -23.95
C ASN G 99 -26.18 20.42 -25.29
N GLN G 100 -25.35 20.85 -26.24
CA GLN G 100 -25.27 20.16 -27.52
C GLN G 100 -24.80 18.72 -27.35
N PHE G 101 -23.82 18.51 -26.47
CA PHE G 101 -23.33 17.16 -26.22
C PHE G 101 -24.42 16.28 -25.63
N GLU G 102 -25.19 16.82 -24.68
CA GLU G 102 -26.29 16.06 -24.09
C GLU G 102 -27.34 15.73 -25.13
N LYS G 103 -27.67 16.69 -26.00
CA LYS G 103 -28.65 16.43 -27.04
C LYS G 103 -28.17 15.34 -27.99
N GLN G 104 -26.90 15.39 -28.38
CA GLN G 104 -26.35 14.35 -29.25
C GLN G 104 -26.36 13.00 -28.56
N GLN G 105 -26.05 12.96 -27.26
CA GLN G 105 -26.06 11.69 -26.53
C GLN G 105 -27.47 11.11 -26.47
N ILE G 106 -28.47 11.96 -26.23
CA ILE G 106 -29.85 11.49 -26.24
C ILE G 106 -30.23 10.98 -27.62
N LYS G 107 -29.83 11.71 -28.66
CA LYS G 107 -30.10 11.29 -30.03
C LYS G 107 -29.46 9.94 -30.34
N LYS G 108 -28.31 9.65 -29.71
CA LYS G 108 -27.67 8.36 -29.90
C LYS G 108 -28.49 7.20 -29.35
N GLY G 109 -29.51 7.48 -28.55
CA GLY G 109 -30.39 6.43 -28.06
C GLY G 109 -30.03 5.91 -26.70
N ARG G 110 -29.89 6.81 -25.72
CA ARG G 110 -29.58 6.39 -24.37
C ARG G 110 -30.55 7.01 -23.37
N ASP G 111 -30.41 6.66 -22.09
CA ASP G 111 -31.37 7.06 -21.07
C ASP G 111 -31.38 8.57 -20.89
N ILE G 112 -32.55 9.09 -20.49
CA ILE G 112 -32.70 10.53 -20.32
C ILE G 112 -32.04 11.00 -19.03
N THR G 113 -32.48 10.43 -17.90
CA THR G 113 -32.02 10.91 -16.60
C THR G 113 -30.51 10.73 -16.45
N SER G 114 -29.97 9.64 -16.99
CA SER G 114 -28.52 9.45 -16.95
C SER G 114 -27.80 10.55 -17.70
N ALA G 115 -28.32 10.92 -18.87
CA ALA G 115 -27.72 12.00 -19.64
C ALA G 115 -27.79 13.33 -18.89
N ARG G 116 -28.93 13.60 -18.25
CA ARG G 116 -29.04 14.83 -17.47
C ARG G 116 -28.05 14.84 -16.31
N ILE G 117 -27.87 13.72 -15.64
CA ILE G 117 -26.94 13.66 -14.52
C ILE G 117 -25.51 13.86 -15.00
N MET G 118 -25.15 13.23 -16.13
CA MET G 118 -23.83 13.44 -16.69
C MET G 118 -23.60 14.90 -17.07
N SER G 119 -24.61 15.53 -17.65
CA SER G 119 -24.48 16.95 -18.00
C SER G 119 -24.31 17.80 -16.76
N ARG G 120 -25.04 17.49 -15.70
CA ARG G 120 -24.89 18.24 -14.45
C ARG G 120 -23.48 18.07 -13.88
N ILE G 121 -22.94 16.86 -13.94
CA ILE G 121 -21.59 16.62 -13.43
C ILE G 121 -20.58 17.42 -14.22
N ILE G 122 -20.71 17.41 -15.55
CA ILE G 122 -19.76 18.16 -16.39
C ILE G 122 -19.88 19.65 -16.12
N LYS G 123 -21.10 20.16 -15.96
CA LYS G 123 -21.29 21.57 -15.65
C LYS G 123 -20.63 21.92 -14.32
N ILE G 124 -20.82 21.07 -13.31
CA ILE G 124 -20.26 21.35 -11.98
C ILE G 124 -18.74 21.38 -12.04
N THR G 125 -18.14 20.41 -12.73
CA THR G 125 -16.67 20.40 -12.79
C THR G 125 -16.14 21.57 -13.62
N ILE G 126 -16.87 21.99 -14.66
CA ILE G 126 -16.45 23.16 -15.42
C ILE G 126 -16.49 24.41 -14.54
N ILE G 127 -17.56 24.57 -13.77
CA ILE G 127 -17.65 25.71 -12.85
C ILE G 127 -16.52 25.69 -11.84
N VAL G 128 -16.21 24.51 -11.29
CA VAL G 128 -15.13 24.41 -10.31
C VAL G 128 -13.81 24.80 -10.93
N VAL G 129 -13.53 24.31 -12.14
CA VAL G 129 -12.27 24.64 -12.82
C VAL G 129 -12.19 26.14 -13.08
N LEU G 130 -13.30 26.74 -13.55
CA LEU G 130 -13.29 28.17 -13.83
C LEU G 130 -13.06 28.97 -12.56
N VAL G 131 -13.70 28.60 -11.47
CA VAL G 131 -13.51 29.31 -10.21
C VAL G 131 -12.07 29.20 -9.74
N LEU G 132 -11.49 28.00 -9.82
CA LEU G 132 -10.10 27.83 -9.45
C LEU G 132 -9.17 28.63 -10.35
N LEU G 133 -9.57 28.84 -11.60
CA LEU G 133 -8.73 29.57 -12.55
C LEU G 133 -8.99 31.07 -12.50
N TYR G 134 -10.26 31.48 -12.40
CA TYR G 134 -10.62 32.89 -12.44
C TYR G 134 -10.87 33.46 -11.05
N GLY G 135 -10.31 32.86 -10.01
CA GLY G 135 -10.53 33.31 -8.65
C GLY G 135 -9.66 34.46 -8.19
N GLU G 136 -8.87 35.04 -9.09
CA GLU G 136 -8.00 36.16 -8.73
C GLU G 136 -8.38 37.42 -9.50
N HIS G 137 -8.47 37.34 -10.83
CA HIS G 137 -8.87 38.51 -11.62
C HIS G 137 -10.28 38.97 -11.29
N PHE G 138 -11.09 38.09 -10.69
CA PHE G 138 -12.41 38.44 -10.21
C PHE G 138 -12.55 38.22 -8.71
N GLY G 139 -12.08 37.08 -8.21
CA GLY G 139 -12.15 36.79 -6.79
C GLY G 139 -11.11 37.53 -5.99
N MET G 140 -11.12 37.28 -4.69
CA MET G 140 -10.27 38.01 -3.75
C MET G 140 -9.30 37.11 -3.00
N SER G 141 -9.76 36.00 -2.44
CA SER G 141 -8.88 35.15 -1.64
C SER G 141 -7.85 34.46 -2.52
N LEU G 142 -6.65 34.26 -1.96
CA LEU G 142 -5.59 33.54 -2.64
C LEU G 142 -5.22 32.26 -1.90
N SER G 143 -4.85 32.35 -0.63
CA SER G 143 -4.41 31.16 0.10
C SER G 143 -5.55 30.16 0.27
N GLY G 144 -6.75 30.64 0.57
CA GLY G 144 -7.88 29.73 0.72
C GLY G 144 -8.21 29.00 -0.57
N LEU G 145 -8.25 29.73 -1.68
CA LEU G 145 -8.49 29.11 -2.97
C LEU G 145 -7.41 28.12 -3.32
N LEU G 146 -6.14 28.48 -3.07
CA LEU G 146 -5.04 27.58 -3.37
C LEU G 146 -5.16 26.29 -2.56
N THR G 147 -5.43 26.40 -1.26
CA THR G 147 -5.54 25.21 -0.42
C THR G 147 -6.72 24.35 -0.84
N PHE G 148 -7.87 24.97 -1.12
CA PHE G 148 -9.05 24.21 -1.51
C PHE G 148 -8.80 23.47 -2.82
N GLY G 149 -8.26 24.16 -3.82
CA GLY G 149 -7.95 23.51 -5.07
C GLY G 149 -6.92 22.40 -4.90
N GLY G 150 -5.92 22.63 -4.06
CA GLY G 150 -4.89 21.63 -3.86
C GLY G 150 -5.43 20.36 -3.24
N ILE G 151 -6.25 20.50 -2.20
CA ILE G 151 -6.79 19.31 -1.54
C ILE G 151 -7.77 18.59 -2.46
N GLY G 152 -8.61 19.34 -3.18
CA GLY G 152 -9.51 18.71 -4.13
C GLY G 152 -8.78 17.94 -5.20
N GLY G 153 -7.75 18.56 -5.79
CA GLY G 153 -6.97 17.88 -6.80
C GLY G 153 -6.20 16.68 -6.26
N LEU G 154 -5.73 16.76 -5.02
CA LEU G 154 -5.04 15.64 -4.42
C LEU G 154 -5.97 14.45 -4.23
N ALA G 155 -7.18 14.71 -3.72
CA ALA G 155 -8.16 13.64 -3.59
C ALA G 155 -8.51 13.04 -4.94
N VAL G 156 -8.73 13.90 -5.95
CA VAL G 156 -9.08 13.41 -7.27
C VAL G 156 -7.95 12.57 -7.85
N GLY G 157 -6.71 13.00 -7.65
CA GLY G 157 -5.58 12.25 -8.15
C GLY G 157 -5.44 10.88 -7.51
N MET G 158 -5.66 10.81 -6.19
CA MET G 158 -5.59 9.50 -5.55
C MET G 158 -6.73 8.60 -5.99
N ALA G 159 -7.92 9.16 -6.19
CA ALA G 159 -9.08 8.33 -6.50
C ALA G 159 -9.01 7.75 -7.92
N GLY G 160 -8.46 8.49 -8.87
CA GLY G 160 -8.50 8.06 -10.26
C GLY G 160 -7.25 7.35 -10.72
N LYS G 161 -6.55 6.70 -9.80
CA LYS G 161 -5.27 6.07 -10.15
C LYS G 161 -5.46 4.89 -11.10
N ASP G 162 -6.50 4.08 -10.89
CA ASP G 162 -6.62 2.82 -11.61
C ASP G 162 -7.01 3.03 -13.07
N ILE G 163 -7.93 3.96 -13.33
CA ILE G 163 -8.33 4.24 -14.70
C ILE G 163 -7.16 4.78 -15.50
N LEU G 164 -6.41 5.71 -14.90
CA LEU G 164 -5.22 6.24 -15.56
C LEU G 164 -4.17 5.16 -15.77
N SER G 165 -4.04 4.23 -14.82
CA SER G 165 -3.12 3.12 -14.99
C SER G 165 -3.50 2.27 -16.19
N ASN G 166 -4.80 1.99 -16.33
CA ASN G 166 -5.27 1.22 -17.49
C ASN G 166 -4.95 1.96 -18.78
N PHE G 167 -5.18 3.27 -18.81
CA PHE G 167 -4.91 4.05 -20.02
C PHE G 167 -3.42 4.03 -20.37
N PHE G 168 -2.55 4.22 -19.38
CA PHE G 168 -1.12 4.24 -19.64
C PHE G 168 -0.63 2.86 -20.09
N SER G 169 -1.12 1.80 -19.47
CA SER G 169 -0.75 0.47 -19.92
C SER G 169 -1.26 0.19 -21.33
N GLY G 170 -2.41 0.76 -21.69
CA GLY G 170 -2.85 0.64 -23.07
C GLY G 170 -1.91 1.32 -24.05
N ILE G 171 -1.41 2.50 -23.68
CA ILE G 171 -0.43 3.18 -24.53
C ILE G 171 0.83 2.33 -24.66
N MET G 172 1.31 1.79 -23.54
CA MET G 172 2.51 0.96 -23.56
C MET G 172 2.31 -0.27 -24.43
N LEU G 173 1.13 -0.90 -24.34
CA LEU G 173 0.82 -2.04 -25.21
C LEU G 173 0.82 -1.62 -26.67
N TYR G 174 0.28 -0.43 -26.95
CA TYR G 174 0.31 0.08 -28.32
C TYR G 174 1.72 0.18 -28.85
N PHE G 175 2.67 0.60 -28.00
CA PHE G 175 4.04 0.72 -28.48
C PHE G 175 4.83 -0.59 -28.37
N ASP G 176 4.59 -1.38 -27.34
CA ASP G 176 5.36 -2.61 -27.12
C ASP G 176 4.43 -3.64 -26.47
N ARG G 177 3.97 -4.60 -27.25
CA ARG G 177 3.11 -5.65 -26.71
C ARG G 177 3.68 -7.03 -27.06
N PRO G 178 3.67 -7.96 -26.10
CA PRO G 178 4.20 -9.29 -26.38
C PRO G 178 3.16 -10.27 -26.92
N PHE G 179 2.31 -9.82 -27.85
CA PHE G 179 1.36 -10.71 -28.51
C PHE G 179 0.67 -9.92 -29.62
N SER G 180 -0.09 -10.65 -30.43
CA SER G 180 -0.80 -10.09 -31.56
C SER G 180 -2.24 -10.59 -31.55
N ILE G 181 -3.04 -10.04 -32.46
CA ILE G 181 -4.41 -10.51 -32.61
C ILE G 181 -4.39 -11.94 -33.12
N GLY G 182 -5.16 -12.81 -32.47
CA GLY G 182 -5.20 -14.20 -32.83
C GLY G 182 -4.21 -15.08 -32.10
N ASP G 183 -3.47 -14.54 -31.14
CA ASP G 183 -2.48 -15.31 -30.40
C ASP G 183 -3.12 -15.94 -29.16
N TRP G 184 -2.78 -17.19 -28.91
CA TRP G 184 -3.20 -17.87 -27.68
C TRP G 184 -2.21 -17.52 -26.58
N ILE G 185 -2.71 -16.97 -25.48
CA ILE G 185 -1.87 -16.52 -24.38
C ILE G 185 -2.44 -17.05 -23.07
N ARG G 186 -1.60 -17.03 -22.04
CA ARG G 186 -1.98 -17.44 -20.70
C ARG G 186 -1.00 -16.83 -19.71
N SER G 187 -1.23 -17.09 -18.43
CA SER G 187 -0.37 -16.54 -17.40
C SER G 187 -0.37 -17.44 -16.17
N PRO G 188 0.77 -17.65 -15.53
CA PRO G 188 0.79 -18.42 -14.29
C PRO G 188 0.34 -17.65 -13.06
N ASP G 189 0.07 -16.35 -13.18
CA ASP G 189 -0.34 -15.53 -12.06
C ASP G 189 -1.84 -15.28 -12.00
N ARG G 190 -2.48 -15.11 -13.15
CA ARG G 190 -3.91 -14.86 -13.22
C ARG G 190 -4.52 -15.78 -14.28
N ASN G 191 -5.85 -15.79 -14.33
CA ASN G 191 -6.59 -16.56 -15.31
C ASN G 191 -6.98 -15.63 -16.46
N ILE G 192 -6.20 -15.67 -17.54
CA ILE G 192 -6.49 -14.86 -18.72
C ILE G 192 -6.39 -15.71 -19.98
N GLU G 193 -6.42 -17.03 -19.81
CA GLU G 193 -6.13 -17.93 -20.92
C GLU G 193 -7.19 -17.81 -22.01
N GLY G 194 -6.75 -17.73 -23.25
CA GLY G 194 -7.65 -17.61 -24.38
C GLY G 194 -6.90 -17.08 -25.58
N THR G 195 -7.68 -16.68 -26.58
CA THR G 195 -7.16 -16.12 -27.82
C THR G 195 -7.47 -14.63 -27.87
N VAL G 196 -6.47 -13.83 -28.23
CA VAL G 196 -6.63 -12.37 -28.26
C VAL G 196 -7.53 -11.99 -29.43
N ALA G 197 -8.51 -11.14 -29.17
CA ALA G 197 -9.45 -10.66 -30.18
C ALA G 197 -9.34 -9.18 -30.47
N GLU G 198 -9.20 -8.34 -29.44
CA GLU G 198 -9.07 -6.91 -29.62
C GLU G 198 -8.15 -6.35 -28.54
N ILE G 199 -7.37 -5.34 -28.90
CA ILE G 199 -6.50 -4.65 -27.97
C ILE G 199 -6.97 -3.20 -27.94
N GLY G 200 -7.78 -2.86 -26.96
CA GLY G 200 -8.31 -1.52 -26.81
C GLY G 200 -7.40 -0.62 -26.00
N TRP G 201 -7.94 0.55 -25.64
CA TRP G 201 -7.19 1.52 -24.89
C TRP G 201 -7.33 1.34 -23.38
N ARG G 202 -8.41 0.73 -22.92
CA ARG G 202 -8.62 0.46 -21.50
C ARG G 202 -8.58 -1.02 -21.16
N ILE G 203 -9.20 -1.87 -21.98
CA ILE G 203 -9.24 -3.30 -21.74
C ILE G 203 -8.84 -4.05 -23.01
N THR G 204 -8.44 -5.30 -22.82
CA THR G 204 -8.11 -6.20 -23.92
C THR G 204 -9.15 -7.33 -23.95
N LYS G 205 -9.69 -7.60 -25.13
CA LYS G 205 -10.73 -8.61 -25.29
C LYS G 205 -10.12 -9.94 -25.69
N ILE G 206 -10.48 -10.99 -24.98
CA ILE G 206 -9.92 -12.32 -25.17
C ILE G 206 -11.06 -13.32 -25.30
N THR G 207 -10.98 -14.19 -26.30
CA THR G 207 -11.96 -15.25 -26.50
C THR G 207 -11.45 -16.51 -25.82
N THR G 208 -12.16 -16.96 -24.79
CA THR G 208 -11.76 -18.16 -24.08
C THR G 208 -12.04 -19.39 -24.93
N PHE G 209 -11.46 -20.52 -24.51
CA PHE G 209 -11.71 -21.78 -25.19
C PHE G 209 -13.12 -22.31 -24.93
N ASP G 210 -13.86 -21.67 -24.04
CA ASP G 210 -15.27 -21.93 -23.84
C ASP G 210 -16.15 -21.14 -24.80
N ASN G 211 -15.54 -20.39 -25.72
CA ASN G 211 -16.24 -19.53 -26.67
C ASN G 211 -17.01 -18.42 -25.95
N ARG G 212 -16.36 -17.78 -24.98
CA ARG G 212 -16.93 -16.66 -24.26
C ARG G 212 -15.98 -15.48 -24.31
N PRO G 213 -16.50 -14.26 -24.34
CA PRO G 213 -15.63 -13.08 -24.30
C PRO G 213 -15.16 -12.80 -22.88
N LEU G 214 -13.89 -12.40 -22.76
CA LEU G 214 -13.29 -12.06 -21.49
C LEU G 214 -12.59 -10.72 -21.62
N TYR G 215 -12.86 -9.82 -20.68
CA TYR G 215 -12.33 -8.46 -20.73
C TYR G 215 -11.31 -8.29 -19.62
N VAL G 216 -10.08 -7.98 -19.99
CA VAL G 216 -8.95 -7.91 -19.07
C VAL G 216 -8.49 -6.46 -18.99
N PRO G 217 -8.42 -5.87 -17.80
CA PRO G 217 -7.87 -4.52 -17.69
C PRO G 217 -6.42 -4.46 -18.15
N ASN G 218 -6.06 -3.38 -18.83
CA ASN G 218 -4.75 -3.29 -19.45
C ASN G 218 -3.62 -3.21 -18.44
N SER G 219 -3.90 -2.73 -17.23
CA SER G 219 -2.84 -2.58 -16.23
C SER G 219 -2.27 -3.91 -15.76
N LEU G 220 -2.95 -5.02 -16.03
CA LEU G 220 -2.44 -6.32 -15.60
C LEU G 220 -1.15 -6.68 -16.31
N PHE G 221 -1.00 -6.28 -17.57
CA PHE G 221 0.16 -6.68 -18.36
C PHE G 221 1.43 -5.94 -17.97
N SER G 222 1.38 -5.06 -16.99
CA SER G 222 2.57 -4.40 -16.49
C SER G 222 3.11 -5.04 -15.22
N SER G 223 2.44 -6.06 -14.69
CA SER G 223 2.87 -6.65 -13.44
C SER G 223 2.86 -8.17 -13.41
N ILE G 224 2.32 -8.85 -14.41
CA ILE G 224 2.26 -10.31 -14.42
C ILE G 224 3.08 -10.83 -15.59
N SER G 225 3.51 -12.08 -15.46
CA SER G 225 4.22 -12.75 -16.54
C SER G 225 3.22 -13.31 -17.55
N VAL G 226 3.49 -13.07 -18.82
CA VAL G 226 2.62 -13.50 -19.90
C VAL G 226 3.34 -14.56 -20.71
N GLU G 227 2.67 -15.70 -20.90
CA GLU G 227 3.19 -16.78 -21.73
C GLU G 227 2.42 -16.81 -23.04
N ASN G 228 3.10 -17.20 -24.12
CA ASN G 228 2.54 -17.16 -25.47
C ASN G 228 2.61 -18.56 -26.06
N PRO G 229 1.68 -19.45 -25.70
CA PRO G 229 1.64 -20.77 -26.35
C PRO G 229 1.36 -20.69 -27.84
N GLY G 230 0.83 -19.59 -28.33
CA GLY G 230 0.62 -19.44 -29.76
C GLY G 230 1.90 -19.38 -30.57
N ARG G 231 3.04 -19.16 -29.92
CA ARG G 231 4.33 -19.07 -30.62
C ARG G 231 5.26 -20.22 -30.25
N MET G 232 4.72 -21.36 -29.86
CA MET G 232 5.58 -22.49 -29.50
C MET G 232 6.27 -23.04 -30.73
N THR G 233 7.34 -23.81 -30.50
CA THR G 233 8.03 -24.48 -31.58
C THR G 233 7.80 -25.99 -31.60
N ASN G 234 7.39 -26.57 -30.48
CA ASN G 234 7.13 -28.01 -30.40
C ASN G 234 6.06 -28.26 -29.36
N ARG G 235 5.50 -29.46 -29.40
CA ARG G 235 4.60 -29.95 -28.38
C ARG G 235 5.29 -31.06 -27.60
N ARG G 236 5.14 -31.05 -26.28
CA ARG G 236 5.84 -31.98 -25.40
C ARG G 236 4.95 -33.16 -25.06
N ILE G 237 5.56 -34.34 -24.97
CA ILE G 237 4.89 -35.56 -24.53
C ILE G 237 5.58 -36.03 -23.27
N THR G 238 4.84 -36.13 -22.17
CA THR G 238 5.37 -36.63 -20.91
C THR G 238 4.37 -37.61 -20.31
N THR G 239 4.90 -38.68 -19.72
CA THR G 239 4.07 -39.69 -19.07
C THR G 239 4.94 -40.48 -18.11
N THR G 240 4.30 -41.37 -17.36
CA THR G 240 4.99 -42.21 -16.39
C THR G 240 4.50 -43.65 -16.55
N ILE G 241 5.44 -44.59 -16.54
CA ILE G 241 5.13 -46.01 -16.61
C ILE G 241 5.36 -46.61 -15.24
N GLY G 242 4.29 -47.12 -14.63
CA GLY G 242 4.39 -47.71 -13.31
C GLY G 242 4.33 -49.22 -13.35
N LEU G 243 5.46 -49.87 -13.13
CA LEU G 243 5.55 -51.32 -13.15
C LEU G 243 5.46 -51.88 -11.74
N ARG G 244 5.07 -53.15 -11.66
CA ARG G 244 4.98 -53.82 -10.37
C ARG G 244 6.37 -54.05 -9.79
N TYR G 245 6.43 -54.15 -8.47
CA TYR G 245 7.71 -54.38 -7.80
C TYR G 245 8.31 -55.73 -8.15
N GLU G 246 7.49 -56.69 -8.58
CA GLU G 246 8.00 -57.99 -9.00
C GLU G 246 8.63 -57.95 -10.39
N ASP G 247 8.54 -56.82 -11.10
CA ASP G 247 9.11 -56.68 -12.42
C ASP G 247 10.42 -55.90 -12.40
N ALA G 248 11.13 -55.94 -11.28
CA ALA G 248 12.37 -55.18 -11.17
C ALA G 248 13.47 -55.70 -12.08
N ALA G 249 13.37 -56.96 -12.53
CA ALA G 249 14.41 -57.55 -13.36
C ALA G 249 14.24 -57.23 -14.84
N LYS G 250 13.16 -56.54 -15.22
CA LYS G 250 12.92 -56.22 -16.62
C LYS G 250 12.97 -54.72 -16.90
N VAL G 251 13.30 -53.90 -15.90
CA VAL G 251 13.29 -52.46 -16.07
C VAL G 251 14.27 -52.03 -17.14
N GLY G 252 15.47 -52.61 -17.13
CA GLY G 252 16.48 -52.21 -18.10
C GLY G 252 16.07 -52.49 -19.53
N VAL G 253 15.57 -53.70 -19.79
CA VAL G 253 15.20 -54.05 -21.15
C VAL G 253 13.97 -53.26 -21.59
N ILE G 254 13.03 -53.01 -20.67
CA ILE G 254 11.86 -52.22 -21.04
C ILE G 254 12.27 -50.79 -21.38
N VAL G 255 13.17 -50.21 -20.60
CA VAL G 255 13.64 -48.85 -20.87
C VAL G 255 14.35 -48.80 -22.21
N GLU G 256 15.19 -49.80 -22.50
CA GLU G 256 15.89 -49.83 -23.77
C GLU G 256 14.91 -49.92 -24.94
N ALA G 257 13.92 -50.78 -24.82
CA ALA G 257 12.95 -50.95 -25.91
C ALA G 257 12.14 -49.67 -26.13
N VAL G 258 11.70 -49.03 -25.05
CA VAL G 258 10.93 -47.80 -25.20
C VAL G 258 11.78 -46.71 -25.82
N ARG G 259 13.04 -46.59 -25.40
CA ARG G 259 13.92 -45.58 -25.99
C ARG G 259 14.13 -45.83 -27.47
N GLU G 260 14.33 -47.09 -27.86
CA GLU G 260 14.50 -47.41 -29.28
C GLU G 260 13.24 -47.06 -30.08
N MET G 261 12.07 -47.42 -29.55
CA MET G 261 10.83 -47.10 -30.23
C MET G 261 10.68 -45.60 -30.42
N LEU G 262 10.98 -44.82 -29.39
CA LEU G 262 10.88 -43.37 -29.51
C LEU G 262 11.90 -42.84 -30.52
N LYS G 263 13.09 -43.43 -30.56
CA LYS G 263 14.10 -42.96 -31.50
C LYS G 263 13.72 -43.27 -32.94
N ASN G 264 12.94 -44.31 -33.17
CA ASN G 264 12.56 -44.70 -34.53
C ASN G 264 11.17 -44.23 -34.92
N HIS G 265 10.55 -43.33 -34.15
CA HIS G 265 9.20 -42.91 -34.46
C HIS G 265 9.22 -41.72 -35.42
N PRO G 266 8.42 -41.75 -36.48
CA PRO G 266 8.48 -40.66 -37.47
C PRO G 266 7.89 -39.35 -37.01
N ALA G 267 7.17 -39.31 -35.88
CA ALA G 267 6.53 -38.10 -35.42
C ALA G 267 7.30 -37.37 -34.33
N ILE G 268 8.44 -37.90 -33.92
CA ILE G 268 9.21 -37.36 -32.80
C ILE G 268 10.36 -36.53 -33.32
N ASP G 269 10.57 -35.36 -32.73
CA ASP G 269 11.67 -34.48 -33.12
C ASP G 269 12.96 -35.01 -32.50
N GLN G 270 13.87 -35.49 -33.33
CA GLN G 270 15.10 -36.10 -32.85
C GLN G 270 16.14 -35.08 -32.39
N ARG G 271 15.92 -33.79 -32.65
CA ARG G 271 16.87 -32.76 -32.25
C ARG G 271 16.53 -32.14 -30.91
N GLN G 272 15.48 -32.61 -30.23
CA GLN G 272 15.08 -32.10 -28.94
C GLN G 272 15.44 -33.11 -27.86
N THR G 273 15.02 -32.80 -26.63
CA THR G 273 15.27 -33.68 -25.50
C THR G 273 14.50 -34.99 -25.67
N LEU G 274 15.14 -36.09 -25.31
CA LEU G 274 14.52 -37.41 -25.41
C LEU G 274 15.07 -38.26 -24.27
N LEU G 275 14.28 -38.42 -23.21
CA LEU G 275 14.72 -39.08 -21.99
C LEU G 275 13.78 -40.20 -21.62
N VAL G 276 14.33 -41.39 -21.33
CA VAL G 276 13.57 -42.53 -20.81
C VAL G 276 14.45 -43.19 -19.76
N TYR G 277 14.05 -43.08 -18.49
CA TYR G 277 14.89 -43.58 -17.40
C TYR G 277 14.03 -44.04 -16.24
N PHE G 278 14.49 -45.08 -15.57
CA PHE G 278 13.91 -45.47 -14.28
C PHE G 278 14.16 -44.36 -13.27
N ASN G 279 13.08 -43.73 -12.81
CA ASN G 279 13.16 -42.43 -12.17
C ASN G 279 13.04 -42.46 -10.66
N GLN G 280 12.06 -43.17 -10.10
CA GLN G 280 11.81 -43.04 -8.67
C GLN G 280 11.06 -44.25 -8.14
N PHE G 281 11.15 -44.44 -6.83
CA PHE G 281 10.37 -45.42 -6.12
C PHE G 281 9.05 -44.80 -5.70
N ALA G 282 7.95 -45.48 -6.00
CA ALA G 282 6.62 -45.04 -5.59
C ALA G 282 6.06 -45.99 -4.54
N ASP G 283 4.88 -45.66 -4.05
CA ASP G 283 4.27 -46.47 -2.99
C ASP G 283 3.97 -47.88 -3.48
N SER G 284 3.47 -48.02 -4.70
CA SER G 284 3.06 -49.30 -5.22
C SER G 284 3.74 -49.70 -6.52
N SER G 285 4.61 -48.87 -7.08
CA SER G 285 5.15 -49.15 -8.40
C SER G 285 6.54 -48.56 -8.54
N LEU G 286 7.27 -49.06 -9.53
CA LEU G 286 8.53 -48.50 -9.96
C LEU G 286 8.27 -47.64 -11.20
N ASN G 287 8.55 -46.35 -11.10
CA ASN G 287 8.15 -45.38 -12.10
C ASN G 287 9.26 -45.15 -13.12
N ILE G 288 8.86 -45.08 -14.39
CA ILE G 288 9.77 -44.77 -15.50
C ILE G 288 9.26 -43.50 -16.17
N MET G 289 10.15 -42.53 -16.34
CA MET G 289 9.78 -41.26 -16.94
C MET G 289 9.94 -41.32 -18.46
N VAL G 290 9.09 -40.59 -19.16
CA VAL G 290 9.15 -40.44 -20.61
C VAL G 290 9.06 -38.96 -20.93
N TYR G 291 9.92 -38.50 -21.85
CA TYR G 291 10.07 -37.07 -22.08
C TYR G 291 10.55 -36.89 -23.52
N CYS G 292 9.72 -36.30 -24.37
CA CYS G 292 10.07 -36.11 -25.78
C CYS G 292 9.21 -34.99 -26.35
N PHE G 293 9.45 -34.69 -27.63
CA PHE G 293 8.76 -33.63 -28.34
C PHE G 293 8.30 -34.14 -29.71
N THR G 294 7.27 -33.50 -30.24
CA THR G 294 6.80 -33.77 -31.59
C THR G 294 7.19 -32.62 -32.52
N LYS G 295 7.34 -32.95 -33.80
CA LYS G 295 7.64 -31.92 -34.78
C LYS G 295 6.47 -30.96 -34.97
N THR G 296 5.25 -31.48 -35.00
CA THR G 296 4.08 -30.66 -35.26
C THR G 296 3.71 -29.84 -34.02
N THR G 297 2.97 -28.76 -34.27
CA THR G 297 2.41 -27.94 -33.20
C THR G 297 0.89 -27.87 -33.27
N VAL G 298 0.27 -28.68 -34.12
CA VAL G 298 -1.19 -28.68 -34.26
C VAL G 298 -1.80 -29.59 -33.21
N TRP G 299 -2.95 -29.16 -32.69
CA TRP G 299 -3.59 -29.87 -31.58
C TRP G 299 -3.92 -31.31 -31.95
N ALA G 300 -4.63 -31.51 -33.07
CA ALA G 300 -5.12 -32.84 -33.41
C ALA G 300 -3.98 -33.80 -33.75
N GLU G 301 -2.98 -33.32 -34.50
CA GLU G 301 -1.88 -34.19 -34.87
C GLU G 301 -1.05 -34.57 -33.65
N TRP G 302 -0.84 -33.62 -32.74
CA TRP G 302 -0.13 -33.92 -31.51
C TRP G 302 -0.88 -34.97 -30.69
N LEU G 303 -2.20 -34.84 -30.59
CA LEU G 303 -2.97 -35.81 -29.83
C LEU G 303 -2.90 -37.19 -30.48
N ALA G 304 -2.98 -37.24 -31.81
CA ALA G 304 -2.90 -38.52 -32.51
C ALA G 304 -1.55 -39.19 -32.29
N ALA G 305 -0.47 -38.42 -32.38
CA ALA G 305 0.86 -38.97 -32.15
C ALA G 305 1.00 -39.48 -30.72
N GLN G 306 0.46 -38.72 -29.76
CA GLN G 306 0.51 -39.15 -28.36
C GLN G 306 -0.23 -40.46 -28.17
N GLN G 307 -1.41 -40.59 -28.78
CA GLN G 307 -2.17 -41.84 -28.65
C GLN G 307 -1.41 -43.02 -29.25
N ASP G 308 -0.79 -42.80 -30.42
CA ASP G 308 -0.01 -43.87 -31.04
C ASP G 308 1.15 -44.29 -30.15
N VAL G 309 1.85 -43.32 -29.56
CA VAL G 309 2.97 -43.62 -28.68
C VAL G 309 2.50 -44.40 -27.47
N TYR G 310 1.36 -44.00 -26.88
CA TYR G 310 0.86 -44.70 -25.70
C TYR G 310 0.51 -46.14 -26.02
N LEU G 311 -0.15 -46.38 -27.16
CA LEU G 311 -0.49 -47.75 -27.52
C LEU G 311 0.76 -48.58 -27.73
N LYS G 312 1.77 -48.01 -28.40
CA LYS G 312 3.03 -48.74 -28.59
C LYS G 312 3.69 -49.06 -27.26
N ILE G 313 3.63 -48.12 -26.30
CA ILE G 313 4.21 -48.35 -24.99
C ILE G 313 3.50 -49.51 -24.29
N ILE G 314 2.17 -49.54 -24.38
CA ILE G 314 1.41 -50.64 -23.77
C ILE G 314 1.86 -51.97 -24.37
N ASP G 315 1.98 -52.01 -25.70
CA ASP G 315 2.40 -53.25 -26.35
C ASP G 315 3.80 -53.67 -25.90
N ILE G 316 4.72 -52.71 -25.82
CA ILE G 316 6.09 -53.03 -25.41
C ILE G 316 6.11 -53.59 -24.00
N VAL G 317 5.38 -52.94 -23.09
CA VAL G 317 5.39 -53.38 -21.70
C VAL G 317 4.81 -54.78 -21.58
N GLN G 318 3.67 -55.03 -22.23
CA GLN G 318 3.05 -56.34 -22.08
C GLN G 318 3.78 -57.44 -22.83
N SER G 319 4.60 -57.09 -23.83
CA SER G 319 5.32 -58.12 -24.57
C SER G 319 6.51 -58.67 -23.82
N HIS G 320 7.01 -57.97 -22.81
CA HIS G 320 8.17 -58.42 -22.05
C HIS G 320 7.81 -59.18 -20.79
N GLY G 321 6.53 -59.44 -20.55
CA GLY G 321 6.10 -60.17 -19.38
C GLY G 321 5.83 -59.33 -18.15
N ALA G 322 6.00 -58.02 -18.23
CA ALA G 322 5.70 -57.13 -17.11
C ALA G 322 4.24 -56.71 -17.19
N ASP G 323 3.82 -55.82 -16.29
CA ASP G 323 2.45 -55.34 -16.28
C ASP G 323 2.38 -54.06 -15.47
N PHE G 324 1.33 -53.28 -15.72
CA PHE G 324 1.09 -52.07 -14.95
C PHE G 324 0.56 -52.42 -13.57
N ALA G 325 0.79 -51.52 -12.62
CA ALA G 325 0.50 -51.78 -11.22
C ALA G 325 -0.70 -50.96 -10.76
N PHE G 326 -1.66 -51.63 -10.14
CA PHE G 326 -2.71 -50.97 -9.41
C PHE G 326 -2.19 -50.53 -8.04
N PRO G 327 -2.86 -49.60 -7.38
CA PRO G 327 -2.53 -49.33 -5.97
C PRO G 327 -2.66 -50.61 -5.16
N SER G 328 -1.68 -50.84 -4.27
CA SER G 328 -1.55 -52.11 -3.59
C SER G 328 -1.50 -51.90 -2.08
N GLN G 329 -1.90 -52.93 -1.35
CA GLN G 329 -1.89 -52.91 0.11
C GLN G 329 -1.58 -54.30 0.63
N THR G 330 -1.04 -54.35 1.84
CA THR G 330 -0.84 -55.59 2.58
C THR G 330 -1.78 -55.60 3.76
N LEU G 331 -2.57 -56.67 3.90
CA LEU G 331 -3.60 -56.75 4.92
C LEU G 331 -3.28 -57.88 5.89
N TYR G 332 -3.30 -57.56 7.17
CA TYR G 332 -3.10 -58.54 8.24
C TYR G 332 -4.45 -58.81 8.89
N MET G 333 -4.92 -60.05 8.78
CA MET G 333 -6.28 -60.40 9.17
C MET G 333 -6.33 -60.81 10.63
N ASP G 334 -7.38 -60.38 11.31
CA ASP G 334 -7.58 -60.74 12.72
C ASP G 334 -9.05 -60.62 13.10
C1 D12 H . 6.72 10.29 -21.25
C2 D12 H . 7.83 10.43 -22.29
C3 D12 H . 8.30 9.09 -22.84
C4 D12 H . 9.43 9.22 -23.86
C5 D12 H . 9.89 7.89 -24.44
C6 D12 H . 10.96 8.05 -25.52
C7 D12 H . 11.35 6.74 -26.18
C8 D12 H . 12.29 6.93 -27.37
C9 D12 H . 12.70 5.63 -28.05
C10 D12 H . 13.69 5.85 -29.18
C11 D12 H . 14.29 4.57 -29.74
C12 D12 H . 13.26 3.70 -30.47
C1 D12 I . 14.00 1.34 -26.91
C2 D12 I . 15.00 1.32 -25.76
C3 D12 I . 14.71 2.39 -24.71
C4 D12 I . 13.24 2.47 -24.33
C5 D12 I . 12.99 3.39 -23.15
C6 D12 I . 11.51 3.71 -22.93
C7 D12 I . 11.26 4.54 -21.68
C8 D12 I . 9.78 4.83 -21.44
C9 D12 I . 9.51 5.48 -20.09
C10 D12 I . 8.04 5.76 -19.85
C11 D12 I . 7.76 6.34 -18.46
C12 D12 I . 6.29 6.67 -18.24
C1 D12 J . 6.39 14.36 -24.03
C2 D12 J . 6.03 13.87 -25.43
C3 D12 J . 7.16 13.08 -26.09
C4 D12 J . 6.85 12.70 -27.53
C5 D12 J . 8.00 11.98 -28.22
C6 D12 J . 7.76 11.75 -29.70
C7 D12 J . 8.95 11.14 -30.43
C8 D12 J . 8.79 11.14 -31.95
C9 D12 J . 9.98 10.55 -32.69
C10 D12 J . 9.93 10.81 -34.19
C11 D12 J . 11.11 10.21 -34.96
C12 D12 J . 11.13 10.64 -36.42
C1 D12 K . 11.58 15.82 -27.72
C2 D12 K . 11.82 15.74 -29.22
C3 D12 K . 12.62 14.51 -29.63
C4 D12 K . 12.86 14.41 -31.13
C5 D12 K . 13.55 13.13 -31.56
C6 D12 K . 13.78 13.04 -33.06
C7 D12 K . 14.32 11.69 -33.51
C8 D12 K . 14.51 11.59 -35.03
C9 D12 K . 14.82 10.18 -35.50
C10 D12 K . 14.82 10.04 -37.02
C11 D12 K . 15.01 8.61 -37.51
C12 D12 K . 14.93 8.48 -39.02
C1 D12 L . 17.71 4.42 -11.66
C2 D12 L . 18.35 3.07 -11.38
C3 D12 L . 19.87 3.09 -11.50
C4 D12 L . 20.53 1.81 -11.04
C5 D12 L . 22.06 1.91 -11.03
C6 D12 L . 22.74 0.65 -10.51
C7 D12 L . 24.26 0.76 -10.48
C8 D12 L . 24.95 -0.52 -10.06
C9 D12 L . 26.48 -0.46 -10.18
C10 D12 L . 27.15 -1.81 -9.96
C11 D12 L . 28.60 -1.83 -10.40
C12 D12 L . 29.21 -3.23 -10.34
C1 D12 M . 30.32 0.96 -12.82
C2 D12 M . 29.71 2.25 -13.39
C3 D12 M . 28.35 2.57 -12.79
C4 D12 M . 27.63 3.69 -13.51
C5 D12 M . 26.22 3.95 -12.99
C6 D12 M . 25.41 4.88 -13.88
C7 D12 M . 23.98 5.11 -13.38
C8 D12 M . 23.10 5.82 -14.39
C9 D12 M . 21.71 6.14 -13.85
C10 D12 M . 20.77 6.74 -14.89
C11 D12 M . 19.39 7.04 -14.33
C12 D12 M . 18.43 7.57 -15.39
C1 D12 N . -4.74 13.70 -16.45
C2 D12 N . -5.86 13.36 -17.43
C3 D12 N . -5.33 12.97 -18.80
C4 D12 N . -6.43 12.86 -19.86
C5 D12 N . -5.90 12.68 -21.28
C6 D12 N . -7.02 12.69 -22.32
C7 D12 N . -6.56 12.31 -23.71
C8 D12 N . -7.74 12.09 -24.66
C9 D12 N . -7.33 11.68 -26.07
C10 D12 N . -8.54 11.46 -26.98
C11 D12 N . -8.17 11.22 -28.44
C12 D12 N . -9.40 11.13 -29.34
C1 D12 O . -11.91 14.50 -30.96
C2 D12 O . -11.66 14.49 -29.47
C3 D12 O . -12.65 15.35 -28.70
C4 D12 O . -12.50 15.26 -27.19
C5 D12 O . -11.17 15.83 -26.67
C6 D12 O . -11.12 15.93 -25.15
C7 D12 O . -9.79 16.48 -24.63
C8 D12 O . -9.75 16.60 -23.11
C9 D12 O . -8.42 17.11 -22.59
C10 D12 O . -8.35 17.17 -21.07
C11 D12 O . -6.99 17.62 -20.54
C12 D12 O . -6.92 17.60 -19.01
C1 D12 P . 10.16 10.72 -16.21
C2 D12 P . 10.19 10.13 -17.61
C3 D12 P . 11.57 9.61 -18.02
C4 D12 P . 11.67 9.24 -19.49
C5 D12 P . 13.09 8.92 -19.94
C6 D12 P . 13.18 8.67 -21.44
C7 D12 P . 14.54 8.15 -21.92
C8 D12 P . 14.50 7.67 -23.36
C9 D12 P . 15.82 7.11 -23.87
C10 D12 P . 15.74 6.66 -25.31
C11 D12 P . 17.09 6.24 -25.90
C12 D12 P . 16.99 5.90 -27.38
C1 D12 Q . 16.77 8.73 -30.89
C2 D12 Q . 15.78 8.95 -29.76
C3 D12 Q . 14.59 9.82 -30.18
C4 D12 Q . 13.53 9.95 -29.10
C5 D12 Q . 14.00 10.72 -27.87
C6 D12 Q . 12.87 11.03 -26.89
C7 D12 Q . 13.33 11.79 -25.65
C8 D12 Q . 12.20 12.12 -24.69
C9 D12 Q . 12.67 12.84 -23.43
C10 D12 Q . 11.55 13.11 -22.44
C11 D12 Q . 12.02 13.78 -21.15
C12 D12 Q . 10.90 13.98 -20.14
C1 D12 R . 21.05 7.88 -9.88
C2 D12 R . 22.55 7.99 -9.69
C3 D12 R . 23.22 6.64 -9.45
C4 D12 R . 24.74 6.75 -9.24
C5 D12 R . 25.42 5.41 -9.03
C6 D12 R . 26.93 5.53 -8.93
C7 D12 R . 27.64 4.18 -8.81
C8 D12 R . 29.16 4.32 -8.87
C9 D12 R . 29.90 2.99 -8.76
C10 D12 R . 31.41 3.14 -8.75
C11 D12 R . 32.16 1.86 -8.43
C12 D12 R . 32.04 0.81 -9.52
C1 D12 S . 29.69 -0.95 -6.33
C2 D12 S . 29.44 -0.70 -4.85
C3 D12 S . 28.49 0.46 -4.59
C4 D12 S . 27.26 0.44 -5.49
C5 D12 S . 26.22 1.49 -5.10
C6 D12 S . 25.14 1.67 -6.14
C7 D12 S . 24.03 2.63 -5.70
C8 D12 S . 22.92 2.79 -6.72
C9 D12 S . 21.74 3.60 -6.20
C10 D12 S . 20.62 3.76 -7.22
C11 D12 S . 19.40 4.49 -6.67
C12 D12 S . 18.31 4.68 -7.71
C1 D12 T . 23.14 11.47 -12.55
C2 D12 T . 23.95 10.75 -13.61
C3 D12 T . 25.15 10.01 -13.03
C4 D12 T . 26.06 9.39 -14.09
C5 D12 T . 27.30 8.72 -13.52
C6 D12 T . 28.28 8.26 -14.60
C7 D12 T . 29.57 7.67 -14.03
C8 D12 T . 30.63 7.46 -15.11
C9 D12 T . 31.93 6.88 -14.56
C10 D12 T . 33.07 6.94 -15.58
C11 D12 T . 34.38 6.36 -15.06
C12 D12 T . 35.54 6.59 -16.03
C1 D12 U . 29.34 12.94 -11.14
C2 D12 U . 30.65 12.69 -11.87
C3 D12 U . 31.42 11.50 -11.31
C4 D12 U . 32.72 11.22 -12.05
C5 D12 U . 33.44 9.96 -11.57
C6 D12 U . 34.74 9.69 -12.32
C7 D12 U . 35.39 8.36 -11.95
C8 D12 U . 36.66 8.07 -12.73
C9 D12 U . 37.17 6.64 -12.56
C10 D12 U . 38.33 6.31 -13.48
C11 D12 U . 38.76 4.85 -13.39
C12 D12 U . 39.87 4.51 -14.39
C1 D12 V . 20.45 4.60 5.49
C2 D12 V . 20.57 3.37 6.38
C3 D12 V . 21.65 3.54 7.45
C4 D12 V . 21.67 2.41 8.47
C5 D12 V . 22.63 2.66 9.62
C6 D12 V . 22.62 1.57 10.68
C7 D12 V . 23.57 1.85 11.83
C8 D12 V . 23.64 0.72 12.85
C9 D12 V . 24.70 0.92 13.92
C10 D12 V . 24.91 -0.31 14.80
C11 D12 V . 26.17 -0.24 15.64
C12 D12 V . 26.46 -1.54 16.37
C1 D12 W . 29.25 2.36 14.96
C2 D12 W . 29.35 3.47 13.93
C3 D12 W . 28.03 3.74 13.21
C4 D12 W . 28.17 4.67 12.01
C5 D12 W . 26.87 4.83 11.22
C6 D12 W . 27.08 5.54 9.89
C7 D12 W . 25.80 5.68 9.08
C8 D12 W . 26.05 6.17 7.65
C9 D12 W . 24.75 6.41 6.87
C10 D12 W . 24.97 6.76 5.41
C11 D12 W . 23.68 6.97 4.65
C12 D12 W . 23.90 7.26 3.17
C1 D12 X . 19.38 9.36 -4.16
C2 D12 X . 20.46 8.59 -4.92
C3 D12 X . 21.62 8.17 -4.03
C4 D12 X . 22.81 7.62 -4.81
C5 D12 X . 24.05 7.38 -3.96
C6 D12 X . 25.24 6.94 -4.79
C7 D12 X . 26.44 6.50 -3.96
C8 D12 X . 27.52 5.83 -4.81
C9 D12 X . 28.73 5.35 -4.01
C10 D12 X . 29.77 4.69 -4.90
C11 D12 X . 31.06 4.34 -4.17
C12 D12 X . 32.14 3.78 -5.12
C1 D12 Y . 34.81 6.07 -7.95
C2 D12 Y . 33.31 6.34 -8.04
C3 D12 Y . 32.91 7.00 -9.36
C4 D12 Y . 31.41 7.17 -9.51
C5 D12 Y . 30.79 8.15 -8.52
C6 D12 Y . 29.34 8.48 -8.82
C7 D12 Y . 28.71 9.44 -7.82
C8 D12 Y . 27.27 9.78 -8.14
C9 D12 Y . 26.62 10.71 -7.12
C10 D12 Y . 25.15 11.01 -7.40
C11 D12 Y . 24.50 11.89 -6.35
C12 D12 Y . 23.01 12.10 -6.61
C1 D12 Z . 21.34 8.60 8.56
C2 D12 Z . 22.17 8.90 9.81
C3 D12 Z . 22.36 7.67 10.69
C4 D12 Z . 23.16 7.97 11.95
C5 D12 Z . 23.39 6.75 12.84
C6 D12 Z . 24.27 7.04 14.04
C7 D12 Z . 24.58 5.81 14.88
C8 D12 Z . 25.60 6.09 15.98
C9 D12 Z . 25.94 4.87 16.84
C10 D12 Z . 26.90 5.19 17.97
C11 D12 Z . 27.09 4.05 18.96
C12 D12 Z . 27.79 2.84 18.36
C1 D12 AA . 23.78 1.31 18.86
C2 D12 AA . 22.49 1.73 19.55
C3 D12 AA . 21.73 2.81 18.79
C4 D12 AA . 21.63 2.54 17.29
C5 D12 AA . 20.71 3.51 16.57
C6 D12 AA . 20.83 3.44 15.06
C7 D12 AA . 19.83 4.33 14.34
C8 D12 AA . 19.91 4.23 12.82
C9 D12 AA . 18.78 4.97 12.11
C10 D12 AA . 18.86 4.86 10.59
C11 D12 AA . 17.69 5.53 9.88
C12 D12 AA . 17.80 5.47 8.36
C1 D12 BA . 24.87 11.99 7.87
C2 D12 BA . 26.18 11.21 7.95
C3 D12 BA . 26.47 10.70 9.36
C4 D12 BA . 27.84 10.04 9.48
C5 D12 BA . 28.16 9.58 10.91
C6 D12 BA . 29.59 9.09 11.05
C7 D12 BA . 29.96 8.72 12.49
C8 D12 BA . 31.45 8.48 12.67
C9 D12 BA . 31.85 8.12 14.10
C10 D12 BA . 33.36 8.14 14.32
C11 D12 BA . 33.78 7.79 15.74
C12 D12 BA . 35.27 8.00 15.99
C1 D12 CA . 27.81 14.29 13.25
C2 D12 CA . 29.20 14.07 13.82
C3 D12 CA . 29.22 13.06 14.96
C4 D12 CA . 30.61 12.82 15.54
C5 D12 CA . 30.64 11.73 16.60
C6 D12 CA . 32.03 11.49 17.17
C7 D12 CA . 32.10 10.29 18.12
C8 D12 CA . 33.51 10.04 18.65
C9 D12 CA . 33.64 8.71 19.38
C10 D12 CA . 35.08 8.37 19.75
C11 D12 CA . 35.22 6.99 20.39
C12 D12 CA . 36.68 6.63 20.67
C1 D12 DA . 9.01 7.44 18.24
C2 D12 DA . 8.36 6.37 19.11
C3 D12 DA . 8.22 6.80 20.56
C4 D12 DA . 7.42 5.82 21.41
C5 D12 DA . 7.15 6.34 22.82
C6 D12 DA . 6.29 5.41 23.65
C7 D12 DA . 6.01 5.95 25.04
C8 D12 DA . 5.23 4.98 25.93
C9 D12 DA . 5.10 5.44 27.37
C10 D12 DA . 4.51 4.38 28.29
C11 D12 DA . 4.66 4.69 29.76
C12 D12 DA . 4.24 3.54 30.67
C1 D12 EA . 7.25 7.48 31.24
C2 D12 EA . 8.15 8.44 30.48
C3 D12 EA . 7.88 8.46 28.99
C4 D12 EA . 8.92 9.23 28.18
C5 D12 EA . 8.71 9.15 26.68
C6 D12 EA . 9.90 9.68 25.88
C7 D12 EA . 9.71 9.57 24.38
C8 D12 EA . 10.98 9.88 23.59
C9 D12 EA . 10.77 9.88 22.08
C10 D12 EA . 12.04 10.03 21.28
C11 D12 EA . 11.82 10.01 19.78
C12 D12 EA . 13.11 10.10 18.97
C1 D12 FA . 15.95 10.68 10.60
C2 D12 FA . 17.19 9.93 11.08
C3 D12 FA . 17.23 9.76 12.59
C4 D12 FA . 18.57 9.23 13.10
C5 D12 FA . 18.69 9.25 14.62
C6 D12 FA . 20.07 8.83 15.09
C7 D12 FA . 20.18 8.64 16.60
C8 D12 FA . 21.50 7.97 17.00
C9 D12 FA . 21.64 7.74 18.50
C10 D12 FA . 22.96 7.07 18.86
C11 D12 FA . 23.21 6.96 20.35
C12 D12 FA . 24.59 6.40 20.68
C1 D12 GA . 28.57 8.53 20.56
C2 D12 GA . 27.69 8.63 19.31
C3 D12 GA . 28.48 9.06 18.08
C4 D12 GA . 27.65 9.05 16.80
C5 D12 GA . 26.52 10.08 16.80
C6 D12 GA . 25.84 10.20 15.43
C7 D12 GA . 24.72 11.24 15.42
C8 D12 GA . 24.05 11.37 14.05
C9 D12 GA . 22.89 12.36 14.04
C10 D12 GA . 22.19 12.46 12.70
C11 D12 GA . 20.99 13.40 12.70
C12 D12 GA . 20.25 13.42 11.38
C1 D12 HA . 7.38 11.91 20.16
C2 D12 HA . 6.97 12.45 21.51
C3 D12 HA . 6.36 11.39 22.42
C4 D12 HA . 5.91 11.95 23.78
C5 D12 HA . 5.32 10.89 24.69
C6 D12 HA . 4.97 11.44 26.08
C7 D12 HA . 4.47 10.37 27.05
C8 D12 HA . 4.29 10.91 28.46
C9 D12 HA . 3.80 9.87 29.46
C10 D12 HA . 3.56 10.43 30.85
C11 D12 HA . 2.86 9.47 31.80
C12 D12 HA . 3.73 8.27 32.18
C1 D12 IA . 0.72 6.41 29.68
C2 D12 IA . -0.61 6.79 29.05
C3 D12 IA . -0.46 7.66 27.82
C4 D12 IA . 0.62 7.18 26.86
C5 D12 IA . 0.62 7.94 25.54
C6 D12 IA . 1.86 7.67 24.70
C7 D12 IA . 1.80 8.34 23.33
C8 D12 IA . 3.02 8.04 22.47
C9 D12 IA . 2.87 8.55 21.04
C10 D12 IA . 4.09 8.24 20.17
C11 D12 IA . 3.91 8.68 18.72
C12 D12 IA . 5.14 8.42 17.87
C1 D12 JA . 10.30 15.51 21.85
C2 D12 JA . 11.05 14.90 23.03
C3 D12 JA . 10.12 14.62 24.21
C4 D12 JA . 10.87 14.13 25.45
C5 D12 JA . 9.98 13.92 26.66
C6 D12 JA . 10.75 13.60 27.93
C7 D12 JA . 9.87 13.47 29.17
C8 D12 JA . 10.67 13.42 30.46
C9 D12 JA . 9.81 13.30 31.71
C10 D12 JA . 10.60 13.52 33.00
C11 D12 JA . 9.76 13.41 34.27
C12 D12 JA . 10.54 13.81 35.52
C1 D12 KA . 8.14 18.83 27.04
C2 D12 KA . 8.57 18.85 28.50
C3 D12 KA . 7.66 18.01 29.40
C4 D12 KA . 8.10 18.00 30.86
C5 D12 KA . 7.26 17.08 31.74
C6 D12 KA . 7.70 17.07 33.20
C7 D12 KA . 6.98 16.03 34.04
C8 D12 KA . 7.45 16.00 35.49
C9 D12 KA . 6.91 14.81 36.28
C10 D12 KA . 7.53 14.68 37.66
C11 D12 KA . 7.09 13.42 38.40
C12 D12 KA . 7.78 13.27 39.75
C1 D12 LA . -7.97 10.81 17.00
C2 D12 LA . -9.10 9.81 17.23
C3 D12 LA . -10.28 10.42 17.95
C4 D12 LA . -11.49 9.49 18.03
C5 D12 LA . -12.72 10.16 18.62
C6 D12 LA . -13.95 9.26 18.64
C7 D12 LA . -15.18 9.96 19.22
C8 D12 LA . -16.39 9.05 19.33
C9 D12 LA . -17.56 9.69 20.05
C10 D12 LA . -18.69 8.71 20.36
C11 D12 LA . -19.72 9.24 21.35
C12 D12 LA . -20.72 8.19 21.77
C1 D12 MA . -19.08 12.47 23.76
C2 D12 MA . -17.89 13.40 23.82
C3 D12 MA . -16.92 13.19 22.67
C4 D12 MA . -15.60 13.94 22.83
C5 D12 MA . -14.58 13.63 21.74
C6 D12 MA . -13.20 14.17 22.06
C7 D12 MA . -12.15 13.83 21.01
C8 D12 MA . -10.73 14.16 21.43
C9 D12 MA . -9.71 13.92 20.32
C10 D12 MA . -8.26 14.10 20.77
C11 D12 MA . -7.26 13.84 19.66
C12 D12 MA . -5.81 13.96 20.13
C1 D12 NA . 2.46 13.67 16.97
C2 D12 NA . 2.85 13.12 18.33
C3 D12 NA . 1.70 13.18 19.34
C4 D12 NA . 2.14 12.86 20.76
C5 D12 NA . 1.05 13.11 21.81
C6 D12 NA . 1.56 12.90 23.23
C7 D12 NA . 0.46 12.93 24.29
C8 D12 NA . 0.96 12.47 25.65
C9 D12 NA . -0.11 12.47 26.74
C10 D12 NA . 0.44 12.00 28.09
C11 D12 NA . -0.56 12.12 29.22
C12 D12 NA . 0.05 11.76 30.58
C1 D12 OA . 2.77 14.26 33.17
C2 D12 OA . 3.17 14.10 31.71
C3 D12 OA . 4.63 14.43 31.47
C4 D12 OA . 5.09 14.15 30.04
C5 D12 OA . 4.42 15.05 29.00
C6 D12 OA . 5.03 14.91 27.61
C7 D12 OA . 4.37 15.81 26.57
C8 D12 OA . 5.00 15.68 25.18
C9 D12 OA . 4.30 16.53 24.12
C10 D12 OA . 4.90 16.36 22.73
C11 D12 OA . 4.16 17.16 21.66
C12 D12 OA . 4.71 16.93 20.27
C1 D12 PA . -10.31 15.30 16.20
C2 D12 PA . -11.59 15.98 16.63
C3 D12 PA . -12.73 15.00 16.92
C4 D12 PA . -14.02 15.69 17.33
C5 D12 PA . -15.15 14.71 17.63
C6 D12 PA . -16.41 15.41 18.14
C7 D12 PA . -17.52 14.44 18.54
C8 D12 PA . -18.71 15.15 19.19
C9 D12 PA . -19.82 14.19 19.62
C10 D12 PA . -21.03 14.93 20.21
C11 D12 PA . -22.24 14.04 20.43
C12 D12 PA . -22.02 13.00 21.52
C1 D12 QA . -22.10 10.51 17.99
C2 D12 QA . -22.45 10.65 16.53
C3 D12 QA . -21.38 11.36 15.71
C4 D12 QA . -19.97 10.87 16.02
C5 D12 QA . -18.92 11.43 15.07
C6 D12 QA . -17.49 11.17 15.53
C7 D12 QA . -16.44 11.64 14.53
C8 D12 QA . -15.02 11.35 14.97
C9 D12 QA . -14.00 11.64 13.88
C10 D12 QA . -12.57 11.34 14.31
C11 D12 QA . -11.54 11.56 13.20
C12 D12 QA . -10.11 11.31 13.65
C1 D12 RA . -9.60 19.39 18.86
C2 D12 RA . -10.06 19.04 20.27
C3 D12 RA . -11.57 18.82 20.36
C4 D12 RA . -12.05 18.59 21.78
C5 D12 RA . -13.57 18.45 21.89
C6 D12 RA . -14.07 18.40 23.33
C7 D12 RA . -15.59 18.35 23.45
C8 D12 RA . -16.07 18.56 24.88
C9 D12 RA . -17.59 18.54 25.03
C10 D12 RA . -18.06 19.01 26.40
C11 D12 RA . -19.58 18.99 26.56
C12 D12 RA . -20.03 19.63 27.86
C1 D12 SA . -14.84 23.16 19.90
C2 D12 SA . -15.69 23.42 21.14
C3 D12 SA . -16.99 22.62 21.14
C4 D12 SA . -17.83 22.87 22.39
C5 D12 SA . -19.08 21.99 22.45
C6 D12 SA . -19.92 22.23 23.70
C7 D12 SA . -21.08 21.24 23.85
C8 D12 SA . -21.88 21.46 25.12
C9 D12 SA . -22.88 20.34 25.41
C10 D12 SA . -23.56 20.47 26.77
C11 D12 SA . -24.47 19.30 27.11
C12 D12 SA . -25.06 19.39 28.50
C1 D12 TA . -17.71 12.16 2.70
C2 D12 TA . -18.65 11.09 2.15
C3 D12 TA . -19.94 11.67 1.60
C4 D12 TA . -20.81 10.64 0.88
C5 D12 TA . -22.02 11.25 0.20
C6 D12 TA . -22.86 10.24 -0.58
C7 D12 TA . -24.05 10.88 -1.28
C8 D12 TA . -24.95 9.87 -1.98
C9 D12 TA . -26.23 10.48 -2.53
C10 D12 TA . -27.22 9.43 -3.04
C11 D12 TA . -28.61 9.99 -3.29
C12 D12 TA . -29.63 8.90 -3.61
C1 D12 UA . -29.95 13.57 -1.85
C2 D12 UA . -29.18 14.63 -1.06
C3 D12 UA . -27.68 14.35 -1.00
C4 D12 UA . -26.95 15.26 -0.02
C5 D12 UA . -25.48 14.90 0.13
C6 D12 UA . -24.81 15.62 1.30
C7 D12 UA . -23.35 15.26 1.48
C8 D12 UA . -22.75 15.78 2.78
C9 D12 UA . -21.25 15.51 2.92
C10 D12 UA . -20.67 15.90 4.27
C11 D12 UA . -19.19 15.59 4.38
C12 D12 UA . -18.61 15.92 5.75
C1 D12 VA . -10.93 16.07 10.15
C2 D12 VA . -11.75 15.76 11.39
C3 D12 VA . -13.25 15.84 11.14
C4 D12 VA . -14.08 15.77 12.42
C5 D12 VA . -15.57 16.04 12.20
C6 D12 VA . -16.35 16.09 13.50
C7 D12 VA . -17.86 16.16 13.32
C8 D12 VA . -18.60 15.94 14.63
C9 D12 VA . -20.12 15.97 14.50
C10 D12 VA . -20.82 15.76 15.83
C11 D12 VA . -22.34 15.94 15.77
C12 D12 VA . -23.00 15.83 17.13
C1 D12 WA . -23.16 18.94 20.40
C2 D12 WA . -21.79 18.61 19.82
C3 D12 WA . -20.65 19.06 20.74
C4 D12 WA . -19.27 18.64 20.24
C5 D12 WA . -18.87 19.31 18.93
C6 D12 WA . -17.42 19.05 18.55
C7 D12 WA . -17.00 19.71 17.23
C8 D12 WA . -15.54 19.46 16.87
C9 D12 WA . -15.14 20.08 15.54
C10 D12 WA . -13.70 19.79 15.15
C11 D12 WA . -13.31 20.34 13.80
C12 D12 WA . -11.89 19.98 13.38
C1 D12 XA . -18.41 16.23 -0.35
C2 D12 XA . -19.53 16.83 -1.17
C3 D12 XA . -20.51 15.78 -1.70
C4 D12 XA . -21.63 16.37 -2.55
C5 D12 XA . -22.63 15.34 -3.05
C6 D12 XA . -23.79 15.96 -3.81
C7 D12 XA . -24.85 14.95 -4.25
C8 D12 XA . -26.08 15.61 -4.86
C9 D12 XA . -27.15 14.62 -5.29
C10 D12 XA . -28.34 15.29 -5.96
C11 D12 XA . -29.33 14.32 -6.60
C12 D12 XA . -30.07 13.48 -5.57
C1 D12 YA . -27.50 10.52 -7.41
C2 D12 YA . -26.60 10.42 -8.63
C3 D12 YA . -25.25 11.11 -8.43
C4 D12 YA . -24.62 10.82 -7.08
C5 D12 YA . -23.19 11.35 -6.97
C6 D12 YA . -22.65 11.32 -5.55
C7 D12 YA . -21.19 11.75 -5.46
C8 D12 YA . -20.63 11.68 -4.05
C9 D12 YA . -19.13 11.92 -3.99
C10 D12 YA . -18.55 11.83 -2.58
C11 D12 YA . -17.04 12.00 -2.53
C12 D12 YA . -16.49 11.97 -1.11
C1 D12 ZA . -19.84 20.70 1.16
C2 D12 ZA . -21.23 20.50 1.75
C3 D12 ZA . -22.27 20.14 0.69
C4 D12 ZA . -23.69 20.06 1.24
C5 D12 ZA . -24.74 19.78 0.18
C6 D12 ZA . -26.17 19.88 0.71
C7 D12 ZA . -27.23 19.69 -0.37
C8 D12 ZA . -28.63 20.04 0.11
C9 D12 ZA . -29.71 19.88 -0.95
C10 D12 ZA . -31.04 20.49 -0.53
C11 D12 ZA . -32.14 20.33 -1.58
C12 D12 ZA . -33.41 21.10 -1.22
C1 D12 AB . -23.83 24.00 -2.84
C2 D12 AB . -25.31 24.34 -2.75
C3 D12 AB . -26.18 23.42 -3.60
C4 D12 AB . -27.66 23.74 -3.51
C5 D12 AB . -28.54 22.76 -4.27
C6 D12 AB . -30.03 23.08 -4.18
C7 D12 AB . -30.93 22.02 -4.80
C8 D12 AB . -32.40 22.32 -4.66
C9 D12 AB . -33.31 21.15 -5.06
C10 D12 AB . -34.77 21.40 -4.74
C11 D12 AB . -35.67 20.19 -5.03
C12 D12 AB . -37.11 20.42 -4.62
C1 D12 BB . -12.89 10.49 -13.90
C2 D12 BB . -13.11 9.26 -14.76
C3 D12 BB . -13.48 9.61 -16.20
C4 D12 BB . -13.53 8.41 -17.13
C5 D12 BB . -13.75 8.79 -18.58
C6 D12 BB . -13.73 7.61 -19.54
C7 D12 BB . -13.93 8.01 -20.99
C8 D12 BB . -14.01 6.82 -21.94
C9 D12 BB . -14.37 7.21 -23.36
C10 D12 BB . -14.65 6.00 -24.26
C11 D12 BB . -15.32 6.38 -25.58
C12 D12 BB . -15.77 5.15 -26.36
C1 D12 CB . -17.14 9.95 -26.29
C2 D12 CB . -17.23 11.19 -25.40
C3 D12 CB . -16.33 11.08 -24.17
C4 D12 CB . -16.58 12.18 -23.15
C5 D12 CB . -15.77 12.01 -21.87
C6 D12 CB . -16.20 12.97 -20.76
C7 D12 CB . -15.42 12.78 -19.47
C8 D12 CB . -16.03 13.54 -18.29
C9 D12 CB . -15.19 13.44 -17.02
C10 D12 CB . -15.84 14.07 -15.80
C11 D12 CB . -14.99 13.94 -14.55
C12 D12 CB . -15.67 14.52 -13.31
C1 D12 DB . 2.87 7.05 -20.28
C2 D12 DB . 3.35 5.70 -20.79
C3 D12 DB . 4.22 5.81 -22.03
C4 D12 DB . 4.87 4.49 -22.44
C5 D12 DB . 5.85 4.64 -23.58
C6 D12 DB . 6.55 3.34 -23.96
C7 D12 DB . 7.56 3.52 -25.09
C8 D12 DB . 8.19 2.20 -25.54
C9 D12 DB . 9.07 2.35 -26.77
C10 D12 DB . 9.53 1.01 -27.35
C11 D12 DB . 10.12 1.12 -28.74
C12 D12 DB . 10.40 -0.24 -29.37
C1 D12 EB . 9.65 4.36 -31.19
C2 D12 EB . 8.97 5.68 -30.90
C3 D12 EB . 8.59 5.84 -29.42
C4 D12 EB . 7.70 7.05 -29.17
C5 D12 EB . 7.23 7.15 -27.72
C6 D12 EB . 6.13 8.18 -27.52
C7 D12 EB . 5.62 8.26 -26.09
C8 D12 EB . 4.37 9.11 -25.94
C9 D12 EB . 3.92 9.28 -24.49
C10 D12 EB . 2.59 10.01 -24.33
C11 D12 EB . 2.17 10.15 -22.88
C12 D12 EB . 0.81 10.81 -22.73
C1 D12 FB . -14.12 16.08 -4.73
C2 D12 FB . -15.61 15.86 -4.52
C3 D12 FB . -16.38 15.74 -5.84
C4 D12 FB . -17.89 15.77 -5.67
C5 D12 FB . -18.66 15.85 -6.98
C6 D12 FB . -20.16 15.99 -6.77
C7 D12 FB . -20.98 15.88 -8.05
C8 D12 FB . -22.47 15.77 -7.77
C9 D12 FB . -23.33 15.62 -9.01
C10 D12 FB . -24.81 15.52 -8.68
C11 D12 FB . -25.72 15.53 -9.91
C12 D12 FB . -27.20 15.54 -9.55
C1 D12 GB . -29.69 19.05 -8.16
C2 D12 GB . -28.39 18.79 -7.42
C3 D12 GB . -28.34 19.48 -6.06
C4 D12 GB . -27.10 19.14 -5.24
C5 D12 GB . -25.80 19.66 -5.86
C6 D12 GB . -24.60 19.49 -4.94
C7 D12 GB . -23.29 20.01 -5.56
C8 D12 GB . -22.09 19.87 -4.63
C9 D12 GB . -20.79 20.34 -5.26
C10 D12 GB . -19.58 20.14 -4.35
C11 D12 GB . -18.27 20.54 -4.99
C12 D12 GB . -17.06 20.28 -4.10
C1 D12 HB . -10.83 13.99 -17.01
C2 D12 HB . -10.89 14.35 -18.49
C3 D12 HB . -11.15 13.14 -19.37
C4 D12 HB . -11.20 13.49 -20.86
C5 D12 HB . -11.48 12.30 -21.76
C6 D12 HB . -11.61 12.68 -23.23
C7 D12 HB . -11.99 11.51 -24.14
C8 D12 HB . -12.28 11.95 -25.57
C9 D12 HB . -12.67 10.81 -26.50
C10 D12 HB . -12.88 11.25 -27.94
C11 D12 HB . -13.07 10.10 -28.91
C12 D12 HB . -14.36 9.34 -28.70
C1 D12 IB . -11.43 6.45 -27.38
C2 D12 IB . -9.92 6.26 -27.43
C3 D12 IB . -9.19 7.12 -26.41
C4 D12 IB . -9.83 7.08 -25.03
C5 D12 IB . -8.98 7.77 -23.96
C6 D12 IB . -9.73 7.99 -22.66
C7 D12 IB . -8.85 8.58 -21.56
C8 D12 IB . -9.58 8.77 -20.24
C9 D12 IB . -8.66 9.17 -19.10
C10 D12 IB . -9.38 9.35 -17.77
C11 D12 IB . -8.45 9.67 -16.61
C12 D12 IB . -9.19 9.90 -15.30
C1 D12 JB . -12.73 18.46 -17.92
C2 D12 JB . -14.07 18.19 -18.58
C3 D12 JB . -13.94 17.59 -19.97
C4 D12 JB . -15.27 17.44 -20.70
C5 D12 JB . -15.14 16.90 -22.11
C6 D12 JB . -16.44 16.92 -22.89
C7 D12 JB . -16.31 16.47 -24.34
C8 D12 JB . -17.56 16.74 -25.17
C9 D12 JB . -17.44 16.31 -26.63
C10 D12 JB . -18.58 16.83 -27.49
C11 D12 JB . -18.48 16.42 -28.95
C12 D12 JB . -19.53 17.09 -29.82
C1 D12 KB . -12.07 20.73 -24.01
C2 D12 KB . -13.07 20.93 -25.15
C3 D12 KB . -13.00 19.81 -26.19
C4 D12 KB . -14.00 19.98 -27.33
C5 D12 KB . -14.01 18.81 -28.30
C6 D12 KB . -15.03 18.99 -29.43
C7 D12 KB . -15.17 17.76 -30.31
C8 D12 KB . -16.20 17.92 -31.42
C9 D12 KB . -16.52 16.62 -32.14
C10 D12 KB . -17.69 16.75 -33.12
C11 D12 KB . -18.08 15.44 -33.76
C12 D12 KB . -19.31 15.56 -34.66
#